data_7KYC
#
_entry.id   7KYC
#
loop_
_entity.id
_entity.type
_entity.pdbx_description
1 polymer 'Phospholipid-transporting ATPase DNF1'
2 polymer 'Alkylphosphocholine resistance protein LEM3'
3 branched alpha-D-mannopyranose-(1-4)-2-acetamido-2-deoxy-beta-D-glucopyranose-(1-4)-2-acetamido-2-deoxy-beta-D-glucopyranose
4 branched 2-acetamido-2-deoxy-beta-D-glucopyranose-(1-4)-2-acetamido-2-deoxy-beta-D-glucopyranose
5 non-polymer 'BERYLLIUM TRIFLUORIDE ION'
6 non-polymer 'MAGNESIUM ION'
7 non-polymer '(2S)-3-(hexadecanoyloxy)-2-[(9Z)-octadec-9-enoyloxy]propyl 2-(trimethylammonio)ethyl phosphate'
8 non-polymer 2-acetamido-2-deoxy-beta-D-glucopyranose
#
loop_
_entity_poly.entity_id
_entity_poly.type
_entity_poly.pdbx_seq_one_letter_code
_entity_poly.pdbx_strand_id
1 'polypeptide(L)'
;MSGTFHGDGHAPMSPFEDTFQFEDNSSNEDTHIAPTHFDDGATSNKYSRPQVSFNDETPKNKREDAEEFTFNDDTEYDNH
SFQPTPKLNNGSGTFDDVELDNDSGEPHTNYDGMKRFRMGTKRNKKGNPIMGRSKTLKWARKNIPNPFEDFTKDDIDPGA
INRAQELRTVYYNMPLPKDMIDEEGNPIMQYPRNKIRTTKYTPLTFLPKNILFQFHNFANVYFLVLIILGAFQIFGVTNP
GLSAVPLVVIVIITAIKDAIEDSRRTVLDLEVNNTKTHILEGVENENVSTDNISLWRRFKKANSRLLFKFIQYCKEHLTE
EGKKKRMQRKRHELRVQKTVGTSGPRSSLDSIDSYRVSADYGRPSLDYDNLEQGAGEANIVDRSLPPRTDCKFAKNYWKG
VKVGDIVRIHNNDEIPADIILLSTSDTDGACYVETKNLDGETNLKVRQSLKCTNTIRTSKDIARTKFWIESEGPHSNLYT
YQGNMKWRNLADGEIRNEPITINNVLLRGCTLRNTKWAMGVVMFTGGDTKIMLNSGITPTKKSRISRELNFSVVINFVLL
FILCFVSGIANGVYYDKKGRSRFSYEFGTIAGSAATNGFVSFWVAVILYQSLVPISLYISVEIIKTAQAAFIYGDVLLYN
AKLDYPCTPKSWNISDDLGQVEYIFSDKTGTLTQNVMEFKKCTINGVSYGRAYTEALAGLRKRQGIDVETEGRREKAEIA
KDRDTMIDELRALSGNSQFYPEEVTFVSKEFVRDLKGASGEVQQRCCEHFMLALALCHSVLVEANPDNPKKLDLKAQSPD
EAALVATARDVGFSFVGKTKKGLIIEMQGIQKEFEILNILEFNSSRKRMSCIVKIPGLNPGDEPRALLICKGADSIIYSR
LSRQSGSNSEAILEKTALHLEQYATEGLRTLCIAQRELSWSEYEKWNEKYDIAAASLANREDELEVVADSIERELILLGG
TAIEDRLQDGVPDCIELLAEAGIKLWVLTGDKVETAINIGFSCNLLNNEMELLVIKTTGDDVKEFGSEPSEIVDALLSKY
LKEYFNLTGSEEEIFEAKKDHEFPKGNYAIVIDGDALKLALYGEDIRRKFLLLCKNCRAVLCCRVSPSQKAAVVKLVKDS
LDVMTLAIGDGSNDVAMIQSADVGIGIAGEEGRQAVMCSDYAIGQFRYLARLVLVHGRWSYKRLAEMIPEFFYKNMIFAL
ALFWYGIYNDFDGSYLYEYTYMMFYNLAFTSLPVIFLGILDQDVNDTISLVVPQLYRVGILRKEWNQRKFLWYMLDGLYQ
SIICFFFPYLVYHKNMIVTSNGLGLDHRYFVGVYVTTIAVISCNTYVLLHQYRWDWFSGLFIALSCLVVFAWTGIWSSAI
ASREFFKAAARIYGAPSFWAVFFVAVLFCLLPRFTYDSFQKFFYPTDVEIVREMWQHGHFDHYPPGYDPTDPNRPKVTKA
GQHGEKIIEGIALSDNLGGSNYSRDSVVTEEIPMTFMHGEDGSPSGYQKQETWMTSPKETQDLLQSPQFQQAQTFGRGPS
TNVRSSLDRTREQMIATNQLDNRYSVERARTSLDLPGVTNAASLIGTQQNN
;
A
2 'polypeptide(L)'
;MVNFDLGQVGEVFRRKDKGAIVSGDNPEEEEDVDASEFEEDEVKPVRTKNRRPKEDAFTQQRLAAINPVLTPRTVLPLYL
LIAVVFVIVGGCILAQNSKVDEVTIYYQDCMTNATSSWSDIPSEHWQFVFHKYKTYNTAPQWRFVDDESDDFTKQRGTCQ
IRFTTPSDMKNNVYLNYVLEKFAANHRRYVLSFSEDQIRGEDASYETVHDATGINCKPLSKNADGKIYYPCGLIANSMFN
DTFPLQLTNVGDTSNNYSLTNKGINWESDKKRYKKTKYNYTQIAPPPYWEKMYPDGYNETNIPDIQDWEEFQNWMRPGAF
DKITKLIRINKNDTLPAGEYQLDIGLHWPVLEFNGKKGIYLTHGSHLGGRNPFLGIVYLIGGCICAAMALILLTFWLFGG
RKIADASSLSWNMK
;
B
#
loop_
_chem_comp.id
_chem_comp.type
_chem_comp.name
_chem_comp.formula
BEF non-polymer 'BERYLLIUM TRIFLUORIDE ION' 'Be F3 -1'
MAN D-saccharide, alpha linking alpha-D-mannopyranose 'C6 H12 O6'
MG non-polymer 'MAGNESIUM ION' 'Mg 2'
NAG D-saccharide, beta linking 2-acetamido-2-deoxy-beta-D-glucopyranose 'C8 H15 N O6'
POV non-polymer '(2S)-3-(hexadecanoyloxy)-2-[(9Z)-octadec-9-enoyloxy]propyl 2-(trimethylammonio)ethyl phosphate' 'C42 H82 N O8 P'
#
# COMPACT_ATOMS: atom_id res chain seq x y z
N GLU A 166 12.71 39.80 10.87
CA GLU A 166 13.24 38.97 11.95
C GLU A 166 14.75 38.97 11.97
N LEU A 167 15.34 39.81 12.82
CA LEU A 167 16.79 39.92 12.93
C LEU A 167 17.26 39.40 14.28
N ARG A 168 18.24 38.52 14.26
CA ARG A 168 18.79 37.95 15.49
C ARG A 168 20.24 38.30 15.69
N THR A 169 20.53 38.95 16.82
CA THR A 169 21.90 39.32 17.16
C THR A 169 22.47 38.27 18.09
N VAL A 170 23.68 37.82 17.78
CA VAL A 170 24.36 36.78 18.53
C VAL A 170 25.63 37.38 19.13
N TYR A 171 25.72 37.36 20.45
CA TYR A 171 26.85 37.91 21.18
C TYR A 171 27.79 36.78 21.59
N TYR A 172 29.07 36.92 21.25
CA TYR A 172 30.08 35.96 21.67
C TYR A 172 31.08 36.65 22.59
N ASN A 173 31.25 36.08 23.79
CA ASN A 173 32.16 36.59 24.81
C ASN A 173 31.73 37.98 25.26
N MET A 174 30.44 38.26 25.18
CA MET A 174 29.88 39.56 25.50
C MET A 174 28.60 39.36 26.28
N PRO A 175 28.33 40.22 27.26
CA PRO A 175 27.04 40.15 27.96
C PRO A 175 25.94 40.74 27.09
N LEU A 176 24.78 40.08 27.12
CA LEU A 176 23.66 40.54 26.33
C LEU A 176 23.18 41.92 26.83
N PRO A 177 22.74 42.78 25.92
CA PRO A 177 22.19 44.07 26.35
C PRO A 177 20.94 43.89 27.18
N LYS A 178 20.57 44.96 27.89
CA LYS A 178 19.48 44.86 28.85
C LYS A 178 18.16 44.53 28.15
N ASP A 179 17.96 45.09 26.95
CA ASP A 179 16.69 44.88 26.25
C ASP A 179 16.57 43.45 25.73
N MET A 180 17.70 42.74 25.61
CA MET A 180 17.65 41.40 25.05
C MET A 180 17.39 40.36 26.11
N ILE A 181 17.51 40.73 27.39
CA ILE A 181 17.23 39.80 28.48
C ILE A 181 15.76 39.93 28.91
N ASP A 182 15.14 38.79 29.21
CA ASP A 182 13.77 38.76 29.71
C ASP A 182 13.77 38.75 31.24
N GLU A 183 14.33 39.82 31.80
CA GLU A 183 14.06 40.25 33.17
C GLU A 183 14.62 39.33 34.25
N GLU A 184 15.12 38.16 33.86
CA GLU A 184 15.56 37.17 34.83
C GLU A 184 16.86 36.49 34.44
N GLY A 185 17.78 37.21 33.80
CA GLY A 185 19.01 36.61 33.32
C GLY A 185 18.79 35.61 32.21
N ASN A 186 17.64 35.66 31.56
CA ASN A 186 17.31 34.75 30.47
C ASN A 186 16.87 35.58 29.28
N PRO A 187 17.53 35.45 28.14
CA PRO A 187 17.13 36.21 26.96
C PRO A 187 15.71 35.94 26.55
N ILE A 188 15.03 36.91 25.93
CA ILE A 188 13.70 36.68 25.40
C ILE A 188 13.77 35.63 24.30
N MET A 189 14.53 35.95 23.25
CA MET A 189 14.56 35.09 22.08
C MET A 189 15.17 33.74 22.41
N GLN A 190 14.36 32.70 22.23
CA GLN A 190 14.79 31.33 22.42
C GLN A 190 15.04 30.72 21.05
N TYR A 191 16.10 29.94 20.93
CA TYR A 191 16.50 29.36 19.68
C TYR A 191 16.21 27.87 19.69
N PRO A 192 15.77 27.29 18.58
CA PRO A 192 15.36 25.89 18.60
C PRO A 192 16.55 24.97 18.80
N ARG A 193 16.29 23.84 19.45
CA ARG A 193 17.33 22.84 19.66
C ARG A 193 17.87 22.34 18.34
N ASN A 194 19.12 21.88 18.36
CA ASN A 194 19.77 21.41 17.14
C ASN A 194 19.33 20.00 16.78
N LYS A 195 18.22 19.54 17.33
CA LYS A 195 17.75 18.18 17.05
C LYS A 195 16.97 18.16 15.75
N ILE A 196 17.09 17.06 15.02
CA ILE A 196 16.34 16.82 13.79
C ILE A 196 15.16 15.91 14.14
N ARG A 197 14.04 16.14 13.49
CA ARG A 197 12.84 15.34 13.70
C ARG A 197 12.33 14.85 12.36
N THR A 198 12.29 13.54 12.18
CA THR A 198 11.74 12.95 10.97
C THR A 198 10.56 12.05 11.26
N THR A 199 10.03 12.09 12.47
CA THR A 199 8.92 11.24 12.84
C THR A 199 7.58 11.86 12.45
N LYS A 200 6.61 10.99 12.21
CA LYS A 200 5.27 11.45 11.90
C LYS A 200 4.63 12.15 13.08
N TYR A 201 4.87 11.64 14.28
CA TYR A 201 4.20 12.12 15.48
C TYR A 201 5.22 12.53 16.53
N THR A 202 4.84 13.48 17.34
CA THR A 202 5.53 13.83 18.57
C THR A 202 5.09 12.87 19.67
N PRO A 203 5.93 12.64 20.68
CA PRO A 203 5.47 11.84 21.83
C PRO A 203 4.21 12.35 22.49
N LEU A 204 3.95 13.65 22.48
CA LEU A 204 2.75 14.15 23.14
C LEU A 204 1.60 14.33 22.17
N THR A 205 1.86 14.29 20.87
CA THR A 205 0.78 14.36 19.89
C THR A 205 0.52 13.03 19.21
N PHE A 206 1.07 11.94 19.71
CA PHE A 206 0.88 10.68 19.01
C PHE A 206 -0.56 10.22 19.11
N LEU A 207 -1.14 10.25 20.30
CA LEU A 207 -2.48 9.67 20.48
C LEU A 207 -3.57 10.49 19.82
N PRO A 208 -3.69 11.80 20.06
CA PRO A 208 -4.72 12.56 19.33
C PRO A 208 -4.60 12.43 17.83
N LYS A 209 -3.41 12.63 17.29
CA LYS A 209 -3.22 12.59 15.85
C LYS A 209 -3.47 11.20 15.28
N ASN A 210 -3.02 10.16 15.96
CA ASN A 210 -3.22 8.81 15.46
C ASN A 210 -4.68 8.41 15.49
N ILE A 211 -5.38 8.74 16.56
CA ILE A 211 -6.79 8.37 16.65
C ILE A 211 -7.60 9.17 15.64
N LEU A 212 -7.23 10.43 15.40
CA LEU A 212 -7.90 11.19 14.36
C LEU A 212 -7.64 10.61 12.98
N PHE A 213 -6.41 10.19 12.72
CA PHE A 213 -6.10 9.53 11.46
C PHE A 213 -6.91 8.26 11.29
N GLN A 214 -7.09 7.51 12.36
CA GLN A 214 -7.90 6.29 12.29
C GLN A 214 -9.36 6.61 12.08
N PHE A 215 -9.84 7.70 12.66
CA PHE A 215 -11.25 8.05 12.54
C PHE A 215 -11.53 8.93 11.33
N HIS A 216 -10.55 9.13 10.46
CA HIS A 216 -10.83 9.56 9.11
C HIS A 216 -11.23 8.40 8.22
N ASN A 217 -11.47 7.24 8.80
CA ASN A 217 -12.11 6.11 8.14
C ASN A 217 -13.55 6.08 8.62
N PHE A 218 -14.51 6.09 7.70
CA PHE A 218 -15.89 6.34 8.07
C PHE A 218 -16.51 5.17 8.82
N ALA A 219 -16.04 3.96 8.56
CA ALA A 219 -16.60 2.81 9.25
C ALA A 219 -16.22 2.82 10.71
N ASN A 220 -15.09 3.42 11.05
CA ASN A 220 -14.72 3.57 12.45
C ASN A 220 -15.67 4.52 13.17
N VAL A 221 -16.08 5.59 12.50
CA VAL A 221 -17.08 6.48 13.08
C VAL A 221 -18.41 5.76 13.22
N TYR A 222 -18.73 4.89 12.26
CA TYR A 222 -19.95 4.11 12.36
C TYR A 222 -19.93 3.19 13.57
N PHE A 223 -18.84 2.45 13.76
CA PHE A 223 -18.71 1.58 14.92
C PHE A 223 -18.80 2.39 16.22
N LEU A 224 -18.13 3.52 16.26
CA LEU A 224 -18.14 4.32 17.48
C LEU A 224 -19.54 4.81 17.80
N VAL A 225 -20.23 5.26 16.76
CA VAL A 225 -21.57 5.78 16.92
C VAL A 225 -22.52 4.69 17.40
N LEU A 226 -22.40 3.49 16.86
CA LEU A 226 -23.30 2.43 17.26
C LEU A 226 -23.14 2.14 18.74
N ILE A 227 -21.91 2.02 19.20
CA ILE A 227 -21.68 1.71 20.60
C ILE A 227 -22.22 2.82 21.48
N ILE A 228 -21.94 4.06 21.09
CA ILE A 228 -22.38 5.17 21.92
C ILE A 228 -23.89 5.19 22.02
N LEU A 229 -24.54 5.02 20.88
CA LEU A 229 -25.99 5.08 20.85
C LEU A 229 -26.57 3.97 21.70
N GLY A 230 -26.01 2.78 21.57
CA GLY A 230 -26.55 1.67 22.31
C GLY A 230 -26.44 1.90 23.80
N ALA A 231 -25.26 2.29 24.26
CA ALA A 231 -25.03 2.47 25.69
C ALA A 231 -25.87 3.53 26.39
N PHE A 232 -26.04 4.71 25.82
CA PHE A 232 -26.86 5.69 26.52
C PHE A 232 -28.34 5.27 26.58
N GLN A 233 -28.87 4.90 25.41
CA GLN A 233 -30.25 4.44 25.28
C GLN A 233 -30.56 3.05 25.80
N ILE A 234 -29.65 2.12 25.53
CA ILE A 234 -29.72 0.67 25.81
C ILE A 234 -30.76 -0.05 24.91
N PHE A 235 -32.05 0.27 25.02
CA PHE A 235 -33.11 -0.27 24.17
C PHE A 235 -33.07 -1.79 24.00
N GLY A 236 -33.18 -2.21 22.75
CA GLY A 236 -33.14 -3.61 22.38
C GLY A 236 -31.72 -4.16 22.42
N VAL A 237 -31.60 -5.45 22.75
CA VAL A 237 -30.34 -6.21 22.82
C VAL A 237 -29.40 -5.85 23.98
N THR A 238 -28.97 -4.60 24.07
CA THR A 238 -28.08 -4.12 25.13
C THR A 238 -26.76 -4.91 25.24
N ASN A 239 -26.48 -5.41 26.44
CA ASN A 239 -25.26 -6.16 26.76
C ASN A 239 -23.94 -5.42 26.50
N PRO A 240 -23.89 -4.13 26.87
CA PRO A 240 -22.71 -3.28 26.68
C PRO A 240 -21.54 -3.74 27.55
N GLY A 241 -20.32 -3.54 27.05
CA GLY A 241 -19.12 -3.95 27.73
C GLY A 241 -18.28 -4.73 26.75
N LEU A 242 -18.90 -5.74 26.14
CA LEU A 242 -18.25 -6.56 25.13
C LEU A 242 -18.60 -6.06 23.73
N SER A 243 -19.34 -4.95 23.67
CA SER A 243 -19.75 -4.35 22.41
C SER A 243 -18.70 -3.34 21.98
N ALA A 244 -18.10 -2.68 22.96
CA ALA A 244 -17.07 -1.69 22.72
C ALA A 244 -15.68 -2.29 22.64
N VAL A 245 -15.53 -3.58 22.89
CA VAL A 245 -14.20 -4.18 22.99
C VAL A 245 -13.54 -4.37 21.63
N PRO A 246 -14.22 -4.85 20.59
CA PRO A 246 -13.52 -5.02 19.31
C PRO A 246 -12.97 -3.73 18.75
N LEU A 247 -13.73 -2.65 18.79
CA LEU A 247 -13.24 -1.38 18.27
C LEU A 247 -12.06 -0.88 19.07
N VAL A 248 -12.12 -0.98 20.39
CA VAL A 248 -11.04 -0.47 21.22
C VAL A 248 -9.78 -1.29 20.99
N VAL A 249 -9.93 -2.61 20.88
CA VAL A 249 -8.77 -3.46 20.63
C VAL A 249 -8.15 -3.15 19.27
N ILE A 250 -8.99 -2.97 18.25
CA ILE A 250 -8.47 -2.74 16.91
C ILE A 250 -7.77 -1.39 16.83
N VAL A 251 -8.35 -0.36 17.45
CA VAL A 251 -7.75 0.96 17.44
C VAL A 251 -6.43 0.96 18.21
N ILE A 252 -6.38 0.22 19.32
CA ILE A 252 -5.15 0.14 20.10
C ILE A 252 -4.08 -0.59 19.32
N ILE A 253 -4.45 -1.64 18.61
CA ILE A 253 -3.48 -2.44 17.85
C ILE A 253 -2.92 -1.63 16.69
N THR A 254 -3.79 -0.87 16.01
CA THR A 254 -3.32 -0.01 14.93
C THR A 254 -2.43 1.10 15.45
N ALA A 255 -2.77 1.69 16.60
CA ALA A 255 -1.91 2.69 17.19
C ALA A 255 -0.56 2.11 17.58
N ILE A 256 -0.54 0.86 18.05
CA ILE A 256 0.73 0.23 18.39
C ILE A 256 1.58 0.02 17.14
N LYS A 257 0.96 -0.42 16.05
CA LYS A 257 1.70 -0.57 14.80
C LYS A 257 2.28 0.77 14.33
N ASP A 258 1.49 1.82 14.36
CA ASP A 258 1.98 3.13 13.97
C ASP A 258 3.09 3.63 14.88
N ALA A 259 3.01 3.33 16.18
CA ALA A 259 4.08 3.72 17.09
C ALA A 259 5.36 2.95 16.86
N ILE A 260 5.29 1.68 16.47
CA ILE A 260 6.50 0.94 16.17
C ILE A 260 7.16 1.48 14.91
N GLU A 261 6.36 1.78 13.89
CA GLU A 261 6.89 2.43 12.69
C GLU A 261 7.60 3.75 13.03
N ASP A 262 6.91 4.61 13.77
CA ASP A 262 7.50 5.88 14.13
C ASP A 262 8.71 5.70 15.04
N SER A 263 8.78 4.58 15.76
CA SER A 263 9.96 4.32 16.59
C SER A 263 11.17 3.99 15.74
N ARG A 264 10.99 3.30 14.62
CA ARG A 264 12.11 3.14 13.70
C ARG A 264 12.63 4.49 13.23
N ARG A 265 11.70 5.37 12.86
CA ARG A 265 12.14 6.72 12.48
C ARG A 265 12.87 7.42 13.62
N THR A 266 12.41 7.21 14.86
CA THR A 266 13.05 7.83 16.01
C THR A 266 14.48 7.33 16.19
N VAL A 267 14.71 6.05 15.98
CA VAL A 267 16.05 5.50 16.11
C VAL A 267 16.99 6.18 15.14
N LEU A 268 16.54 6.38 13.91
CA LEU A 268 17.39 7.08 12.94
C LEU A 268 17.65 8.52 13.35
N ASP A 269 16.62 9.22 13.82
CA ASP A 269 16.81 10.58 14.34
C ASP A 269 17.85 10.61 15.44
N LEU A 270 17.79 9.66 16.37
CA LEU A 270 18.73 9.61 17.48
C LEU A 270 20.15 9.43 16.99
N GLU A 271 20.33 8.52 16.03
CA GLU A 271 21.65 8.30 15.46
C GLU A 271 22.21 9.58 14.86
N VAL A 272 21.35 10.37 14.20
CA VAL A 272 21.83 11.61 13.61
C VAL A 272 22.16 12.63 14.69
N ASN A 273 21.35 12.70 15.74
CA ASN A 273 21.55 13.71 16.78
C ASN A 273 22.76 13.44 17.64
N ASN A 274 23.16 12.18 17.78
CA ASN A 274 24.32 11.86 18.62
C ASN A 274 25.63 11.93 17.86
N THR A 275 25.68 12.60 16.72
CA THR A 275 26.93 12.74 15.98
C THR A 275 27.87 13.66 16.73
N LYS A 276 29.16 13.41 16.63
CA LYS A 276 30.13 14.15 17.43
C LYS A 276 30.57 15.42 16.73
N THR A 277 30.78 16.46 17.55
CA THR A 277 31.30 17.75 17.13
C THR A 277 32.36 18.15 18.13
N HIS A 278 32.99 19.29 17.89
CA HIS A 278 33.89 19.90 18.85
C HIS A 278 33.42 21.32 19.12
N ILE A 279 33.06 21.59 20.36
CA ILE A 279 32.51 22.88 20.76
C ILE A 279 33.46 23.52 21.77
N LEU A 280 33.67 24.82 21.63
CA LEU A 280 34.56 25.52 22.52
C LEU A 280 33.98 25.54 23.93
N GLU A 281 34.82 25.24 24.91
CA GLU A 281 34.43 25.17 26.31
C GLU A 281 35.15 26.26 27.10
N GLY A 282 34.60 26.57 28.28
CA GLY A 282 35.17 27.58 29.13
C GLY A 282 34.66 28.98 28.91
N VAL A 283 33.92 29.23 27.84
CA VAL A 283 33.30 30.52 27.58
C VAL A 283 31.79 30.33 27.64
N GLU A 284 31.13 31.11 28.48
CA GLU A 284 29.71 30.92 28.69
C GLU A 284 28.89 31.44 27.52
N ASN A 285 28.03 30.57 26.99
CA ASN A 285 27.11 30.96 25.92
C ASN A 285 26.05 31.85 26.53
N GLU A 286 26.15 33.15 26.28
CA GLU A 286 25.19 34.10 26.82
C GLU A 286 23.83 33.94 26.17
N ASN A 287 23.80 33.41 24.94
CA ASN A 287 22.56 33.42 24.15
C ASN A 287 21.59 32.34 24.60
N VAL A 288 22.09 31.15 24.87
CA VAL A 288 21.24 30.01 25.21
C VAL A 288 21.67 29.45 26.55
N SER A 289 20.72 29.37 27.48
CA SER A 289 20.99 28.80 28.80
C SER A 289 20.75 27.29 28.82
N ASN A 379 43.83 44.63 17.81
CA ASN A 379 42.95 44.23 16.72
C ASN A 379 41.62 43.73 17.25
N ILE A 380 41.43 42.41 17.21
CA ILE A 380 40.21 41.81 17.72
C ILE A 380 40.52 40.94 18.94
N VAL A 381 41.66 40.28 18.92
CA VAL A 381 42.08 39.35 19.98
C VAL A 381 42.82 40.15 21.05
N ASP A 382 42.55 39.84 22.31
CA ASP A 382 43.24 40.47 23.43
C ASP A 382 44.28 39.52 23.98
N ARG A 383 45.54 39.71 23.58
CA ARG A 383 46.62 38.93 24.18
C ARG A 383 46.89 39.39 25.60
N SER A 384 46.37 40.57 25.97
CA SER A 384 46.56 41.07 27.33
C SER A 384 45.71 40.30 28.33
N LEU A 385 44.51 39.89 27.93
CA LEU A 385 43.64 39.14 28.82
C LEU A 385 44.30 37.83 29.23
N PRO A 386 44.15 37.42 30.49
CA PRO A 386 44.81 36.22 30.97
C PRO A 386 44.33 34.99 30.23
N PRO A 387 45.23 34.07 29.89
CA PRO A 387 44.82 32.86 29.20
C PRO A 387 44.33 31.79 30.16
N ARG A 388 43.19 31.19 29.86
CA ARG A 388 42.59 30.14 30.69
C ARG A 388 42.88 28.79 30.07
N THR A 389 43.53 27.91 30.85
CA THR A 389 43.94 26.62 30.31
C THR A 389 42.77 25.69 30.10
N ASP A 390 41.68 25.89 30.85
CA ASP A 390 40.54 24.99 30.74
C ASP A 390 39.80 25.19 29.43
N CYS A 391 40.23 26.16 28.65
CA CYS A 391 39.64 26.44 27.34
C CYS A 391 40.16 25.41 26.35
N LYS A 392 39.24 24.67 25.74
CA LYS A 392 39.58 23.62 24.80
C LYS A 392 38.33 23.37 23.96
N PHE A 393 38.51 22.72 22.82
CA PHE A 393 37.40 22.26 22.03
C PHE A 393 37.03 20.85 22.46
N ALA A 394 35.92 20.73 23.17
CA ALA A 394 35.52 19.48 23.77
C ALA A 394 34.59 18.73 22.83
N LYS A 395 34.69 17.40 22.86
CA LYS A 395 33.76 16.58 22.09
C LYS A 395 32.36 16.72 22.64
N ASN A 396 31.41 16.89 21.73
CA ASN A 396 30.02 17.10 22.10
C ASN A 396 29.14 16.45 21.05
N TYR A 397 27.84 16.57 21.23
CA TYR A 397 26.93 16.02 20.25
C TYR A 397 26.36 17.11 19.35
N TRP A 398 25.66 16.70 18.30
CA TRP A 398 25.03 17.67 17.42
C TRP A 398 23.89 18.37 18.12
N LYS A 399 23.13 17.64 18.94
CA LYS A 399 22.03 18.27 19.66
C LYS A 399 22.53 19.21 20.73
N GLY A 400 23.80 19.11 21.10
CA GLY A 400 24.36 20.01 22.08
C GLY A 400 24.74 21.36 21.49
N VAL A 401 24.66 21.49 20.17
CA VAL A 401 25.05 22.73 19.53
C VAL A 401 23.94 23.77 19.69
N LYS A 402 24.31 24.96 20.12
CA LYS A 402 23.34 26.04 20.29
C LYS A 402 23.89 27.33 19.71
N VAL A 403 22.97 28.22 19.35
CA VAL A 403 23.32 29.45 18.69
C VAL A 403 24.36 30.22 19.51
N GLY A 404 25.46 30.55 18.89
CA GLY A 404 26.54 31.26 19.55
C GLY A 404 27.69 30.40 20.01
N ASP A 405 27.58 29.08 19.86
CA ASP A 405 28.70 28.20 20.14
C ASP A 405 29.75 28.32 19.06
N ILE A 406 31.01 28.21 19.47
CA ILE A 406 32.12 28.15 18.54
C ILE A 406 32.39 26.68 18.24
N VAL A 407 32.40 26.34 16.96
CA VAL A 407 32.50 24.95 16.52
C VAL A 407 33.77 24.82 15.70
N ARG A 408 34.44 23.69 15.86
CA ARG A 408 35.58 23.31 15.03
C ARG A 408 35.25 22.04 14.28
N ILE A 409 35.28 22.13 12.96
CA ILE A 409 34.91 21.03 12.08
C ILE A 409 36.19 20.48 11.46
N HIS A 410 36.38 19.17 11.56
CA HIS A 410 37.56 18.55 10.99
C HIS A 410 37.30 18.11 9.56
N ASN A 411 38.35 17.64 8.91
CA ASN A 411 38.23 17.19 7.53
C ASN A 411 37.19 16.08 7.43
N ASN A 412 36.40 16.14 6.37
CA ASN A 412 35.42 15.10 6.05
C ASN A 412 34.37 14.96 7.15
N ASP A 413 34.28 15.96 8.02
CA ASP A 413 33.26 16.00 9.05
C ASP A 413 32.08 16.77 8.51
N GLU A 414 30.89 16.24 8.73
CA GLU A 414 29.68 16.93 8.29
C GLU A 414 29.43 18.13 9.18
N ILE A 415 28.81 19.15 8.61
CA ILE A 415 28.61 20.42 9.31
C ILE A 415 27.34 20.32 10.14
N PRO A 416 27.40 20.66 11.43
CA PRO A 416 26.26 20.38 12.31
C PRO A 416 25.16 21.42 12.28
N ALA A 417 25.47 22.66 11.92
CA ALA A 417 24.47 23.71 11.89
C ALA A 417 24.93 24.76 10.90
N ASP A 418 24.08 25.75 10.66
CA ASP A 418 24.49 26.90 9.85
C ASP A 418 25.46 27.76 10.65
N ILE A 419 26.73 27.73 10.27
CA ILE A 419 27.75 28.47 11.01
C ILE A 419 28.39 29.47 10.07
N ILE A 420 29.01 30.47 10.68
CA ILE A 420 29.80 31.47 9.98
C ILE A 420 31.26 31.14 10.19
N LEU A 421 32.01 31.06 9.09
CA LEU A 421 33.41 30.72 9.15
C LEU A 421 34.21 31.83 9.79
N LEU A 422 34.96 31.50 10.84
CA LEU A 422 35.87 32.44 11.48
C LEU A 422 37.30 32.27 10.98
N SER A 423 37.79 31.05 10.93
CA SER A 423 39.14 30.78 10.48
C SER A 423 39.22 29.31 10.11
N THR A 424 40.13 29.00 9.18
CA THR A 424 40.38 27.61 8.80
C THR A 424 41.87 27.34 8.91
N SER A 425 42.21 26.05 8.87
CA SER A 425 43.61 25.65 9.03
C SER A 425 44.48 26.28 7.96
N ASP A 426 43.93 26.43 6.76
CA ASP A 426 44.64 27.15 5.71
C ASP A 426 44.74 28.62 6.09
N THR A 427 45.97 29.15 6.05
CA THR A 427 46.13 30.59 6.16
C THR A 427 45.48 31.25 4.95
N ASP A 428 44.99 32.47 5.15
CA ASP A 428 44.03 33.17 4.29
C ASP A 428 42.61 32.68 4.48
N GLY A 429 42.41 31.58 5.20
CA GLY A 429 41.09 31.16 5.60
C GLY A 429 40.22 30.56 4.52
N ALA A 430 40.79 29.95 3.50
CA ALA A 430 39.98 29.29 2.49
C ALA A 430 39.53 27.92 2.98
N CYS A 431 38.36 27.49 2.52
CA CYS A 431 37.79 26.22 2.93
C CYS A 431 37.01 25.63 1.77
N TYR A 432 36.98 24.31 1.67
CA TYR A 432 36.21 23.63 0.64
C TYR A 432 35.06 22.87 1.29
N VAL A 433 33.90 22.94 0.69
CA VAL A 433 32.77 22.17 1.17
C VAL A 433 32.19 21.34 0.03
N GLU A 434 31.74 20.15 0.37
CA GLU A 434 30.97 19.30 -0.52
C GLU A 434 29.51 19.63 -0.34
N THR A 435 28.87 20.09 -1.41
CA THR A 435 27.47 20.50 -1.37
C THR A 435 26.57 19.58 -2.19
N LYS A 436 26.98 18.33 -2.40
CA LYS A 436 26.14 17.37 -3.10
C LYS A 436 24.81 17.14 -2.40
N ASN A 437 24.74 17.46 -1.11
CA ASN A 437 23.52 17.21 -0.36
C ASN A 437 22.54 18.36 -0.49
N LEU A 438 23.04 19.58 -0.68
CA LEU A 438 22.18 20.74 -0.70
C LEU A 438 21.80 21.13 -2.12
N ASP A 439 22.64 20.79 -3.09
CA ASP A 439 22.31 20.90 -4.49
C ASP A 439 22.83 19.65 -5.17
N GLY A 440 22.91 19.70 -6.48
CA GLY A 440 23.43 18.54 -7.19
C GLY A 440 24.87 18.71 -7.59
N GLU A 441 25.53 19.74 -7.07
CA GLU A 441 26.86 20.08 -7.54
C GLU A 441 27.86 18.97 -7.25
N THR A 442 28.64 18.63 -8.27
CA THR A 442 29.72 17.67 -8.08
C THR A 442 31.02 18.37 -7.70
N ASN A 443 31.05 19.69 -7.84
CA ASN A 443 32.24 20.45 -7.50
C ASN A 443 32.32 20.70 -6.01
N LEU A 444 33.51 20.99 -5.52
CA LEU A 444 33.64 21.55 -4.18
C LEU A 444 33.52 23.06 -4.25
N LYS A 445 32.86 23.63 -3.25
CA LYS A 445 32.61 25.06 -3.21
C LYS A 445 33.64 25.71 -2.29
N VAL A 446 34.15 26.85 -2.70
CA VAL A 446 35.11 27.57 -1.88
C VAL A 446 34.39 28.57 -0.99
N ARG A 447 34.52 28.36 0.31
CA ARG A 447 34.05 29.30 1.31
C ARG A 447 35.25 30.04 1.86
N GLN A 448 35.02 31.26 2.33
CA GLN A 448 36.07 32.13 2.81
C GLN A 448 35.73 32.57 4.22
N SER A 449 36.74 32.60 5.09
CA SER A 449 36.51 33.08 6.43
C SER A 449 36.57 34.61 6.47
N LEU A 450 36.03 35.18 7.53
CA LEU A 450 36.07 36.62 7.70
C LEU A 450 37.52 37.09 7.89
N LYS A 451 37.82 38.26 7.33
CA LYS A 451 39.20 38.73 7.31
C LYS A 451 39.69 39.06 8.71
N CYS A 452 38.80 39.57 9.56
CA CYS A 452 39.22 40.03 10.88
C CYS A 452 39.60 38.86 11.78
N THR A 453 38.93 37.73 11.63
CA THR A 453 39.12 36.62 12.57
C THR A 453 40.04 35.56 11.99
N ASN A 454 40.72 35.87 10.90
CA ASN A 454 41.59 34.86 10.28
C ASN A 454 42.76 34.51 11.18
N THR A 455 43.23 35.46 11.97
CA THR A 455 44.46 35.23 12.74
C THR A 455 44.20 34.39 13.98
N ILE A 456 42.97 33.94 14.19
CA ILE A 456 42.61 33.12 15.34
C ILE A 456 42.68 31.67 14.91
N ARG A 457 43.54 30.88 15.55
CA ARG A 457 43.63 29.47 15.21
C ARG A 457 43.82 28.56 16.42
N THR A 458 43.47 29.02 17.61
CA THR A 458 43.49 28.16 18.79
C THR A 458 42.24 28.44 19.61
N SER A 459 41.97 27.55 20.56
CA SER A 459 40.91 27.80 21.52
C SER A 459 41.23 29.02 22.38
N LYS A 460 42.52 29.27 22.60
CA LYS A 460 42.92 30.35 23.50
C LYS A 460 42.68 31.70 22.86
N ASP A 461 43.06 31.84 21.59
CA ASP A 461 42.80 33.09 20.88
C ASP A 461 41.32 33.35 20.73
N ILE A 462 40.53 32.31 20.45
CA ILE A 462 39.09 32.49 20.30
C ILE A 462 38.45 32.78 21.66
N ALA A 463 39.12 32.37 22.74
CA ALA A 463 38.63 32.72 24.08
C ALA A 463 38.91 34.18 24.39
N ARG A 464 40.06 34.68 23.98
CA ARG A 464 40.39 36.08 24.28
C ARG A 464 39.59 37.04 23.41
N THR A 465 38.87 36.51 22.42
CA THR A 465 38.16 37.32 21.45
C THR A 465 36.75 37.66 21.93
N LYS A 466 36.19 38.75 21.40
CA LYS A 466 34.81 39.17 21.67
C LYS A 466 34.22 39.69 20.37
N PHE A 467 32.93 39.45 20.14
CA PHE A 467 32.26 40.11 19.02
C PHE A 467 30.76 39.89 19.12
N TRP A 468 30.04 40.40 18.14
CA TRP A 468 28.63 40.08 18.00
C TRP A 468 28.20 40.26 16.56
N ILE A 469 27.31 39.39 16.11
CA ILE A 469 26.88 39.36 14.72
C ILE A 469 25.40 39.72 14.67
N GLU A 470 25.07 40.72 13.86
CA GLU A 470 23.69 41.05 13.54
C GLU A 470 23.34 40.35 12.23
N SER A 471 22.34 39.49 12.25
CA SER A 471 22.01 38.73 11.07
C SER A 471 20.52 38.84 10.80
N GLU A 472 20.18 38.62 9.54
CA GLU A 472 18.79 38.40 9.19
C GLU A 472 18.35 37.04 9.72
N GLY A 473 17.07 36.76 9.59
CA GLY A 473 16.53 35.51 10.05
C GLY A 473 16.65 34.42 9.01
N PRO A 474 16.20 33.22 9.36
CA PRO A 474 16.31 32.09 8.43
C PRO A 474 15.27 32.20 7.32
N HIS A 475 15.72 32.09 6.07
CA HIS A 475 14.83 32.39 4.95
C HIS A 475 14.85 31.36 3.83
N SER A 476 15.50 30.22 4.01
CA SER A 476 15.32 29.09 3.09
C SER A 476 15.79 29.39 1.67
N ASN A 477 16.66 30.37 1.51
CA ASN A 477 17.28 30.66 0.22
C ASN A 477 18.72 30.23 0.29
N LEU A 478 19.06 29.15 -0.40
CA LEU A 478 20.37 28.53 -0.22
C LEU A 478 21.48 29.42 -0.77
N TYR A 479 21.13 30.40 -1.59
CA TYR A 479 22.15 31.16 -2.29
C TYR A 479 22.34 32.55 -1.71
N THR A 480 21.58 32.89 -0.68
CA THR A 480 21.61 34.21 -0.08
C THR A 480 21.85 34.11 1.42
N TYR A 481 22.76 34.93 1.93
CA TYR A 481 22.85 35.21 3.34
C TYR A 481 23.34 36.63 3.49
N GLN A 482 22.85 37.32 4.51
CA GLN A 482 23.23 38.70 4.77
C GLN A 482 23.44 38.86 6.27
N GLY A 483 24.65 39.27 6.65
CA GLY A 483 24.93 39.50 8.06
C GLY A 483 25.98 40.56 8.21
N ASN A 484 26.23 40.96 9.45
CA ASN A 484 27.22 41.98 9.77
C ASN A 484 27.85 41.66 11.10
N MET A 485 29.14 41.33 11.10
CA MET A 485 29.86 41.08 12.34
C MET A 485 30.45 42.39 12.82
N LYS A 486 30.38 42.62 14.13
CA LYS A 486 30.85 43.85 14.74
C LYS A 486 31.69 43.53 15.95
N TRP A 487 32.86 44.15 16.01
CA TRP A 487 33.73 44.05 17.17
C TRP A 487 34.23 45.44 17.52
N ARG A 488 34.99 45.50 18.61
CA ARG A 488 35.59 46.72 19.09
C ARG A 488 37.10 46.64 18.91
N ASN A 489 37.70 47.67 18.34
CA ASN A 489 39.16 47.71 18.25
C ASN A 489 39.75 47.79 19.65
N LEU A 490 40.81 47.04 19.88
CA LEU A 490 41.36 46.96 21.23
C LEU A 490 42.39 48.04 21.48
N ALA A 491 42.89 48.67 20.42
CA ALA A 491 43.72 49.86 20.60
C ALA A 491 42.85 51.10 20.80
N ASP A 492 41.73 51.16 20.09
CA ASP A 492 40.82 52.30 20.11
C ASP A 492 39.40 51.80 20.29
N GLY A 493 38.71 52.35 21.29
CA GLY A 493 37.38 51.89 21.58
C GLY A 493 36.36 52.46 20.62
N GLU A 494 36.00 51.62 19.64
CA GLU A 494 35.07 52.01 18.59
C GLU A 494 34.61 50.78 17.82
N ILE A 495 33.49 50.91 17.10
CA ILE A 495 32.90 49.81 16.36
C ILE A 495 33.65 49.63 15.05
N ARG A 496 33.86 48.38 14.65
CA ARG A 496 34.30 48.05 13.31
C ARG A 496 33.44 46.91 12.79
N ASN A 497 32.90 47.07 11.58
CA ASN A 497 31.93 46.13 11.04
C ASN A 497 32.49 45.47 9.80
N GLU A 498 32.16 44.19 9.63
CA GLU A 498 32.55 43.35 8.51
C GLU A 498 31.31 42.68 7.95
N PRO A 499 31.04 42.82 6.65
CA PRO A 499 29.82 42.22 6.10
C PRO A 499 30.00 40.75 5.78
N ILE A 500 29.01 39.95 6.15
CA ILE A 500 29.01 38.52 5.96
C ILE A 500 28.07 38.18 4.81
N THR A 501 28.59 37.45 3.83
CA THR A 501 27.87 37.00 2.66
C THR A 501 27.54 35.53 2.83
N ILE A 502 26.94 34.93 1.80
CA ILE A 502 26.81 33.47 1.77
C ILE A 502 28.18 32.84 1.58
N ASN A 503 29.17 33.63 1.19
CA ASN A 503 30.49 33.09 0.93
C ASN A 503 31.21 32.71 2.21
N ASN A 504 30.74 33.21 3.35
CA ASN A 504 31.41 32.94 4.61
C ASN A 504 30.63 31.90 5.43
N VAL A 505 29.53 31.42 4.89
CA VAL A 505 28.62 30.58 5.66
C VAL A 505 28.79 29.12 5.27
N LEU A 506 28.74 28.24 6.26
CA LEU A 506 28.66 26.79 6.06
C LEU A 506 27.28 26.32 6.46
N LEU A 507 26.64 25.53 5.62
CA LEU A 507 25.28 25.11 5.90
C LEU A 507 25.25 23.69 6.47
N ARG A 508 24.08 23.29 6.98
CA ARG A 508 24.01 22.06 7.75
C ARG A 508 24.19 20.82 6.88
N GLY A 509 23.85 20.90 5.59
CA GLY A 509 23.92 19.72 4.74
C GLY A 509 25.33 19.38 4.29
N CYS A 510 26.22 20.37 4.29
CA CYS A 510 27.52 20.23 3.62
C CYS A 510 28.51 19.40 4.42
N THR A 511 29.67 19.16 3.82
CA THR A 511 30.75 18.38 4.40
C THR A 511 32.08 19.07 4.13
N LEU A 512 32.84 19.34 5.18
CA LEU A 512 34.15 19.97 5.01
C LEU A 512 35.07 19.03 4.25
N ARG A 513 35.80 19.57 3.29
CA ARG A 513 36.66 18.75 2.44
C ARG A 513 37.99 19.44 2.20
N ASN A 514 39.05 18.64 2.08
CA ASN A 514 40.39 19.12 1.75
C ASN A 514 40.87 20.20 2.71
N THR A 515 40.41 20.14 3.96
CA THR A 515 40.71 21.15 4.96
C THR A 515 40.91 20.46 6.30
N LYS A 516 42.02 20.77 6.97
CA LYS A 516 42.31 20.13 8.25
C LYS A 516 41.26 20.48 9.29
N TRP A 517 40.94 21.76 9.44
CA TRP A 517 39.89 22.18 10.35
C TRP A 517 39.36 23.53 9.93
N ALA A 518 38.14 23.82 10.39
CA ALA A 518 37.46 25.07 10.10
C ALA A 518 36.70 25.50 11.35
N MET A 519 36.87 26.74 11.76
CA MET A 519 36.32 27.25 13.01
C MET A 519 35.28 28.30 12.70
N GLY A 520 34.14 28.23 13.38
CA GLY A 520 33.09 29.19 13.11
C GLY A 520 32.14 29.33 14.27
N VAL A 521 31.21 30.26 14.13
CA VAL A 521 30.22 30.56 15.16
C VAL A 521 28.84 30.18 14.65
N VAL A 522 28.05 29.50 15.48
CA VAL A 522 26.75 29.02 15.04
C VAL A 522 25.76 30.17 14.97
N MET A 523 24.93 30.19 13.93
CA MET A 523 23.92 31.22 13.77
C MET A 523 22.51 30.67 13.78
N PHE A 524 22.30 29.53 13.13
CA PHE A 524 21.00 28.90 13.08
C PHE A 524 21.15 27.46 13.52
N THR A 525 20.12 26.92 14.16
CA THR A 525 20.13 25.55 14.63
C THR A 525 18.79 24.90 14.36
N GLY A 526 18.80 23.60 14.17
CA GLY A 526 17.56 22.84 14.10
C GLY A 526 16.71 23.30 12.93
N GLY A 527 15.46 23.63 13.23
CA GLY A 527 14.53 23.99 12.18
C GLY A 527 14.81 25.35 11.57
N ASP A 528 15.81 26.06 12.08
CA ASP A 528 16.16 27.36 11.54
C ASP A 528 17.20 27.23 10.43
N THR A 529 17.81 26.07 10.30
CA THR A 529 18.76 25.85 9.21
C THR A 529 18.03 25.76 7.89
N LYS A 530 18.75 26.04 6.80
CA LYS A 530 18.11 26.18 5.49
C LYS A 530 17.65 24.84 4.95
N ILE A 531 18.39 23.78 5.24
CA ILE A 531 17.97 22.46 4.78
C ILE A 531 16.70 22.03 5.50
N MET A 532 16.58 22.35 6.78
CA MET A 532 15.36 22.01 7.49
C MET A 532 14.22 22.97 7.13
N LEU A 533 14.54 24.18 6.72
CA LEU A 533 13.51 25.10 6.23
C LEU A 533 12.97 24.63 4.90
N ASN A 534 13.79 23.95 4.10
CA ASN A 534 13.29 23.40 2.85
C ASN A 534 12.57 22.07 3.07
N SER A 535 12.89 21.37 4.15
CA SER A 535 12.41 20.00 4.30
C SER A 535 10.89 19.90 4.41
N GLY A 536 10.32 20.39 5.50
CA GLY A 536 8.95 20.03 5.83
C GLY A 536 8.87 18.99 6.94
N ILE A 537 7.64 18.54 7.22
CA ILE A 537 7.36 17.83 8.46
C ILE A 537 6.77 16.44 8.24
N THR A 538 7.27 15.69 7.25
CA THR A 538 7.06 14.25 7.11
C THR A 538 5.61 13.78 7.26
N PRO A 539 4.81 13.93 6.20
CA PRO A 539 3.36 13.76 6.34
C PRO A 539 2.94 12.33 6.60
N THR A 540 1.71 12.19 7.08
CA THR A 540 1.08 10.88 7.17
C THR A 540 0.36 10.58 5.87
N LYS A 541 0.84 9.58 5.15
CA LYS A 541 0.35 9.28 3.82
C LYS A 541 -0.69 8.18 3.87
N LYS A 542 -1.80 8.41 3.21
CA LYS A 542 -2.84 7.41 3.03
C LYS A 542 -2.83 6.99 1.58
N SER A 543 -2.82 5.68 1.36
CA SER A 543 -2.84 5.16 0.00
C SER A 543 -4.11 5.57 -0.71
N ARG A 544 -4.10 5.46 -2.04
CA ARG A 544 -5.25 5.89 -2.82
C ARG A 544 -6.43 4.94 -2.61
N ILE A 545 -6.18 3.64 -2.60
CA ILE A 545 -7.24 2.66 -2.43
C ILE A 545 -7.92 2.84 -1.07
N SER A 546 -7.22 3.38 -0.09
CA SER A 546 -7.84 3.62 1.22
C SER A 546 -8.90 4.73 1.15
N ARG A 547 -8.63 5.81 0.42
CA ARG A 547 -9.63 6.84 0.24
C ARG A 547 -10.82 6.34 -0.58
N GLU A 548 -10.55 5.65 -1.68
CA GLU A 548 -11.65 5.06 -2.42
C GLU A 548 -12.44 4.08 -1.56
N LEU A 549 -11.77 3.45 -0.60
CA LEU A 549 -12.43 2.56 0.33
C LEU A 549 -13.40 3.32 1.22
N ASN A 550 -13.06 4.57 1.56
CA ASN A 550 -14.04 5.40 2.27
C ASN A 550 -15.31 5.57 1.45
N PHE A 551 -15.17 5.80 0.15
CA PHE A 551 -16.40 5.91 -0.65
C PHE A 551 -17.17 4.59 -0.71
N SER A 552 -16.45 3.48 -0.81
CA SER A 552 -17.11 2.17 -0.80
C SER A 552 -17.88 1.94 0.49
N VAL A 553 -17.29 2.31 1.61
CA VAL A 553 -17.95 2.18 2.91
C VAL A 553 -19.21 3.03 2.95
N VAL A 554 -19.18 4.20 2.31
CA VAL A 554 -20.38 5.03 2.29
C VAL A 554 -21.49 4.38 1.47
N ILE A 555 -21.15 3.75 0.36
CA ILE A 555 -22.15 3.00 -0.40
C ILE A 555 -22.77 1.92 0.48
N ASN A 556 -21.95 1.28 1.30
CA ASN A 556 -22.45 0.24 2.19
C ASN A 556 -23.37 0.83 3.26
N PHE A 557 -23.04 2.02 3.76
CA PHE A 557 -23.94 2.73 4.67
C PHE A 557 -25.29 2.99 4.03
N VAL A 558 -25.29 3.34 2.75
CA VAL A 558 -26.56 3.62 2.07
C VAL A 558 -27.39 2.37 1.97
N LEU A 559 -26.77 1.25 1.62
CA LEU A 559 -27.51 -0.01 1.57
C LEU A 559 -28.06 -0.39 2.94
N LEU A 560 -27.27 -0.19 3.99
CA LEU A 560 -27.73 -0.51 5.33
C LEU A 560 -28.89 0.38 5.75
N PHE A 561 -28.81 1.67 5.43
CA PHE A 561 -29.92 2.56 5.72
C PHE A 561 -31.18 2.11 5.02
N ILE A 562 -31.08 1.69 3.76
CA ILE A 562 -32.27 1.25 3.04
C ILE A 562 -32.86 0.02 3.70
N LEU A 563 -32.02 -0.94 4.08
CA LEU A 563 -32.51 -2.13 4.77
C LEU A 563 -33.21 -1.78 6.08
N CYS A 564 -32.62 -0.90 6.87
CA CYS A 564 -33.20 -0.57 8.17
C CYS A 564 -34.46 0.26 8.01
N PHE A 565 -34.54 1.06 6.95
CA PHE A 565 -35.76 1.79 6.65
C PHE A 565 -36.89 0.85 6.30
N VAL A 566 -36.63 -0.11 5.41
CA VAL A 566 -37.64 -1.10 5.06
C VAL A 566 -38.07 -1.89 6.29
N SER A 567 -37.11 -2.31 7.11
CA SER A 567 -37.43 -3.05 8.33
C SER A 567 -38.35 -2.24 9.25
N GLY A 568 -37.99 -1.00 9.53
CA GLY A 568 -38.79 -0.22 10.47
C GLY A 568 -40.17 0.07 9.94
N ILE A 569 -40.29 0.40 8.66
CA ILE A 569 -41.60 0.68 8.08
C ILE A 569 -42.47 -0.56 8.10
N ALA A 570 -41.92 -1.70 7.69
CA ALA A 570 -42.71 -2.93 7.66
C ALA A 570 -43.10 -3.37 9.07
N ASN A 571 -42.21 -3.17 10.04
CA ASN A 571 -42.55 -3.54 11.41
C ASN A 571 -43.65 -2.66 11.97
N GLY A 572 -43.62 -1.35 11.70
CA GLY A 572 -44.70 -0.50 12.14
C GLY A 572 -46.02 -0.87 11.48
N VAL A 573 -45.99 -1.09 10.17
CA VAL A 573 -47.19 -1.49 9.45
C VAL A 573 -47.76 -2.77 10.05
N TYR A 574 -46.90 -3.69 10.45
CA TYR A 574 -47.37 -4.93 11.05
C TYR A 574 -47.97 -4.69 12.43
N TYR A 575 -47.34 -3.84 13.23
CA TYR A 575 -47.83 -3.59 14.57
C TYR A 575 -49.13 -2.81 14.54
N ASP A 576 -49.49 -2.27 13.37
CA ASP A 576 -50.78 -1.61 13.27
C ASP A 576 -51.90 -2.58 12.91
N LYS A 577 -51.53 -3.77 12.43
CA LYS A 577 -52.52 -4.78 12.02
C LYS A 577 -53.30 -5.39 13.18
N LYS A 578 -54.34 -6.16 12.84
CA LYS A 578 -55.20 -6.83 13.82
C LYS A 578 -55.31 -8.31 13.49
N GLY A 579 -55.99 -9.07 14.36
CA GLY A 579 -56.14 -10.50 14.16
C GLY A 579 -54.76 -11.12 14.04
N ARG A 580 -53.99 -10.98 15.12
CA ARG A 580 -52.61 -11.43 15.12
C ARG A 580 -52.41 -12.28 16.35
N SER A 581 -51.49 -13.23 16.27
CA SER A 581 -51.31 -14.14 17.38
C SER A 581 -50.70 -13.42 18.58
N ARG A 582 -50.16 -12.21 18.36
CA ARG A 582 -49.52 -11.49 19.44
C ARG A 582 -50.54 -10.95 20.43
N PHE A 583 -51.78 -10.77 19.99
CA PHE A 583 -52.80 -10.27 20.90
C PHE A 583 -53.29 -11.36 21.83
N SER A 584 -53.10 -12.61 21.41
CA SER A 584 -53.54 -13.72 22.24
C SER A 584 -52.41 -14.28 23.08
N TYR A 585 -51.23 -14.44 22.50
CA TYR A 585 -50.20 -15.27 23.10
C TYR A 585 -48.95 -14.52 23.51
N GLU A 586 -48.81 -13.27 23.12
CA GLU A 586 -47.63 -12.49 23.48
C GLU A 586 -47.97 -11.34 24.39
N PHE A 587 -49.22 -11.24 24.83
CA PHE A 587 -49.66 -10.16 25.70
C PHE A 587 -49.45 -8.81 25.02
N GLY A 588 -49.93 -8.71 23.78
CA GLY A 588 -49.61 -7.61 22.90
C GLY A 588 -50.74 -6.60 22.82
N THR A 589 -50.37 -5.33 22.87
CA THR A 589 -51.32 -4.23 22.85
C THR A 589 -50.92 -3.21 21.78
N ILE A 590 -51.88 -2.79 20.97
CA ILE A 590 -51.59 -1.77 19.97
C ILE A 590 -51.26 -0.47 20.68
N ALA A 591 -50.04 0.02 20.46
CA ALA A 591 -49.50 1.18 21.15
C ALA A 591 -49.59 2.39 20.25
N GLY A 592 -49.87 3.55 20.86
CA GLY A 592 -50.04 4.76 20.06
C GLY A 592 -48.76 5.15 19.36
N SER A 593 -48.88 6.13 18.46
CA SER A 593 -47.75 6.68 17.71
C SER A 593 -47.03 5.60 16.91
N ALA A 594 -47.70 5.04 15.91
CA ALA A 594 -47.09 3.99 15.09
C ALA A 594 -45.80 4.49 14.43
N ALA A 595 -45.66 5.79 14.27
CA ALA A 595 -44.42 6.34 13.72
C ALA A 595 -43.26 6.18 14.69
N THR A 596 -43.48 6.42 15.98
CA THR A 596 -42.37 6.25 16.92
C THR A 596 -42.05 4.78 17.12
N ASN A 597 -43.03 3.90 16.91
CA ASN A 597 -42.74 2.48 16.95
C ASN A 597 -41.94 2.06 15.71
N GLY A 598 -42.23 2.68 14.57
CA GLY A 598 -41.35 2.50 13.42
C GLY A 598 -39.95 3.04 13.68
N PHE A 599 -39.85 4.08 14.50
CA PHE A 599 -38.54 4.59 14.90
C PHE A 599 -37.77 3.57 15.74
N VAL A 600 -38.42 3.01 16.76
CA VAL A 600 -37.80 1.97 17.56
C VAL A 600 -37.43 0.77 16.71
N SER A 601 -38.27 0.43 15.73
CA SER A 601 -37.96 -0.69 14.86
C SER A 601 -36.78 -0.39 13.94
N PHE A 602 -36.68 0.85 13.46
CA PHE A 602 -35.52 1.25 12.68
C PHE A 602 -34.25 1.03 13.47
N TRP A 603 -34.24 1.46 14.74
CA TRP A 603 -32.99 1.38 15.47
C TRP A 603 -32.74 -0.01 16.05
N VAL A 604 -33.76 -0.86 16.10
CA VAL A 604 -33.53 -2.28 16.38
C VAL A 604 -32.92 -2.95 15.16
N ALA A 605 -33.38 -2.57 13.96
CA ALA A 605 -32.83 -3.14 12.74
C ALA A 605 -31.39 -2.72 12.51
N VAL A 606 -31.05 -1.48 12.88
CA VAL A 606 -29.67 -1.03 12.78
C VAL A 606 -28.76 -1.94 13.58
N ILE A 607 -29.19 -2.34 14.77
CA ILE A 607 -28.39 -3.24 15.59
C ILE A 607 -28.38 -4.64 15.00
N LEU A 608 -29.51 -5.07 14.43
CA LEU A 608 -29.58 -6.38 13.80
C LEU A 608 -28.61 -6.49 12.65
N TYR A 609 -28.60 -5.50 11.76
CA TYR A 609 -27.81 -5.53 10.55
C TYR A 609 -26.47 -4.83 10.70
N GLN A 610 -25.94 -4.75 11.91
CA GLN A 610 -24.63 -4.15 12.14
C GLN A 610 -23.59 -4.67 11.17
N SER A 611 -23.53 -5.97 11.03
CA SER A 611 -22.43 -6.62 10.32
C SER A 611 -22.25 -6.14 8.91
N LEU A 612 -23.28 -5.53 8.36
CA LEU A 612 -23.17 -5.10 6.97
C LEU A 612 -21.90 -4.30 6.76
N VAL A 613 -21.57 -3.43 7.68
CA VAL A 613 -20.27 -2.78 7.73
C VAL A 613 -19.38 -3.61 8.66
N PRO A 614 -18.41 -4.32 8.15
CA PRO A 614 -17.67 -5.27 8.99
C PRO A 614 -16.58 -4.61 9.82
N ILE A 615 -16.51 -4.98 11.10
CA ILE A 615 -15.53 -4.41 12.00
C ILE A 615 -14.13 -4.86 11.61
N SER A 616 -14.02 -5.96 10.89
CA SER A 616 -12.71 -6.54 10.61
C SER A 616 -12.07 -5.95 9.37
N LEU A 617 -12.73 -5.00 8.71
CA LEU A 617 -12.24 -4.48 7.43
C LEU A 617 -10.93 -3.73 7.59
N TYR A 618 -10.87 -2.77 8.49
CA TYR A 618 -9.68 -1.94 8.61
C TYR A 618 -8.53 -2.69 9.25
N ILE A 619 -8.82 -3.56 10.20
CA ILE A 619 -7.76 -4.39 10.75
C ILE A 619 -7.22 -5.35 9.71
N SER A 620 -8.09 -5.84 8.81
CA SER A 620 -7.61 -6.74 7.77
C SER A 620 -6.74 -6.02 6.76
N VAL A 621 -7.15 -4.82 6.34
CA VAL A 621 -6.33 -4.06 5.41
C VAL A 621 -4.99 -3.70 6.04
N GLU A 622 -4.99 -3.36 7.33
CA GLU A 622 -3.74 -3.02 8.01
C GLU A 622 -2.83 -4.24 8.14
N ILE A 623 -3.38 -5.41 8.44
CA ILE A 623 -2.59 -6.63 8.47
C ILE A 623 -1.97 -6.88 7.10
N ILE A 624 -2.78 -6.76 6.05
CA ILE A 624 -2.31 -7.06 4.70
C ILE A 624 -1.20 -6.11 4.29
N LYS A 625 -1.34 -4.82 4.60
CA LYS A 625 -0.33 -3.85 4.20
C LYS A 625 0.95 -4.01 5.00
N THR A 626 0.84 -4.29 6.30
CA THR A 626 2.04 -4.54 7.09
C THR A 626 2.78 -5.77 6.60
N ALA A 627 2.06 -6.82 6.24
CA ALA A 627 2.72 -8.02 5.73
C ALA A 627 3.34 -7.77 4.36
N GLN A 628 2.71 -6.95 3.54
CA GLN A 628 3.29 -6.61 2.25
C GLN A 628 4.59 -5.84 2.41
N ALA A 629 4.61 -4.90 3.34
CA ALA A 629 5.86 -4.18 3.63
C ALA A 629 6.93 -5.13 4.16
N ALA A 630 6.56 -6.08 5.01
CA ALA A 630 7.53 -7.03 5.51
C ALA A 630 8.08 -7.93 4.41
N PHE A 631 7.26 -8.23 3.40
CA PHE A 631 7.73 -9.06 2.30
C PHE A 631 8.58 -8.26 1.33
N ILE A 632 8.39 -6.95 1.28
CA ILE A 632 9.33 -6.09 0.56
C ILE A 632 10.67 -6.07 1.28
N TYR A 633 10.64 -5.92 2.59
CA TYR A 633 11.86 -5.84 3.37
C TYR A 633 12.62 -7.17 3.36
N GLY A 634 11.90 -8.28 3.24
CA GLY A 634 12.56 -9.57 3.25
C GLY A 634 13.07 -9.99 1.89
N ASP A 635 12.86 -9.16 0.88
CA ASP A 635 13.35 -9.47 -0.44
C ASP A 635 14.87 -9.42 -0.49
N VAL A 636 15.46 -10.47 -1.07
CA VAL A 636 16.92 -10.59 -1.10
C VAL A 636 17.47 -9.92 -2.34
N LEU A 637 16.67 -9.80 -3.39
CA LEU A 637 17.10 -9.11 -4.59
C LEU A 637 17.01 -7.61 -4.43
N LEU A 638 16.41 -7.15 -3.32
CA LEU A 638 16.36 -5.73 -3.03
C LEU A 638 17.45 -5.33 -2.05
N TYR A 639 18.21 -6.30 -1.56
CA TYR A 639 19.25 -6.05 -0.59
C TYR A 639 20.56 -5.69 -1.28
N ASN A 640 21.21 -4.64 -0.78
CA ASN A 640 22.47 -4.18 -1.33
C ASN A 640 23.62 -4.71 -0.48
N ALA A 641 24.39 -5.62 -1.05
CA ALA A 641 25.43 -6.29 -0.27
C ALA A 641 26.54 -5.32 0.10
N LYS A 642 26.79 -4.32 -0.74
CA LYS A 642 27.93 -3.44 -0.52
C LYS A 642 27.69 -2.52 0.67
N LEU A 643 26.50 -1.94 0.78
CA LEU A 643 26.15 -1.16 1.95
C LEU A 643 25.63 -2.01 3.09
N ASP A 644 25.36 -3.29 2.84
CA ASP A 644 24.66 -4.15 3.78
C ASP A 644 23.31 -3.55 4.14
N TYR A 645 22.54 -3.21 3.12
CA TYR A 645 21.30 -2.47 3.29
C TYR A 645 20.17 -3.19 2.58
N PRO A 646 19.17 -3.69 3.28
CA PRO A 646 17.97 -4.20 2.61
C PRO A 646 17.03 -3.05 2.30
N CYS A 647 16.11 -3.28 1.38
CA CYS A 647 15.08 -2.29 1.14
C CYS A 647 14.22 -2.16 2.38
N THR A 648 14.32 -1.02 3.06
CA THR A 648 13.57 -0.85 4.28
C THR A 648 12.34 0.00 4.03
N PRO A 649 11.15 -0.54 4.19
CA PRO A 649 9.96 0.30 4.19
C PRO A 649 9.90 1.18 5.42
N LYS A 650 9.71 2.48 5.21
CA LYS A 650 9.56 3.46 6.29
C LYS A 650 8.09 3.64 6.66
N SER A 651 7.23 3.60 5.65
CA SER A 651 5.78 3.73 5.78
C SER A 651 5.17 2.40 5.43
N TRP A 652 4.34 1.87 6.32
CA TRP A 652 3.93 0.48 6.20
C TRP A 652 2.50 0.36 5.71
N ASN A 653 1.99 1.38 5.03
CA ASN A 653 0.61 1.34 4.58
C ASN A 653 0.41 1.80 3.14
N ILE A 654 1.46 2.06 2.38
CA ILE A 654 1.30 2.63 1.05
C ILE A 654 1.95 1.76 -0.03
N SER A 655 1.95 0.44 0.16
CA SER A 655 2.59 -0.44 -0.80
C SER A 655 1.84 -0.49 -2.11
N ASP A 656 0.52 -0.30 -2.06
CA ASP A 656 -0.29 -0.39 -3.25
C ASP A 656 -0.20 0.87 -4.09
N ASP A 657 0.38 1.92 -3.52
CA ASP A 657 0.69 3.11 -4.30
C ASP A 657 1.79 2.82 -5.30
N LEU A 658 2.69 1.89 -4.98
CA LEU A 658 3.77 1.55 -5.91
C LEU A 658 3.24 0.82 -7.13
N GLY A 659 1.97 0.43 -7.11
CA GLY A 659 1.43 -0.32 -8.23
C GLY A 659 0.71 0.56 -9.22
N GLN A 660 0.57 1.84 -8.90
CA GLN A 660 -0.20 2.76 -9.71
C GLN A 660 0.63 3.96 -10.17
N VAL A 661 1.94 3.90 -10.00
CA VAL A 661 2.80 5.05 -10.28
C VAL A 661 2.82 5.33 -11.77
N GLU A 662 2.67 6.59 -12.13
CA GLU A 662 2.74 7.00 -13.51
C GLU A 662 3.90 7.94 -13.81
N TYR A 663 4.33 8.73 -12.83
CA TYR A 663 5.39 9.70 -12.99
C TYR A 663 6.43 9.46 -11.92
N ILE A 664 7.69 9.37 -12.32
CA ILE A 664 8.81 9.27 -11.41
C ILE A 664 9.64 10.53 -11.56
N PHE A 665 9.82 11.26 -10.48
CA PHE A 665 10.66 12.44 -10.45
C PHE A 665 11.95 12.08 -9.76
N SER A 666 13.06 12.31 -10.42
CA SER A 666 14.34 11.78 -10.01
C SER A 666 15.37 12.88 -9.84
N ASP A 667 16.15 12.81 -8.78
CA ASP A 667 17.24 13.76 -8.60
C ASP A 667 18.35 13.26 -9.52
N LYS A 668 19.00 14.15 -10.25
CA LYS A 668 20.09 13.75 -11.13
C LYS A 668 21.40 13.28 -10.48
N THR A 669 21.86 13.96 -9.44
CA THR A 669 23.14 13.63 -8.82
C THR A 669 23.05 12.82 -7.54
N GLY A 670 23.77 11.71 -7.53
CA GLY A 670 23.84 10.83 -6.38
C GLY A 670 22.77 9.76 -6.37
N THR A 671 21.83 9.86 -7.29
CA THR A 671 20.79 8.84 -7.38
C THR A 671 20.97 8.15 -8.74
N LEU A 672 20.89 8.93 -9.81
CA LEU A 672 21.13 8.42 -11.16
C LEU A 672 22.60 8.08 -11.35
N THR A 673 23.46 8.91 -10.80
CA THR A 673 24.89 8.78 -10.93
C THR A 673 25.48 8.35 -9.60
N GLN A 674 26.46 7.47 -9.65
CA GLN A 674 27.40 7.37 -8.56
C GLN A 674 28.43 8.47 -8.73
N ASN A 675 28.96 8.97 -7.62
CA ASN A 675 29.76 10.18 -7.66
C ASN A 675 31.21 9.84 -8.03
N VAL A 676 31.38 9.33 -9.23
CA VAL A 676 32.67 8.88 -9.75
C VAL A 676 32.84 9.42 -11.15
N MET A 677 33.98 10.06 -11.41
CA MET A 677 34.32 10.59 -12.72
C MET A 677 35.51 9.83 -13.26
N GLU A 678 35.42 9.40 -14.51
CA GLU A 678 36.47 8.60 -15.13
C GLU A 678 36.84 9.21 -16.48
N PHE A 679 38.13 9.48 -16.65
CA PHE A 679 38.68 9.89 -17.93
C PHE A 679 38.56 8.71 -18.88
N LYS A 680 37.70 8.85 -19.88
CA LYS A 680 37.41 7.70 -20.75
C LYS A 680 38.12 7.81 -22.08
N LYS A 681 37.94 8.92 -22.78
CA LYS A 681 38.44 9.03 -24.14
C LYS A 681 39.20 10.33 -24.33
N CYS A 682 40.02 10.38 -25.37
CA CYS A 682 40.77 11.59 -25.66
C CYS A 682 41.13 11.64 -27.14
N THR A 683 40.92 12.79 -27.76
CA THR A 683 41.24 12.98 -29.17
C THR A 683 42.46 13.89 -29.26
N ILE A 684 43.59 13.32 -29.66
CA ILE A 684 44.83 14.07 -29.81
C ILE A 684 45.16 14.16 -31.28
N ASN A 685 45.26 15.39 -31.78
CA ASN A 685 45.63 15.65 -33.18
C ASN A 685 44.73 14.89 -34.13
N GLY A 686 43.42 14.94 -33.88
CA GLY A 686 42.48 14.26 -34.73
C GLY A 686 42.50 12.74 -34.65
N VAL A 687 43.16 12.18 -33.65
CA VAL A 687 43.21 10.73 -33.46
C VAL A 687 42.50 10.43 -32.15
N SER A 688 41.45 9.62 -32.20
CA SER A 688 40.72 9.31 -30.99
C SER A 688 41.29 8.05 -30.33
N TYR A 689 41.41 8.09 -29.01
CA TYR A 689 41.87 6.98 -28.22
C TYR A 689 40.88 6.74 -27.09
N GLY A 690 40.74 5.47 -26.72
CA GLY A 690 39.86 5.08 -25.64
C GLY A 690 38.80 4.11 -26.08
N ARG A 691 38.71 2.98 -25.38
CA ARG A 691 37.67 1.99 -25.61
C ARG A 691 36.69 2.05 -24.46
N ALA A 692 35.40 2.11 -24.77
CA ALA A 692 34.37 2.13 -23.74
C ALA A 692 33.12 1.46 -24.27
N TYR A 693 32.52 0.63 -23.43
CA TYR A 693 31.25 -0.01 -23.74
C TYR A 693 30.30 0.22 -22.56
N THR A 694 29.40 1.17 -22.72
CA THR A 694 28.45 1.50 -21.67
C THR A 694 27.26 0.56 -21.68
N GLU A 695 26.37 0.72 -20.70
CA GLU A 695 25.07 0.07 -20.77
C GLU A 695 24.13 0.85 -21.67
N ALA A 696 24.38 2.14 -21.83
CA ALA A 696 23.55 2.95 -22.72
C ALA A 696 23.70 2.49 -24.16
N LEU A 697 24.94 2.25 -24.58
CA LEU A 697 25.16 1.78 -25.94
C LEU A 697 24.56 0.40 -26.12
N ALA A 698 24.66 -0.46 -25.11
CA ALA A 698 24.03 -1.77 -25.18
C ALA A 698 22.53 -1.65 -25.38
N GLY A 699 21.88 -0.74 -24.65
CA GLY A 699 20.44 -0.55 -24.84
C GLY A 699 20.08 0.00 -26.21
N LEU A 700 20.86 0.99 -26.68
CA LEU A 700 20.66 1.49 -28.04
C LEU A 700 20.77 0.38 -29.07
N ARG A 701 21.80 -0.46 -28.95
CA ARG A 701 22.03 -1.51 -29.93
C ARG A 701 21.01 -2.63 -29.79
N LYS A 702 20.47 -2.83 -28.58
CA LYS A 702 19.41 -3.81 -28.42
C LYS A 702 18.14 -3.34 -29.12
N ARG A 703 17.88 -2.05 -29.02
CA ARG A 703 16.75 -1.47 -29.73
C ARG A 703 17.04 -1.66 -31.21
N GLN A 704 18.31 -1.48 -31.60
CA GLN A 704 18.70 -1.62 -33.00
C GLN A 704 18.43 -3.03 -33.51
N GLY A 705 18.45 -4.02 -32.62
CA GLY A 705 18.17 -5.38 -32.99
C GLY A 705 19.24 -6.36 -32.57
N ILE A 706 20.49 -5.89 -32.52
CA ILE A 706 21.63 -6.77 -32.25
C ILE A 706 21.49 -7.38 -30.86
N ASP A 707 21.77 -8.68 -30.77
CA ASP A 707 21.72 -9.35 -29.48
C ASP A 707 22.91 -8.93 -28.64
N VAL A 708 22.65 -8.06 -27.65
CA VAL A 708 23.74 -7.33 -27.03
C VAL A 708 24.23 -8.04 -25.78
N GLU A 709 23.62 -9.18 -25.42
CA GLU A 709 24.25 -10.03 -24.42
C GLU A 709 25.58 -10.54 -24.95
N THR A 710 25.54 -11.24 -26.09
CA THR A 710 26.77 -11.75 -26.70
C THR A 710 27.69 -10.62 -27.14
N GLU A 711 27.15 -9.56 -27.74
CA GLU A 711 27.99 -8.47 -28.20
C GLU A 711 28.65 -7.73 -27.04
N GLY A 712 27.88 -7.42 -26.01
CA GLY A 712 28.42 -6.68 -24.89
C GLY A 712 29.44 -7.47 -24.10
N ARG A 713 29.16 -8.74 -23.83
CA ARG A 713 30.12 -9.54 -23.08
C ARG A 713 31.42 -9.72 -23.85
N ARG A 714 31.31 -9.95 -25.16
CA ARG A 714 32.50 -10.09 -25.98
C ARG A 714 33.28 -8.78 -26.03
N GLU A 715 32.58 -7.65 -26.13
CA GLU A 715 33.27 -6.37 -26.18
C GLU A 715 33.94 -6.04 -24.86
N LYS A 716 33.30 -6.41 -23.74
CA LYS A 716 33.92 -6.20 -22.44
C LYS A 716 35.18 -7.04 -22.29
N ALA A 717 35.13 -8.30 -22.75
CA ALA A 717 36.34 -9.12 -22.73
C ALA A 717 37.44 -8.49 -23.56
N GLU A 718 37.09 -7.98 -24.75
CA GLU A 718 38.07 -7.29 -25.58
C GLU A 718 38.68 -6.10 -24.86
N ILE A 719 37.84 -5.34 -24.15
CA ILE A 719 38.31 -4.14 -23.47
C ILE A 719 39.21 -4.49 -22.31
N ALA A 720 38.88 -5.54 -21.57
CA ALA A 720 39.74 -5.95 -20.46
C ALA A 720 41.08 -6.46 -20.97
N LYS A 721 41.08 -7.22 -22.06
CA LYS A 721 42.33 -7.69 -22.63
C LYS A 721 43.18 -6.52 -23.12
N ASP A 722 42.56 -5.57 -23.83
CA ASP A 722 43.28 -4.38 -24.26
C ASP A 722 43.83 -3.61 -23.08
N ARG A 723 43.08 -3.58 -21.97
CA ARG A 723 43.53 -2.84 -20.80
C ARG A 723 44.75 -3.49 -20.17
N ASP A 724 44.72 -4.82 -20.00
CA ASP A 724 45.89 -5.49 -19.45
C ASP A 724 47.10 -5.32 -20.35
N THR A 725 46.91 -5.46 -21.67
CA THR A 725 47.99 -5.17 -22.61
C THR A 725 48.53 -3.77 -22.38
N MET A 726 47.65 -2.80 -22.20
CA MET A 726 48.06 -1.41 -22.03
C MET A 726 48.87 -1.23 -20.76
N ILE A 727 48.47 -1.88 -19.67
CA ILE A 727 49.19 -1.73 -18.40
C ILE A 727 50.58 -2.34 -18.50
N ASP A 728 50.69 -3.53 -19.10
CA ASP A 728 52.02 -4.12 -19.24
C ASP A 728 52.90 -3.26 -20.14
N GLU A 729 52.37 -2.76 -21.25
CA GLU A 729 53.18 -1.92 -22.13
C GLU A 729 53.57 -0.62 -21.43
N LEU A 730 52.71 -0.11 -20.54
CA LEU A 730 53.06 1.06 -19.76
C LEU A 730 54.22 0.77 -18.82
N ARG A 731 54.15 -0.34 -18.09
CA ARG A 731 55.25 -0.71 -17.20
C ARG A 731 56.54 -0.87 -17.97
N ALA A 732 56.47 -1.49 -19.15
CA ALA A 732 57.68 -1.71 -19.93
C ALA A 732 58.22 -0.41 -20.50
N LEU A 733 57.35 0.56 -20.76
CA LEU A 733 57.81 1.82 -21.35
C LEU A 733 58.72 2.57 -20.38
N SER A 734 58.39 2.56 -19.10
CA SER A 734 59.17 3.29 -18.10
C SER A 734 58.68 2.91 -16.72
N GLY A 735 59.55 3.10 -15.74
CA GLY A 735 59.20 2.91 -14.35
C GLY A 735 58.69 4.21 -13.77
N ASN A 736 57.43 4.21 -13.37
CA ASN A 736 56.75 5.39 -12.85
C ASN A 736 56.48 5.18 -11.36
N SER A 737 56.91 6.14 -10.54
CA SER A 737 56.82 5.97 -9.10
C SER A 737 55.37 5.96 -8.62
N GLN A 738 54.54 6.80 -9.21
CA GLN A 738 53.14 6.90 -8.82
C GLN A 738 52.21 6.06 -9.67
N PHE A 739 52.72 5.10 -10.42
CA PHE A 739 51.86 4.31 -11.29
C PHE A 739 51.15 3.23 -10.49
N TYR A 740 49.81 3.30 -10.47
CA TYR A 740 48.99 2.31 -9.79
C TYR A 740 47.96 1.79 -10.78
N PRO A 741 48.05 0.51 -11.18
CA PRO A 741 47.18 0.04 -12.26
C PRO A 741 45.78 -0.33 -11.79
N GLU A 742 45.55 -0.40 -10.49
CA GLU A 742 44.23 -0.75 -10.00
C GLU A 742 43.24 0.41 -10.19
N GLU A 743 43.74 1.59 -10.49
CA GLU A 743 42.89 2.75 -10.71
C GLU A 743 43.02 3.33 -12.11
N VAL A 744 43.36 2.52 -13.11
CA VAL A 744 43.43 3.00 -14.49
C VAL A 744 42.04 2.92 -15.09
N THR A 745 41.64 3.96 -15.82
CA THR A 745 40.35 4.00 -16.48
C THR A 745 40.48 4.24 -17.97
N PHE A 746 41.57 4.86 -18.41
CA PHE A 746 41.91 4.99 -19.82
C PHE A 746 42.35 3.62 -20.31
N VAL A 747 41.70 3.13 -21.37
CA VAL A 747 41.90 1.76 -21.81
C VAL A 747 42.58 1.67 -23.17
N SER A 748 43.03 2.79 -23.73
CA SER A 748 43.53 2.79 -25.10
C SER A 748 44.85 2.05 -25.19
N LYS A 749 44.79 0.81 -25.67
CA LYS A 749 45.99 0.11 -26.10
C LYS A 749 46.76 0.89 -27.15
N GLU A 750 46.03 1.41 -28.14
CA GLU A 750 46.65 2.15 -29.22
C GLU A 750 47.37 3.38 -28.71
N PHE A 751 46.94 3.94 -27.58
CA PHE A 751 47.60 5.15 -27.08
C PHE A 751 49.03 4.87 -26.67
N VAL A 752 49.24 3.90 -25.78
CA VAL A 752 50.60 3.64 -25.32
C VAL A 752 51.41 2.97 -26.41
N ARG A 753 50.75 2.19 -27.27
CA ARG A 753 51.46 1.55 -28.37
C ARG A 753 51.82 2.57 -29.44
N ASP A 754 51.16 3.73 -29.40
CA ASP A 754 51.44 4.83 -30.32
C ASP A 754 52.41 5.82 -29.69
N LEU A 755 52.49 5.82 -28.37
CA LEU A 755 53.34 6.76 -27.66
C LEU A 755 54.81 6.40 -27.84
N LYS A 756 55.09 5.16 -28.28
CA LYS A 756 56.47 4.80 -28.58
C LYS A 756 56.85 5.20 -29.99
N GLY A 757 56.28 4.54 -31.01
CA GLY A 757 56.59 4.89 -32.37
C GLY A 757 55.46 4.88 -33.38
N ALA A 758 54.32 4.27 -33.04
CA ALA A 758 53.45 3.68 -34.05
C ALA A 758 53.05 4.66 -35.15
N SER A 759 52.34 5.73 -34.79
CA SER A 759 51.79 6.62 -35.81
C SER A 759 52.76 7.71 -36.25
N GLY A 760 54.03 7.61 -35.91
CA GLY A 760 55.01 8.58 -36.34
C GLY A 760 55.43 9.50 -35.22
N GLU A 761 56.61 10.10 -35.41
CA GLU A 761 57.20 10.90 -34.34
C GLU A 761 56.37 12.14 -34.05
N VAL A 762 55.65 12.65 -35.05
CA VAL A 762 54.78 13.81 -34.80
C VAL A 762 53.63 13.40 -33.89
N GLN A 763 53.09 12.19 -34.08
CA GLN A 763 52.07 11.70 -33.18
C GLN A 763 52.65 11.37 -31.82
N GLN A 764 53.88 10.82 -31.79
CA GLN A 764 54.58 10.62 -30.53
C GLN A 764 54.63 11.89 -29.71
N ARG A 765 55.14 12.97 -30.31
CA ARG A 765 55.30 14.22 -29.59
C ARG A 765 53.95 14.86 -29.27
N CYS A 766 52.97 14.71 -30.16
CA CYS A 766 51.65 15.25 -29.88
C CYS A 766 51.04 14.58 -28.66
N CYS A 767 51.11 13.25 -28.58
CA CYS A 767 50.59 12.54 -27.42
C CYS A 767 51.33 12.92 -26.15
N GLU A 768 52.66 12.92 -26.20
CA GLU A 768 53.45 13.26 -25.02
C GLU A 768 53.12 14.67 -24.53
N HIS A 769 53.05 15.64 -25.45
CA HIS A 769 52.79 17.01 -25.04
C HIS A 769 51.36 17.18 -24.55
N PHE A 770 50.42 16.43 -25.12
CA PHE A 770 49.04 16.50 -24.65
C PHE A 770 48.95 16.04 -23.20
N MET A 771 49.54 14.88 -22.90
CA MET A 771 49.49 14.39 -21.54
C MET A 771 50.24 15.31 -20.59
N LEU A 772 51.35 15.90 -21.06
CA LEU A 772 52.09 16.83 -20.22
C LEU A 772 51.28 18.08 -19.93
N ALA A 773 50.53 18.56 -20.92
CA ALA A 773 49.70 19.74 -20.70
C ALA A 773 48.53 19.42 -19.78
N LEU A 774 48.04 18.19 -19.81
CA LEU A 774 47.05 17.77 -18.82
C LEU A 774 47.67 17.76 -17.43
N ALA A 775 48.94 17.38 -17.31
CA ALA A 775 49.57 17.31 -16.00
C ALA A 775 50.02 18.69 -15.52
N LEU A 776 50.04 19.67 -16.42
CA LEU A 776 50.53 21.00 -16.03
C LEU A 776 49.38 21.95 -15.69
N CYS A 777 48.43 22.10 -16.59
CA CYS A 777 47.34 23.07 -16.43
C CYS A 777 46.24 22.43 -15.60
N HIS A 778 46.23 22.79 -14.30
CA HIS A 778 45.22 22.29 -13.36
C HIS A 778 45.42 22.99 -12.03
N SER A 779 44.47 22.77 -11.13
CA SER A 779 44.54 23.26 -9.76
C SER A 779 44.61 22.13 -8.73
N VAL A 780 45.04 20.94 -9.14
CA VAL A 780 45.06 19.80 -8.24
C VAL A 780 46.22 19.94 -7.27
N LEU A 781 46.01 19.50 -6.03
CA LEU A 781 47.05 19.46 -5.02
C LEU A 781 47.39 18.02 -4.70
N VAL A 782 48.68 17.75 -4.51
CA VAL A 782 49.17 16.43 -4.14
C VAL A 782 49.50 16.46 -2.66
N GLU A 783 49.00 15.48 -1.92
CA GLU A 783 49.36 15.32 -0.52
C GLU A 783 49.57 13.83 -0.25
N ALA A 784 50.55 13.52 0.58
CA ALA A 784 50.93 12.14 0.81
C ALA A 784 49.79 11.36 1.45
N ASN A 785 49.59 10.13 0.97
CA ASN A 785 48.58 9.27 1.54
C ASN A 785 48.93 8.96 3.00
N PRO A 786 47.95 8.95 3.91
CA PRO A 786 48.26 8.64 5.30
C PRO A 786 48.80 7.23 5.48
N ASP A 787 48.20 6.25 4.82
CA ASP A 787 48.62 4.86 5.01
C ASP A 787 49.94 4.59 4.30
N ASN A 788 50.03 4.92 3.01
CA ASN A 788 51.23 4.67 2.23
C ASN A 788 51.98 5.99 2.10
N PRO A 789 53.20 6.09 2.62
CA PRO A 789 53.94 7.35 2.48
C PRO A 789 54.31 7.67 1.05
N LYS A 790 54.55 6.66 0.22
CA LYS A 790 54.97 6.93 -1.16
C LYS A 790 53.78 7.27 -2.04
N LYS A 791 52.57 6.91 -1.61
CA LYS A 791 51.38 7.19 -2.38
C LYS A 791 51.01 8.67 -2.29
N LEU A 792 50.43 9.19 -3.36
CA LEU A 792 49.93 10.56 -3.44
C LEU A 792 48.43 10.51 -3.69
N ASP A 793 47.70 11.52 -3.22
CA ASP A 793 46.25 11.36 -3.14
C ASP A 793 45.50 12.29 -4.09
N LEU A 794 46.19 13.26 -4.71
CA LEU A 794 45.58 14.08 -5.75
C LEU A 794 44.33 14.80 -5.28
N LYS A 795 44.48 15.72 -4.33
CA LYS A 795 43.36 16.46 -3.77
C LYS A 795 42.98 17.60 -4.72
N ALA A 796 41.78 17.55 -5.27
CA ALA A 796 41.33 18.52 -6.25
C ALA A 796 39.93 19.02 -5.92
N GLN A 797 39.62 20.23 -6.40
CA GLN A 797 38.31 20.81 -6.14
C GLN A 797 37.27 20.26 -7.10
N SER A 798 37.66 20.00 -8.34
CA SER A 798 36.80 19.37 -9.31
C SER A 798 37.20 17.91 -9.48
N PRO A 799 36.25 16.97 -9.45
CA PRO A 799 36.62 15.57 -9.68
C PRO A 799 37.03 15.28 -11.11
N ASP A 800 36.59 16.08 -12.08
CA ASP A 800 37.05 15.91 -13.45
C ASP A 800 38.51 16.30 -13.59
N GLU A 801 38.92 17.37 -12.91
CA GLU A 801 40.34 17.73 -12.91
C GLU A 801 41.18 16.63 -12.29
N ALA A 802 40.71 16.04 -11.21
CA ALA A 802 41.42 14.93 -10.59
C ALA A 802 41.50 13.75 -11.54
N ALA A 803 40.43 13.48 -12.29
CA ALA A 803 40.47 12.38 -13.25
C ALA A 803 41.49 12.63 -14.35
N LEU A 804 41.53 13.87 -14.86
CA LEU A 804 42.50 14.21 -15.91
C LEU A 804 43.92 14.02 -15.41
N VAL A 805 44.21 14.52 -14.20
CA VAL A 805 45.56 14.42 -13.67
C VAL A 805 45.90 12.97 -13.34
N ALA A 806 44.91 12.18 -12.95
CA ALA A 806 45.17 10.77 -12.65
C ALA A 806 45.52 10.01 -13.92
N THR A 807 44.84 10.30 -15.03
CA THR A 807 45.19 9.65 -16.28
C THR A 807 46.57 10.10 -16.76
N ALA A 808 46.85 11.41 -16.67
CA ALA A 808 48.18 11.90 -17.02
C ALA A 808 49.24 11.21 -16.17
N ARG A 809 48.93 10.89 -14.92
CA ARG A 809 49.89 10.19 -14.08
C ARG A 809 50.06 8.75 -14.52
N ASP A 810 48.96 8.07 -14.85
CA ASP A 810 49.05 6.67 -15.21
C ASP A 810 49.83 6.47 -16.50
N VAL A 811 49.61 7.32 -17.50
CA VAL A 811 50.29 7.14 -18.78
C VAL A 811 51.77 7.44 -18.66
N GLY A 812 52.18 8.07 -17.56
CA GLY A 812 53.60 8.27 -17.33
C GLY A 812 54.03 9.72 -17.32
N PHE A 813 53.12 10.61 -16.93
CA PHE A 813 53.40 12.04 -16.85
C PHE A 813 52.98 12.54 -15.48
N SER A 814 53.47 11.85 -14.44
CA SER A 814 52.93 12.03 -13.10
C SER A 814 53.16 13.43 -12.59
N PHE A 815 52.15 13.97 -11.90
CA PHE A 815 52.26 15.26 -11.22
C PHE A 815 52.57 14.98 -9.76
N VAL A 816 53.78 15.35 -9.35
CA VAL A 816 54.24 15.14 -7.98
C VAL A 816 54.45 16.51 -7.36
N GLY A 817 54.09 16.65 -6.08
CA GLY A 817 54.53 17.75 -5.27
C GLY A 817 54.23 19.13 -5.84
N LYS A 818 54.76 20.14 -5.15
CA LYS A 818 54.60 21.54 -5.52
C LYS A 818 55.75 22.30 -4.89
N THR A 819 56.61 22.88 -5.72
CA THR A 819 57.71 23.67 -5.18
C THR A 819 57.25 25.10 -4.89
N LYS A 820 58.21 25.93 -4.50
CA LYS A 820 57.93 27.35 -4.33
C LYS A 820 57.53 27.98 -5.65
N LYS A 821 58.11 27.49 -6.74
CA LYS A 821 57.81 27.94 -8.09
C LYS A 821 57.53 26.71 -8.96
N GLY A 822 56.39 26.72 -9.66
CA GLY A 822 56.06 25.65 -10.57
C GLY A 822 55.76 24.34 -9.90
N LEU A 823 55.82 23.27 -10.70
CA LEU A 823 55.50 21.92 -10.27
C LEU A 823 56.59 20.96 -10.74
N ILE A 824 56.79 19.89 -10.00
CA ILE A 824 57.74 18.86 -10.41
C ILE A 824 56.95 17.73 -11.07
N ILE A 825 57.18 17.53 -12.36
CA ILE A 825 56.50 16.50 -13.13
C ILE A 825 57.49 15.38 -13.40
N GLU A 826 57.06 14.16 -13.13
CA GLU A 826 57.84 12.96 -13.36
C GLU A 826 57.44 12.38 -14.70
N MET A 827 58.27 12.63 -15.72
CA MET A 827 58.07 12.17 -17.08
C MET A 827 58.82 10.86 -17.27
N GLN A 828 58.10 9.77 -17.51
CA GLN A 828 58.72 8.47 -17.74
C GLN A 828 59.67 8.06 -16.62
N GLY A 829 59.48 8.65 -15.44
CA GLY A 829 60.30 8.31 -14.29
C GLY A 829 61.45 9.26 -14.01
N ILE A 830 61.63 10.30 -14.82
CA ILE A 830 62.63 11.33 -14.56
C ILE A 830 61.90 12.62 -14.21
N GLN A 831 62.27 13.23 -13.09
CA GLN A 831 61.54 14.35 -12.52
C GLN A 831 62.17 15.65 -12.99
N LYS A 832 61.35 16.58 -13.46
CA LYS A 832 61.80 17.93 -13.76
C LYS A 832 60.77 18.92 -13.27
N GLU A 833 61.24 19.95 -12.56
CA GLU A 833 60.31 20.97 -12.11
C GLU A 833 60.13 22.02 -13.20
N PHE A 834 58.90 22.50 -13.34
CA PHE A 834 58.56 23.53 -14.29
C PHE A 834 58.43 24.83 -13.53
N GLU A 835 58.17 25.91 -14.25
CA GLU A 835 58.03 27.22 -13.64
C GLU A 835 56.73 27.84 -14.16
N ILE A 836 55.82 28.12 -13.25
CA ILE A 836 54.49 28.63 -13.59
C ILE A 836 54.53 30.15 -13.52
N LEU A 837 54.45 30.80 -14.67
CA LEU A 837 54.46 32.26 -14.69
C LEU A 837 53.18 32.82 -14.10
N ASN A 838 52.04 32.35 -14.58
CA ASN A 838 50.75 32.90 -14.19
C ASN A 838 49.71 31.79 -14.23
N ILE A 839 48.69 31.92 -13.39
CA ILE A 839 47.54 31.03 -13.42
C ILE A 839 46.28 31.89 -13.48
N LEU A 840 45.50 31.71 -14.52
CA LEU A 840 44.19 32.35 -14.62
C LEU A 840 43.15 31.32 -14.23
N GLU A 841 42.44 31.58 -13.13
CA GLU A 841 41.63 30.55 -12.50
C GLU A 841 40.40 30.22 -13.34
N PHE A 842 39.85 29.04 -13.11
CA PHE A 842 38.59 28.66 -13.72
C PHE A 842 37.47 29.50 -13.13
N ASN A 843 36.46 29.81 -13.95
CA ASN A 843 35.34 30.62 -13.52
C ASN A 843 34.06 30.04 -14.09
N SER A 844 32.98 30.14 -13.32
CA SER A 844 31.66 29.88 -13.87
C SER A 844 31.31 30.87 -14.97
N SER A 845 32.02 31.99 -15.02
CA SER A 845 31.81 32.97 -16.08
C SER A 845 32.77 32.75 -17.24
N ARG A 846 33.92 32.14 -16.97
CA ARG A 846 34.93 31.98 -17.99
C ARG A 846 34.79 30.66 -18.72
N LYS A 847 34.35 29.62 -18.02
CA LYS A 847 34.27 28.26 -18.57
C LYS A 847 35.62 27.83 -19.13
N ARG A 848 36.70 28.31 -18.52
CA ARG A 848 38.03 28.13 -19.06
C ARG A 848 39.07 28.42 -17.99
N MET A 849 40.11 27.58 -17.98
CA MET A 849 41.24 27.68 -17.06
C MET A 849 42.48 27.80 -17.91
N SER A 850 43.53 28.42 -17.37
CA SER A 850 44.75 28.64 -18.14
C SER A 850 45.96 28.76 -17.22
N CYS A 851 47.10 28.30 -17.71
CA CYS A 851 48.37 28.38 -17.00
C CYS A 851 49.44 28.83 -17.97
N ILE A 852 50.49 29.46 -17.45
CA ILE A 852 51.61 29.92 -18.27
C ILE A 852 52.90 29.35 -17.69
N VAL A 853 53.66 28.65 -18.55
CA VAL A 853 54.85 27.92 -18.13
C VAL A 853 56.06 28.51 -18.83
N LYS A 854 57.24 28.38 -18.23
CA LYS A 854 58.49 28.88 -18.78
C LYS A 854 59.21 27.75 -19.51
N ILE A 855 59.56 27.98 -20.77
CA ILE A 855 60.29 27.04 -21.58
C ILE A 855 61.72 27.56 -21.74
N PRO A 856 62.73 26.81 -21.31
CA PRO A 856 64.09 27.38 -21.27
C PRO A 856 64.69 27.48 -22.67
N GLY A 857 65.56 28.47 -22.83
CA GLY A 857 66.31 28.64 -24.07
C GLY A 857 67.60 27.84 -24.07
N GLU A 863 67.22 32.53 -24.53
CA GLU A 863 66.04 33.32 -24.18
C GLU A 863 64.79 32.46 -24.07
N PRO A 864 64.30 32.27 -22.85
CA PRO A 864 63.14 31.41 -22.64
C PRO A 864 61.88 31.94 -23.31
N ARG A 865 60.88 31.08 -23.42
CA ARG A 865 59.62 31.39 -24.07
C ARG A 865 58.48 31.12 -23.09
N ALA A 866 57.31 31.68 -23.35
CA ALA A 866 56.15 31.37 -22.54
C ALA A 866 55.27 30.33 -23.23
N LEU A 867 54.57 29.54 -22.44
CA LEU A 867 53.60 28.58 -22.95
C LEU A 867 52.29 28.79 -22.24
N LEU A 868 51.29 29.27 -22.97
CA LEU A 868 49.96 29.48 -22.42
C LEU A 868 49.10 28.26 -22.77
N ILE A 869 48.79 27.46 -21.76
CA ILE A 869 47.94 26.29 -21.91
C ILE A 869 46.55 26.66 -21.41
N CYS A 870 45.54 26.38 -22.23
CA CYS A 870 44.17 26.77 -21.95
C CYS A 870 43.27 25.55 -22.07
N LYS A 871 42.52 25.26 -21.02
CA LYS A 871 41.62 24.12 -20.95
C LYS A 871 40.20 24.66 -20.77
N GLY A 872 39.29 24.26 -21.65
CA GLY A 872 37.95 24.79 -21.48
C GLY A 872 36.95 24.08 -22.35
N ALA A 873 35.69 24.46 -22.18
CA ALA A 873 34.59 23.85 -22.92
C ALA A 873 34.86 23.90 -24.42
N ASP A 874 34.27 22.98 -25.17
CA ASP A 874 34.65 22.84 -26.57
C ASP A 874 34.36 24.10 -27.36
N SER A 875 33.19 24.71 -27.17
CA SER A 875 32.85 25.91 -27.94
C SER A 875 33.68 27.10 -27.50
N ILE A 876 33.90 27.25 -26.20
CA ILE A 876 34.70 28.37 -25.69
C ILE A 876 36.09 28.35 -26.30
N ILE A 877 36.71 27.17 -26.35
CA ILE A 877 38.06 27.07 -26.89
C ILE A 877 38.02 27.20 -28.41
N TYR A 878 37.01 26.64 -29.06
CA TYR A 878 36.94 26.72 -30.52
C TYR A 878 36.78 28.15 -30.99
N SER A 879 36.12 28.99 -30.19
CA SER A 879 35.99 30.39 -30.55
C SER A 879 37.32 31.12 -30.53
N ARG A 880 38.21 30.73 -29.61
CA ARG A 880 39.52 31.34 -29.47
C ARG A 880 40.56 30.48 -30.19
N LEU A 881 40.54 30.47 -31.52
CA LEU A 881 41.48 29.64 -32.25
C LEU A 881 42.04 30.41 -33.43
N SER A 882 43.11 29.87 -34.01
CA SER A 882 43.85 30.55 -35.06
C SER A 882 43.26 30.20 -36.41
N ARG A 883 43.20 31.18 -37.31
CA ARG A 883 42.78 30.91 -38.68
C ARG A 883 43.98 30.54 -39.54
N GLN A 884 45.16 31.02 -39.17
CA GLN A 884 46.37 30.75 -39.95
C GLN A 884 47.00 29.40 -39.61
N SER A 887 49.06 28.13 -36.46
CA SER A 887 47.99 27.81 -37.40
C SER A 887 47.36 26.47 -37.07
N ASN A 888 46.11 26.28 -37.51
CA ASN A 888 45.39 25.05 -37.26
C ASN A 888 45.13 24.28 -38.55
N SER A 889 45.51 23.00 -38.54
CA SER A 889 45.36 22.14 -39.71
C SER A 889 44.00 22.20 -40.40
N GLU A 890 43.03 22.85 -39.76
CA GLU A 890 41.69 22.96 -40.35
C GLU A 890 41.21 21.60 -40.82
N ALA A 891 42.06 20.57 -40.68
CA ALA A 891 41.57 19.20 -40.73
C ALA A 891 41.46 18.65 -39.32
N ILE A 892 42.46 18.94 -38.49
CA ILE A 892 42.39 18.61 -37.07
C ILE A 892 41.17 19.28 -36.44
N LEU A 893 40.84 20.49 -36.91
CA LEU A 893 39.64 21.19 -36.44
C LEU A 893 38.38 20.35 -36.64
N GLU A 894 38.12 19.92 -37.87
CA GLU A 894 36.92 19.14 -38.17
C GLU A 894 36.95 17.76 -37.55
N LYS A 895 38.10 17.10 -37.56
CA LYS A 895 38.21 15.79 -36.92
C LYS A 895 37.91 15.88 -35.44
N THR A 896 38.48 16.88 -34.77
CA THR A 896 38.25 17.05 -33.34
C THR A 896 36.80 17.40 -33.06
N ALA A 897 36.19 18.25 -33.88
CA ALA A 897 34.79 18.54 -33.69
C ALA A 897 33.94 17.29 -33.85
N LEU A 898 34.23 16.47 -34.84
CA LEU A 898 33.51 15.21 -35.02
C LEU A 898 33.65 14.31 -33.80
N HIS A 899 34.88 14.18 -33.30
CA HIS A 899 35.11 13.34 -32.13
C HIS A 899 34.36 13.87 -30.91
N LEU A 900 34.35 15.18 -30.72
CA LEU A 900 33.71 15.74 -29.54
C LEU A 900 32.19 15.60 -29.63
N GLU A 901 31.64 15.74 -30.84
CA GLU A 901 30.22 15.48 -31.01
C GLU A 901 29.88 14.02 -30.71
N GLN A 902 30.71 13.09 -31.20
CA GLN A 902 30.52 11.68 -30.85
C GLN A 902 30.52 11.48 -29.35
N TYR A 903 31.53 12.02 -28.67
CA TYR A 903 31.66 11.84 -27.24
C TYR A 903 30.45 12.41 -26.51
N ALA A 904 30.00 13.59 -26.90
CA ALA A 904 28.86 14.20 -26.23
C ALA A 904 27.58 13.40 -26.46
N THR A 905 27.49 12.73 -27.62
CA THR A 905 26.35 11.84 -27.82
C THR A 905 26.43 10.65 -26.89
N GLU A 906 27.64 10.14 -26.64
CA GLU A 906 27.77 9.03 -25.70
C GLU A 906 27.60 9.47 -24.24
N GLY A 907 27.40 10.75 -23.99
CA GLY A 907 27.15 11.23 -22.66
C GLY A 907 28.38 11.61 -21.87
N LEU A 908 29.46 12.00 -22.53
CA LEU A 908 30.71 12.34 -21.85
C LEU A 908 30.90 13.85 -21.85
N ARG A 909 31.27 14.39 -20.69
CA ARG A 909 31.67 15.78 -20.64
C ARG A 909 33.01 15.95 -21.33
N THR A 910 33.10 16.94 -22.21
CA THR A 910 34.25 17.10 -23.07
C THR A 910 34.92 18.44 -22.80
N LEU A 911 36.25 18.46 -22.92
CA LEU A 911 37.03 19.67 -22.86
C LEU A 911 37.90 19.73 -24.11
N CYS A 912 38.35 20.93 -24.45
CA CYS A 912 39.41 21.12 -25.42
C CYS A 912 40.58 21.78 -24.73
N ILE A 913 41.78 21.50 -25.22
CA ILE A 913 43.00 22.06 -24.67
C ILE A 913 43.81 22.65 -25.81
N ALA A 914 44.23 23.90 -25.64
CA ALA A 914 44.93 24.64 -26.68
C ALA A 914 46.14 25.32 -26.07
N GLN A 915 47.30 25.17 -26.70
CA GLN A 915 48.53 25.80 -26.25
C GLN A 915 48.92 26.88 -27.25
N ARG A 916 49.38 28.01 -26.74
CA ARG A 916 49.96 29.06 -27.56
C ARG A 916 51.36 29.36 -27.06
N GLU A 917 52.33 29.28 -27.96
CA GLU A 917 53.70 29.65 -27.62
C GLU A 917 53.86 31.16 -27.75
N LEU A 918 54.30 31.79 -26.68
CA LEU A 918 54.41 33.23 -26.60
C LEU A 918 55.87 33.64 -26.60
N SER A 919 56.23 34.56 -27.48
CA SER A 919 57.55 35.14 -27.45
C SER A 919 57.78 35.85 -26.12
N TRP A 920 59.06 35.91 -25.73
CA TRP A 920 59.42 36.58 -24.48
C TRP A 920 58.88 38.01 -24.45
N SER A 921 59.06 38.75 -25.55
CA SER A 921 58.58 40.12 -25.62
C SER A 921 57.09 40.21 -25.33
N GLU A 922 56.28 39.43 -26.04
CA GLU A 922 54.85 39.43 -25.81
C GLU A 922 54.52 39.18 -24.35
N TYR A 923 55.22 38.23 -23.72
CA TYR A 923 54.86 37.87 -22.35
C TYR A 923 55.28 38.94 -21.36
N GLU A 924 56.40 39.63 -21.58
CA GLU A 924 56.74 40.73 -20.68
C GLU A 924 55.62 41.76 -20.67
N LYS A 925 55.13 42.15 -21.85
CA LYS A 925 54.09 43.16 -21.92
C LYS A 925 52.80 42.66 -21.29
N TRP A 926 52.39 41.42 -21.59
CA TRP A 926 51.17 40.91 -21.00
C TRP A 926 51.30 40.74 -19.49
N ASN A 927 52.47 40.30 -19.04
CA ASN A 927 52.70 40.16 -17.60
C ASN A 927 52.57 41.49 -16.89
N GLU A 928 53.17 42.54 -17.44
CA GLU A 928 53.10 43.83 -16.76
C GLU A 928 51.70 44.40 -16.81
N LYS A 929 51.02 44.27 -17.96
CA LYS A 929 49.63 44.70 -18.03
C LYS A 929 48.77 43.97 -17.01
N TYR A 930 48.94 42.65 -16.92
CA TYR A 930 48.21 41.85 -15.95
C TYR A 930 48.57 42.26 -14.53
N ASP A 931 49.82 42.67 -14.30
CA ASP A 931 50.22 43.08 -12.97
C ASP A 931 49.51 44.36 -12.55
N ILE A 932 49.43 45.33 -13.47
CA ILE A 932 48.65 46.53 -13.17
C ILE A 932 47.19 46.18 -12.95
N ALA A 933 46.63 45.33 -13.80
CA ALA A 933 45.21 44.99 -13.67
C ALA A 933 44.92 44.26 -12.37
N ALA A 934 45.87 43.45 -11.89
CA ALA A 934 45.65 42.67 -10.69
C ALA A 934 45.84 43.52 -9.44
N ALA A 935 46.85 44.40 -9.45
CA ALA A 935 47.02 45.29 -8.32
C ALA A 935 45.88 46.31 -8.25
N SER A 936 45.20 46.54 -9.37
CA SER A 936 44.15 47.54 -9.41
C SER A 936 42.95 47.13 -8.56
N LEU A 937 42.38 48.11 -7.87
CA LEU A 937 41.17 47.91 -7.08
C LEU A 937 39.96 48.21 -7.96
N ALA A 938 38.81 48.43 -7.32
CA ALA A 938 37.56 48.78 -8.00
C ALA A 938 37.14 47.69 -8.98
N ASN A 939 36.78 46.53 -8.44
CA ASN A 939 36.29 45.41 -9.24
C ASN A 939 37.36 44.88 -10.20
N ARG A 940 38.52 44.49 -9.67
CA ARG A 940 39.62 44.04 -10.50
C ARG A 940 39.22 42.87 -11.40
N GLU A 941 38.08 42.26 -11.13
CA GLU A 941 37.66 41.08 -11.89
C GLU A 941 37.66 41.32 -13.39
N ASP A 942 36.99 42.40 -13.84
CA ASP A 942 36.94 42.66 -15.27
C ASP A 942 38.27 43.19 -15.79
N GLU A 943 39.11 43.76 -14.91
CA GLU A 943 40.49 44.03 -15.30
C GLU A 943 41.18 42.74 -15.75
N LEU A 944 41.20 41.74 -14.88
CA LEU A 944 41.78 40.46 -15.24
C LEU A 944 41.05 39.84 -16.43
N GLU A 945 39.75 40.07 -16.53
CA GLU A 945 39.00 39.54 -17.67
C GLU A 945 39.52 40.10 -18.98
N VAL A 946 39.68 41.42 -19.08
CA VAL A 946 40.13 42.01 -20.33
C VAL A 946 41.57 41.59 -20.63
N VAL A 947 42.41 41.48 -19.60
CA VAL A 947 43.80 41.11 -19.88
C VAL A 947 43.91 39.65 -20.32
N ALA A 948 43.17 38.75 -19.65
CA ALA A 948 43.17 37.35 -20.06
C ALA A 948 42.51 37.17 -21.41
N ASP A 949 41.48 37.96 -21.71
CA ASP A 949 40.90 37.94 -23.05
C ASP A 949 41.90 38.39 -24.08
N SER A 950 42.73 39.38 -23.75
CA SER A 950 43.79 39.76 -24.66
C SER A 950 44.69 38.57 -24.96
N ILE A 951 45.13 37.87 -23.92
CA ILE A 951 46.14 36.84 -24.17
C ILE A 951 45.55 35.60 -24.83
N GLU A 952 44.29 35.28 -24.54
CA GLU A 952 43.77 33.97 -24.93
C GLU A 952 43.07 33.99 -26.29
N ARG A 953 42.84 35.18 -26.86
CA ARG A 953 42.10 35.26 -28.12
C ARG A 953 42.80 34.49 -29.24
N GLU A 954 44.07 34.17 -29.07
CA GLU A 954 44.80 33.36 -30.03
C GLU A 954 45.26 32.08 -29.34
N LEU A 955 45.07 30.93 -30.00
CA LEU A 955 45.36 29.63 -29.40
C LEU A 955 45.41 28.56 -30.49
N ILE A 956 46.14 27.49 -30.19
CA ILE A 956 46.35 26.38 -31.11
C ILE A 956 45.83 25.10 -30.46
N LEU A 957 44.70 24.61 -30.95
CA LEU A 957 44.01 23.46 -30.37
C LEU A 957 44.85 22.21 -30.58
N LEU A 958 45.24 21.55 -29.50
CA LEU A 958 46.06 20.35 -29.66
C LEU A 958 45.26 19.08 -29.42
N GLY A 959 44.21 19.15 -28.61
CA GLY A 959 43.39 17.98 -28.38
C GLY A 959 42.18 18.26 -27.53
N GLY A 960 41.45 17.19 -27.25
CA GLY A 960 40.30 17.26 -26.37
C GLY A 960 40.19 16.00 -25.54
N THR A 961 39.41 16.09 -24.47
CA THR A 961 39.24 14.97 -23.55
C THR A 961 37.76 14.65 -23.41
N ALA A 962 37.46 13.51 -22.79
CA ALA A 962 36.10 13.08 -22.54
C ALA A 962 36.05 12.24 -21.28
N ILE A 963 35.37 12.77 -20.27
CA ILE A 963 35.20 12.13 -18.97
C ILE A 963 33.76 11.71 -18.84
N GLU A 964 33.52 10.51 -18.34
CA GLU A 964 32.16 10.04 -18.10
C GLU A 964 31.83 10.24 -16.63
N ASP A 965 30.65 10.79 -16.39
CA ASP A 965 30.08 10.80 -15.04
C ASP A 965 29.33 9.51 -14.83
N ARG A 966 29.95 8.58 -14.11
CA ARG A 966 29.50 7.20 -14.05
C ARG A 966 28.12 7.10 -13.43
N LEU A 967 27.18 6.52 -14.16
CA LEU A 967 25.88 6.25 -13.60
C LEU A 967 25.94 5.08 -12.63
N GLN A 968 24.88 4.91 -11.88
CA GLN A 968 24.75 3.71 -11.07
C GLN A 968 24.52 2.51 -11.97
N ASP A 969 24.73 1.33 -11.42
CA ASP A 969 24.64 0.13 -12.23
C ASP A 969 23.20 -0.19 -12.59
N GLY A 970 22.94 -0.42 -13.86
CA GLY A 970 21.61 -0.77 -14.30
C GLY A 970 20.65 0.39 -14.41
N VAL A 971 21.14 1.62 -14.54
CA VAL A 971 20.24 2.77 -14.61
C VAL A 971 19.57 2.87 -15.97
N PRO A 972 20.27 2.74 -17.11
CA PRO A 972 19.52 2.73 -18.37
C PRO A 972 18.60 1.54 -18.53
N ASP A 973 18.97 0.38 -18.03
CA ASP A 973 18.07 -0.77 -18.06
C ASP A 973 16.82 -0.54 -17.23
N CYS A 974 16.98 -0.05 -16.01
CA CYS A 974 15.83 0.25 -15.16
C CYS A 974 14.95 1.30 -15.79
N ILE A 975 15.54 2.30 -16.44
CA ILE A 975 14.73 3.35 -17.03
C ILE A 975 13.95 2.83 -18.22
N GLU A 976 14.56 1.98 -19.04
CA GLU A 976 13.84 1.42 -20.17
C GLU A 976 12.75 0.46 -19.72
N LEU A 977 12.99 -0.28 -18.65
CA LEU A 977 11.94 -1.13 -18.08
C LEU A 977 10.76 -0.30 -17.61
N LEU A 978 11.01 0.77 -16.87
CA LEU A 978 9.92 1.57 -16.35
C LEU A 978 9.21 2.34 -17.45
N ALA A 979 9.89 2.57 -18.57
CA ALA A 979 9.23 3.18 -19.71
C ALA A 979 8.34 2.18 -20.43
N GLU A 980 8.78 0.92 -20.55
CA GLU A 980 7.92 -0.12 -21.09
C GLU A 980 6.71 -0.35 -20.20
N ALA A 981 6.86 -0.16 -18.90
CA ALA A 981 5.73 -0.24 -18.00
C ALA A 981 4.78 0.93 -18.16
N GLY A 982 5.18 1.98 -18.86
CA GLY A 982 4.35 3.13 -19.08
C GLY A 982 4.61 4.29 -18.14
N ILE A 983 5.71 4.28 -17.41
CA ILE A 983 5.99 5.32 -16.43
C ILE A 983 6.93 6.35 -17.04
N LYS A 984 6.61 7.62 -16.85
CA LYS A 984 7.41 8.71 -17.37
C LYS A 984 8.38 9.17 -16.30
N LEU A 985 9.64 9.37 -16.68
CA LEU A 985 10.68 9.80 -15.76
C LEU A 985 11.10 11.23 -16.08
N TRP A 986 10.89 12.13 -15.13
CA TRP A 986 11.37 13.50 -15.20
C TRP A 986 12.55 13.65 -14.27
N VAL A 987 13.62 14.26 -14.76
CA VAL A 987 14.82 14.46 -13.96
C VAL A 987 14.86 15.90 -13.48
N LEU A 988 14.77 16.09 -12.18
CA LEU A 988 14.87 17.39 -11.53
C LEU A 988 16.20 17.46 -10.79
N THR A 989 17.05 18.40 -11.17
CA THR A 989 18.39 18.49 -10.62
C THR A 989 18.57 19.83 -9.94
N GLY A 990 19.54 19.90 -9.06
CA GLY A 990 20.01 21.19 -8.58
C GLY A 990 21.33 21.54 -9.24
N ASP A 991 21.64 20.86 -10.33
CA ASP A 991 22.93 20.99 -10.98
C ASP A 991 22.73 21.57 -12.36
N LYS A 992 23.84 21.99 -12.98
CA LYS A 992 23.82 22.73 -14.24
C LYS A 992 23.06 21.98 -15.33
N VAL A 993 22.67 22.72 -16.37
CA VAL A 993 21.93 22.15 -17.48
C VAL A 993 22.81 21.18 -18.26
N GLU A 994 24.05 21.57 -18.54
CA GLU A 994 24.91 20.77 -19.40
C GLU A 994 25.17 19.41 -18.80
N THR A 995 25.38 19.34 -17.50
CA THR A 995 25.58 18.06 -16.84
C THR A 995 24.32 17.21 -16.89
N ALA A 996 23.16 17.84 -16.77
CA ALA A 996 21.92 17.10 -16.86
C ALA A 996 21.71 16.55 -18.26
N ILE A 997 22.14 17.29 -19.28
CA ILE A 997 22.00 16.81 -20.66
C ILE A 997 22.98 15.68 -20.92
N ASN A 998 24.20 15.79 -20.39
CA ASN A 998 25.14 14.68 -20.49
C ASN A 998 24.56 13.43 -19.86
N ILE A 999 24.01 13.56 -18.67
CA ILE A 999 23.43 12.44 -17.96
C ILE A 999 22.26 11.83 -18.72
N GLY A 1000 21.46 12.69 -19.34
CA GLY A 1000 20.31 12.21 -20.08
C GLY A 1000 20.71 11.30 -21.23
N PHE A 1001 21.76 11.66 -21.95
CA PHE A 1001 22.24 10.84 -23.05
C PHE A 1001 22.73 9.46 -22.58
N SER A 1002 23.47 9.44 -21.49
CA SER A 1002 23.99 8.19 -20.91
C SER A 1002 22.85 7.30 -20.45
N CYS A 1003 21.84 7.95 -19.86
CA CYS A 1003 20.64 7.31 -19.32
C CYS A 1003 19.71 6.69 -20.37
N ASN A 1004 19.82 7.21 -21.60
CA ASN A 1004 19.05 6.88 -22.82
C ASN A 1004 17.72 7.61 -22.87
N LEU A 1005 17.52 8.52 -21.92
CA LEU A 1005 16.33 9.36 -21.87
C LEU A 1005 16.34 10.29 -23.08
N LEU A 1006 17.53 10.81 -23.38
CA LEU A 1006 17.74 11.70 -24.50
C LEU A 1006 18.62 11.02 -25.53
N ASN A 1007 18.21 11.08 -26.79
CA ASN A 1007 18.96 10.50 -27.88
C ASN A 1007 19.27 11.60 -28.88
N ASN A 1008 20.14 11.27 -29.82
CA ASN A 1008 20.25 12.10 -31.00
C ASN A 1008 18.95 12.00 -31.78
N GLU A 1009 18.79 12.85 -32.79
CA GLU A 1009 17.57 12.87 -33.58
C GLU A 1009 16.37 13.20 -32.70
N MET A 1010 16.61 13.96 -31.64
CA MET A 1010 15.60 14.33 -30.66
C MET A 1010 15.66 15.82 -30.44
N GLU A 1011 14.51 16.47 -30.48
CA GLU A 1011 14.46 17.91 -30.35
C GLU A 1011 14.63 18.32 -28.88
N LEU A 1012 15.44 19.33 -28.65
CA LEU A 1012 15.64 19.90 -27.33
C LEU A 1012 14.91 21.22 -27.28
N LEU A 1013 13.75 21.23 -26.65
CA LEU A 1013 12.97 22.45 -26.42
C LEU A 1013 13.46 23.10 -25.14
N VAL A 1014 14.27 24.14 -25.28
CA VAL A 1014 14.84 24.84 -24.15
C VAL A 1014 13.96 26.04 -23.85
N ILE A 1015 13.69 26.28 -22.57
CA ILE A 1015 12.81 27.34 -22.12
C ILE A 1015 13.66 28.47 -21.56
N LYS A 1016 14.83 28.65 -22.15
CA LYS A 1016 15.70 29.81 -21.94
C LYS A 1016 14.92 31.10 -21.80
N THR A 1017 15.23 31.90 -20.78
CA THR A 1017 14.88 33.31 -20.76
C THR A 1017 16.10 34.19 -21.05
N THR A 1018 16.61 34.08 -22.28
CA THR A 1018 17.89 34.68 -22.63
C THR A 1018 17.71 36.02 -23.34
N GLY A 1019 18.62 36.96 -23.03
CA GLY A 1019 18.51 38.33 -23.55
C GLY A 1019 18.53 38.42 -25.06
N ASP A 1020 19.36 37.61 -25.72
CA ASP A 1020 19.43 37.66 -27.18
C ASP A 1020 18.11 37.20 -27.81
N ASP A 1021 17.48 36.18 -27.25
CA ASP A 1021 16.16 35.80 -27.73
C ASP A 1021 15.07 36.55 -26.99
N VAL A 1022 15.43 37.22 -25.88
CA VAL A 1022 14.55 38.26 -25.35
C VAL A 1022 14.32 39.33 -26.40
N LYS A 1023 15.35 39.64 -27.18
CA LYS A 1023 15.21 40.58 -28.28
C LYS A 1023 14.15 40.11 -29.29
N GLU A 1024 13.88 38.81 -29.32
CA GLU A 1024 13.03 38.27 -30.38
C GLU A 1024 11.60 38.03 -29.89
N PHE A 1025 11.44 37.33 -28.76
CA PHE A 1025 10.12 36.84 -28.39
C PHE A 1025 9.24 37.93 -27.82
N GLY A 1026 9.70 38.61 -26.77
CA GLY A 1026 8.90 39.61 -26.12
C GLY A 1026 9.79 40.70 -25.55
N SER A 1027 9.32 41.32 -24.47
CA SER A 1027 10.13 42.32 -23.80
C SER A 1027 10.95 41.75 -22.65
N GLU A 1028 10.31 41.10 -21.69
CA GLU A 1028 11.01 40.68 -20.49
C GLU A 1028 10.37 39.41 -19.95
N PRO A 1029 11.09 38.60 -19.14
CA PRO A 1029 10.59 37.28 -18.76
C PRO A 1029 9.19 37.26 -18.15
N SER A 1030 8.56 36.10 -18.17
CA SER A 1030 7.15 35.83 -17.89
C SER A 1030 6.28 36.29 -19.04
N GLU A 1031 6.82 37.03 -20.01
CA GLU A 1031 6.19 37.16 -21.31
C GLU A 1031 6.88 36.23 -22.29
N ILE A 1032 8.15 35.97 -22.05
CA ILE A 1032 8.96 35.21 -22.99
C ILE A 1032 8.88 33.73 -22.68
N VAL A 1033 8.79 33.38 -21.41
CA VAL A 1033 8.49 32.00 -21.06
C VAL A 1033 7.12 31.63 -21.58
N ASP A 1034 6.16 32.53 -21.44
CA ASP A 1034 4.82 32.31 -22.00
C ASP A 1034 4.88 32.17 -23.51
N ALA A 1035 5.65 33.05 -24.17
CA ALA A 1035 5.78 32.99 -25.61
C ALA A 1035 6.40 31.68 -26.06
N LEU A 1036 7.45 31.24 -25.37
CA LEU A 1036 8.11 30.00 -25.77
C LEU A 1036 7.22 28.79 -25.53
N LEU A 1037 6.51 28.77 -24.40
CA LEU A 1037 5.59 27.66 -24.16
C LEU A 1037 4.50 27.62 -25.22
N SER A 1038 3.90 28.76 -25.55
CA SER A 1038 2.85 28.78 -26.56
C SER A 1038 3.38 28.43 -27.93
N LYS A 1039 4.59 28.89 -28.25
CA LYS A 1039 5.17 28.60 -29.56
C LYS A 1039 5.45 27.12 -29.73
N TYR A 1040 6.06 26.49 -28.73
CA TYR A 1040 6.31 25.05 -28.83
C TYR A 1040 5.02 24.27 -28.84
N LEU A 1041 4.04 24.71 -28.04
CA LEU A 1041 2.75 24.02 -27.99
C LEU A 1041 2.03 24.09 -29.32
N LYS A 1042 2.12 25.23 -30.00
CA LYS A 1042 1.42 25.39 -31.28
C LYS A 1042 2.20 24.76 -32.42
N GLU A 1043 3.52 24.74 -32.31
CA GLU A 1043 4.34 24.26 -33.41
C GLU A 1043 4.46 22.74 -33.41
N TYR A 1044 5.00 22.17 -32.33
CA TYR A 1044 5.38 20.76 -32.38
C TYR A 1044 4.19 19.87 -32.09
N PHE A 1045 3.19 20.40 -31.42
CA PHE A 1045 1.90 19.76 -31.26
C PHE A 1045 0.87 20.76 -31.73
N ASN A 1046 -0.39 20.39 -31.79
CA ASN A 1046 -1.34 21.33 -32.36
C ASN A 1046 -2.15 22.02 -31.26
N LEU A 1047 -1.98 21.57 -30.02
CA LEU A 1047 -2.76 22.12 -28.92
C LEU A 1047 -2.11 23.26 -28.13
N THR A 1048 -2.97 24.13 -27.60
CA THR A 1048 -2.55 25.26 -26.80
C THR A 1048 -2.99 25.00 -25.37
N GLY A 1049 -2.52 25.83 -24.44
CA GLY A 1049 -2.92 25.61 -23.07
C GLY A 1049 -4.32 26.10 -22.79
N SER A 1050 -5.27 25.18 -22.68
CA SER A 1050 -6.63 25.58 -22.34
C SER A 1050 -7.25 24.49 -21.49
N GLU A 1051 -8.19 24.89 -20.64
CA GLU A 1051 -8.73 23.98 -19.65
C GLU A 1051 -9.28 22.71 -20.28
N GLU A 1052 -9.83 22.84 -21.49
CA GLU A 1052 -10.36 21.67 -22.17
C GLU A 1052 -9.24 20.76 -22.68
N GLU A 1053 -8.10 21.34 -23.05
CA GLU A 1053 -6.97 20.52 -23.44
C GLU A 1053 -6.38 19.76 -22.27
N ILE A 1054 -6.35 20.38 -21.09
CA ILE A 1054 -5.90 19.66 -19.90
C ILE A 1054 -6.91 18.58 -19.52
N PHE A 1055 -8.20 18.89 -19.66
CA PHE A 1055 -9.23 17.89 -19.42
C PHE A 1055 -9.08 16.70 -20.35
N GLU A 1056 -8.79 16.95 -21.62
CA GLU A 1056 -8.66 15.88 -22.60
C GLU A 1056 -7.34 15.13 -22.41
N ALA A 1057 -6.33 15.80 -21.85
CA ALA A 1057 -5.06 15.15 -21.61
C ALA A 1057 -5.15 14.21 -20.40
N LYS A 1058 -6.00 14.53 -19.45
CA LYS A 1058 -6.14 13.70 -18.26
C LYS A 1058 -6.60 12.31 -18.65
N LYS A 1059 -7.44 12.25 -19.68
CA LYS A 1059 -8.00 10.99 -20.17
C LYS A 1059 -6.97 9.97 -20.68
N ASP A 1060 -5.94 10.42 -21.38
CA ASP A 1060 -4.96 9.47 -21.92
C ASP A 1060 -3.65 9.38 -21.13
N HIS A 1061 -3.33 8.17 -20.69
CA HIS A 1061 -2.13 7.89 -19.93
C HIS A 1061 -1.02 7.22 -20.73
N GLU A 1062 -1.21 7.12 -22.04
CA GLU A 1062 -0.24 6.48 -22.91
C GLU A 1062 1.07 7.27 -22.96
N PHE A 1063 2.18 6.56 -23.15
CA PHE A 1063 3.48 7.20 -23.22
C PHE A 1063 3.52 8.14 -24.41
N PRO A 1064 4.15 9.30 -24.24
CA PRO A 1064 4.26 10.34 -25.28
C PRO A 1064 5.13 9.94 -26.46
N LYS A 1065 4.79 10.47 -27.63
CA LYS A 1065 5.52 10.22 -28.86
C LYS A 1065 5.87 11.56 -29.49
N GLY A 1066 6.95 11.61 -30.26
CA GLY A 1066 7.36 12.84 -30.88
C GLY A 1066 8.83 13.17 -30.81
N ASN A 1067 9.57 12.58 -29.87
CA ASN A 1067 11.01 12.79 -29.76
C ASN A 1067 11.35 14.24 -29.43
N TYR A 1068 10.72 14.76 -28.38
CA TYR A 1068 11.00 16.08 -27.86
C TYR A 1068 11.39 15.96 -26.40
N ALA A 1069 12.22 16.88 -25.93
CA ALA A 1069 12.67 16.91 -24.55
C ALA A 1069 12.67 18.34 -24.06
N ILE A 1070 12.03 18.59 -22.92
CA ILE A 1070 11.98 19.90 -22.32
C ILE A 1070 13.22 20.10 -21.48
N VAL A 1071 13.82 21.28 -21.56
CA VAL A 1071 14.95 21.65 -20.71
C VAL A 1071 14.66 23.03 -20.15
N ILE A 1072 14.29 23.09 -18.87
CA ILE A 1072 14.01 24.33 -18.18
C ILE A 1072 15.07 24.51 -17.11
N ASP A 1073 15.51 25.74 -16.89
CA ASP A 1073 16.30 26.00 -15.70
C ASP A 1073 15.41 26.56 -14.59
N GLY A 1074 16.01 26.82 -13.44
CA GLY A 1074 15.23 27.25 -12.30
C GLY A 1074 14.65 28.64 -12.46
N ASP A 1075 15.40 29.53 -13.09
CA ASP A 1075 14.88 30.87 -13.37
C ASP A 1075 13.63 30.81 -14.23
N ALA A 1076 13.68 30.05 -15.32
CA ALA A 1076 12.52 29.95 -16.19
C ALA A 1076 11.39 29.17 -15.52
N LEU A 1077 11.74 28.21 -14.68
CA LEU A 1077 10.71 27.42 -14.02
C LEU A 1077 9.95 28.26 -13.00
N LYS A 1078 10.62 29.22 -12.38
CA LYS A 1078 9.91 30.14 -11.50
C LYS A 1078 8.74 30.81 -12.22
N LEU A 1079 9.00 31.36 -13.41
CA LEU A 1079 7.95 31.99 -14.19
C LEU A 1079 6.95 30.98 -14.72
N ALA A 1080 7.41 29.81 -15.15
CA ALA A 1080 6.50 28.83 -15.74
C ALA A 1080 5.61 28.19 -14.68
N LEU A 1081 5.97 28.34 -13.41
CA LEU A 1081 5.12 27.80 -12.35
C LEU A 1081 4.33 28.91 -11.67
N TYR A 1082 4.63 30.16 -11.98
CA TYR A 1082 3.95 31.26 -11.29
C TYR A 1082 2.44 31.25 -11.49
N GLY A 1083 1.97 31.49 -12.71
CA GLY A 1083 0.56 31.77 -12.90
C GLY A 1083 -0.19 30.55 -13.36
N GLU A 1084 -1.51 30.56 -13.18
CA GLU A 1084 -2.30 29.37 -13.45
C GLU A 1084 -2.34 29.00 -14.92
N ASP A 1085 -2.47 30.00 -15.80
CA ASP A 1085 -2.53 29.71 -17.23
C ASP A 1085 -1.20 29.21 -17.75
N ILE A 1086 -0.09 29.84 -17.34
CA ILE A 1086 1.22 29.38 -17.77
C ILE A 1086 1.56 28.05 -17.13
N ARG A 1087 1.04 27.79 -15.93
CA ARG A 1087 1.20 26.48 -15.34
C ARG A 1087 0.51 25.43 -16.19
N ARG A 1088 -0.68 25.73 -16.68
CA ARG A 1088 -1.37 24.83 -17.59
C ARG A 1088 -0.54 24.58 -18.85
N LYS A 1089 -0.01 25.64 -19.45
CA LYS A 1089 0.76 25.48 -20.68
C LYS A 1089 2.03 24.65 -20.44
N PHE A 1090 2.71 24.90 -19.33
CA PHE A 1090 3.91 24.13 -19.03
C PHE A 1090 3.59 22.67 -18.77
N LEU A 1091 2.55 22.40 -17.98
CA LEU A 1091 2.17 21.02 -17.73
C LEU A 1091 1.78 20.32 -19.03
N LEU A 1092 1.11 21.03 -19.94
CA LEU A 1092 0.73 20.41 -21.20
C LEU A 1092 1.93 20.13 -22.07
N LEU A 1093 2.91 21.02 -22.05
CA LEU A 1093 4.08 20.81 -22.89
C LEU A 1093 4.95 19.69 -22.36
N CYS A 1094 4.95 19.49 -21.05
CA CYS A 1094 5.68 18.36 -20.47
C CYS A 1094 4.87 17.06 -20.44
N LYS A 1095 3.55 17.12 -20.62
CA LYS A 1095 2.75 15.91 -20.66
C LYS A 1095 3.03 15.12 -21.93
N ASN A 1096 3.26 15.82 -23.03
CA ASN A 1096 3.94 15.31 -24.21
C ASN A 1096 5.42 15.33 -23.91
N CYS A 1097 6.28 15.29 -24.91
CA CYS A 1097 7.69 15.51 -24.64
C CYS A 1097 8.30 14.43 -23.74
N ARG A 1098 8.56 13.25 -24.31
CA ARG A 1098 8.91 12.04 -23.56
C ARG A 1098 9.97 12.26 -22.48
N ALA A 1099 10.88 13.21 -22.66
CA ALA A 1099 11.88 13.48 -21.65
C ALA A 1099 11.71 14.89 -21.11
N VAL A 1100 11.85 15.03 -19.79
CA VAL A 1100 11.80 16.33 -19.12
C VAL A 1100 13.00 16.44 -18.20
N LEU A 1101 13.74 17.55 -18.33
CA LEU A 1101 14.88 17.83 -17.48
C LEU A 1101 14.73 19.23 -16.92
N CYS A 1102 14.45 19.31 -15.63
CA CYS A 1102 14.45 20.56 -14.89
C CYS A 1102 15.78 20.68 -14.18
N CYS A 1103 16.63 21.59 -14.63
CA CYS A 1103 17.98 21.70 -14.12
C CYS A 1103 18.13 22.99 -13.33
N ARG A 1104 19.07 22.99 -12.38
CA ARG A 1104 19.35 24.16 -11.56
C ARG A 1104 18.09 24.59 -10.80
N VAL A 1105 17.56 23.67 -10.01
CA VAL A 1105 16.24 23.77 -9.43
C VAL A 1105 16.35 23.64 -7.92
N SER A 1106 15.58 24.43 -7.19
CA SER A 1106 15.63 24.40 -5.74
C SER A 1106 14.70 23.31 -5.20
N PRO A 1107 14.87 22.94 -3.93
CA PRO A 1107 13.98 21.90 -3.36
C PRO A 1107 12.51 22.30 -3.36
N SER A 1108 12.23 23.58 -3.11
CA SER A 1108 10.88 24.09 -3.20
C SER A 1108 10.32 23.88 -4.60
N GLN A 1109 11.16 24.05 -5.62
CA GLN A 1109 10.69 23.91 -7.00
C GLN A 1109 10.51 22.46 -7.39
N LYS A 1110 11.36 21.57 -6.88
CA LYS A 1110 11.13 20.14 -7.09
C LYS A 1110 9.78 19.73 -6.53
N ALA A 1111 9.49 20.16 -5.30
CA ALA A 1111 8.19 19.89 -4.71
C ALA A 1111 7.07 20.52 -5.53
N ALA A 1112 7.28 21.73 -6.04
CA ALA A 1112 6.26 22.41 -6.82
C ALA A 1112 5.94 21.68 -8.11
N VAL A 1113 6.96 21.11 -8.75
CA VAL A 1113 6.74 20.37 -9.99
C VAL A 1113 6.01 19.08 -9.70
N VAL A 1114 6.39 18.38 -8.64
CA VAL A 1114 5.65 17.18 -8.27
C VAL A 1114 4.20 17.52 -7.98
N LYS A 1115 3.95 18.62 -7.29
CA LYS A 1115 2.58 18.98 -6.93
C LYS A 1115 1.78 19.43 -8.15
N LEU A 1116 2.43 20.10 -9.09
CA LEU A 1116 1.75 20.49 -10.32
C LEU A 1116 1.31 19.27 -11.10
N VAL A 1117 2.16 18.26 -11.21
CA VAL A 1117 1.76 17.05 -11.93
C VAL A 1117 0.75 16.26 -11.11
N LYS A 1118 0.79 16.38 -9.79
CA LYS A 1118 -0.08 15.57 -8.95
C LYS A 1118 -1.50 16.11 -8.95
N ASP A 1119 -1.63 17.43 -8.83
CA ASP A 1119 -2.95 18.04 -8.72
C ASP A 1119 -3.67 18.08 -10.06
N SER A 1120 -3.13 18.79 -11.03
CA SER A 1120 -3.59 18.66 -12.40
C SER A 1120 -3.19 17.27 -12.84
N LEU A 1121 -4.08 16.60 -13.57
CA LEU A 1121 -3.84 15.24 -14.00
C LEU A 1121 -3.74 14.38 -12.74
N ASP A 1122 -4.87 14.21 -12.05
CA ASP A 1122 -4.86 13.45 -10.80
C ASP A 1122 -4.25 12.08 -11.02
N VAL A 1123 -3.04 11.89 -10.50
CA VAL A 1123 -2.17 10.81 -10.96
C VAL A 1123 -1.20 10.46 -9.84
N MET A 1124 -0.66 9.25 -9.91
CA MET A 1124 0.27 8.80 -8.88
C MET A 1124 1.70 9.14 -9.24
N THR A 1125 2.42 9.69 -8.28
CA THR A 1125 3.77 10.17 -8.52
C THR A 1125 4.74 9.50 -7.56
N LEU A 1126 5.99 9.43 -7.97
CA LEU A 1126 7.06 8.86 -7.18
C LEU A 1126 8.26 9.77 -7.31
N ALA A 1127 8.87 10.11 -6.18
CA ALA A 1127 10.07 10.94 -6.16
C ALA A 1127 11.18 10.13 -5.53
N ILE A 1128 12.34 10.10 -6.15
CA ILE A 1128 13.48 9.34 -5.67
C ILE A 1128 14.69 10.25 -5.67
N GLY A 1129 15.49 10.18 -4.63
CA GLY A 1129 16.69 10.99 -4.59
C GLY A 1129 17.51 10.84 -3.34
N ASP A 1130 18.65 11.52 -3.29
CA ASP A 1130 19.47 11.52 -2.08
C ASP A 1130 19.79 12.97 -1.76
N GLY A 1131 19.65 13.38 -0.51
CA GLY A 1131 19.96 14.76 -0.20
C GLY A 1131 18.75 15.52 0.27
N SER A 1132 18.99 16.78 0.57
CA SER A 1132 17.97 17.56 1.25
C SER A 1132 17.08 18.33 0.28
N ASN A 1133 17.41 18.34 -1.02
CA ASN A 1133 16.48 18.84 -2.02
C ASN A 1133 15.35 17.86 -2.24
N ASP A 1134 15.71 16.60 -2.27
CA ASP A 1134 14.71 15.59 -2.48
C ASP A 1134 13.88 15.37 -1.24
N VAL A 1135 14.23 15.96 -0.12
CA VAL A 1135 13.36 15.82 1.05
C VAL A 1135 12.02 16.50 0.76
N ALA A 1136 12.08 17.76 0.35
CA ALA A 1136 10.85 18.44 -0.05
C ALA A 1136 10.22 17.79 -1.26
N MET A 1137 11.04 17.38 -2.25
CA MET A 1137 10.45 16.68 -3.39
C MET A 1137 9.74 15.38 -2.98
N ILE A 1138 10.25 14.71 -1.94
CA ILE A 1138 9.90 13.33 -1.62
C ILE A 1138 8.70 13.30 -0.71
N GLN A 1139 8.61 14.23 0.22
CA GLN A 1139 7.45 14.31 1.09
C GLN A 1139 6.20 14.71 0.33
N SER A 1140 6.34 15.54 -0.69
CA SER A 1140 5.17 15.96 -1.45
C SER A 1140 4.93 15.08 -2.65
N ALA A 1141 4.97 13.77 -2.47
CA ALA A 1141 4.79 12.82 -3.53
C ALA A 1141 4.05 11.64 -2.94
N ASP A 1142 3.32 10.93 -3.78
CA ASP A 1142 2.55 9.81 -3.29
C ASP A 1142 3.44 8.74 -2.71
N VAL A 1143 4.58 8.46 -3.35
CA VAL A 1143 5.60 7.58 -2.80
C VAL A 1143 6.93 8.31 -2.87
N GLY A 1144 7.60 8.41 -1.75
CA GLY A 1144 8.91 9.00 -1.72
C GLY A 1144 9.96 7.96 -1.44
N ILE A 1145 10.97 7.89 -2.26
CA ILE A 1145 12.00 6.88 -2.14
C ILE A 1145 13.34 7.55 -1.94
N GLY A 1146 14.06 7.12 -0.93
CA GLY A 1146 15.38 7.66 -0.69
C GLY A 1146 16.43 6.66 -1.04
N ILE A 1147 17.56 7.11 -1.58
CA ILE A 1147 18.64 6.19 -1.88
C ILE A 1147 19.66 6.25 -0.76
N ALA A 1148 20.01 5.09 -0.24
CA ALA A 1148 20.87 4.96 0.94
C ALA A 1148 22.32 4.95 0.52
N GLY A 1149 23.17 5.54 1.34
CA GLY A 1149 24.58 5.57 1.06
C GLY A 1149 25.42 5.09 2.23
N GLU A 1150 26.70 5.41 2.16
CA GLU A 1150 27.62 4.97 3.21
C GLU A 1150 27.36 5.70 4.51
N GLU A 1151 26.87 6.93 4.44
CA GLU A 1151 26.58 7.74 5.61
C GLU A 1151 25.09 8.03 5.68
N GLY A 1152 24.63 8.48 6.85
CA GLY A 1152 23.21 8.77 7.02
C GLY A 1152 22.77 9.90 6.12
N ARG A 1153 21.54 9.79 5.63
CA ARG A 1153 20.98 10.73 4.68
C ARG A 1153 19.61 11.15 5.14
N GLN A 1154 19.27 12.42 4.92
CA GLN A 1154 17.96 12.90 5.32
C GLN A 1154 16.89 12.48 4.33
N ALA A 1155 17.27 12.18 3.08
CA ALA A 1155 16.31 11.68 2.12
C ALA A 1155 15.89 10.27 2.47
N VAL A 1156 16.80 9.51 3.09
CA VAL A 1156 16.48 8.15 3.51
C VAL A 1156 15.64 8.17 4.78
N MET A 1157 15.92 9.11 5.67
CA MET A 1157 15.15 9.21 6.90
C MET A 1157 13.73 9.67 6.62
N CYS A 1158 13.57 10.65 5.74
CA CYS A 1158 12.26 11.21 5.45
C CYS A 1158 11.60 10.59 4.23
N SER A 1159 11.58 9.26 4.13
CA SER A 1159 11.06 8.62 2.94
C SER A 1159 10.07 7.53 3.30
N ASP A 1160 9.50 6.91 2.27
CA ASP A 1160 8.57 5.81 2.49
C ASP A 1160 9.28 4.47 2.34
N TYR A 1161 10.13 4.36 1.34
CA TYR A 1161 11.01 3.23 1.14
C TYR A 1161 12.41 3.77 0.90
N ALA A 1162 13.40 2.97 1.23
CA ALA A 1162 14.79 3.34 1.06
C ALA A 1162 15.53 2.17 0.43
N ILE A 1163 16.08 2.39 -0.75
CA ILE A 1163 16.77 1.32 -1.45
C ILE A 1163 18.26 1.66 -1.55
N GLY A 1164 19.07 0.62 -1.70
CA GLY A 1164 20.50 0.78 -1.77
C GLY A 1164 20.99 1.34 -3.08
N GLN A 1165 20.30 1.00 -4.16
CA GLN A 1165 20.66 1.42 -5.50
C GLN A 1165 19.42 1.81 -6.28
N PHE A 1166 19.58 2.77 -7.20
CA PHE A 1166 18.47 3.20 -8.04
C PHE A 1166 17.85 2.02 -8.77
N ARG A 1167 18.68 1.10 -9.22
CA ARG A 1167 18.31 -0.06 -10.01
C ARG A 1167 17.25 -0.93 -9.36
N TYR A 1168 17.10 -0.88 -8.04
CA TYR A 1168 16.08 -1.66 -7.35
C TYR A 1168 14.68 -1.13 -7.61
N LEU A 1169 14.55 0.15 -7.91
CA LEU A 1169 13.27 0.73 -8.29
C LEU A 1169 12.45 -0.22 -9.15
N ALA A 1170 13.06 -0.72 -10.22
CA ALA A 1170 12.30 -1.57 -11.11
C ALA A 1170 11.79 -2.79 -10.41
N ARG A 1171 12.73 -3.57 -9.89
CA ARG A 1171 12.35 -4.82 -9.28
C ARG A 1171 11.45 -4.54 -8.14
N LEU A 1172 11.83 -3.58 -7.28
CA LEU A 1172 10.96 -3.31 -6.16
C LEU A 1172 9.69 -2.68 -6.63
N VAL A 1173 9.80 -1.60 -7.41
CA VAL A 1173 8.58 -0.91 -7.79
C VAL A 1173 7.70 -1.76 -8.65
N LEU A 1174 8.24 -2.34 -9.70
CA LEU A 1174 7.39 -3.11 -10.56
C LEU A 1174 6.81 -4.32 -9.88
N VAL A 1175 7.66 -5.10 -9.20
CA VAL A 1175 7.07 -6.34 -8.69
C VAL A 1175 6.12 -6.06 -7.56
N HIS A 1176 6.59 -5.22 -6.67
CA HIS A 1176 5.81 -5.02 -5.49
C HIS A 1176 4.59 -4.24 -5.77
N GLY A 1177 4.75 -3.27 -6.66
CA GLY A 1177 3.66 -2.40 -6.97
C GLY A 1177 2.59 -3.19 -7.61
N ARG A 1178 2.95 -4.03 -8.57
CA ARG A 1178 1.94 -4.77 -9.26
C ARG A 1178 1.23 -5.69 -8.32
N TRP A 1179 2.01 -6.39 -7.49
CA TRP A 1179 1.40 -7.34 -6.59
C TRP A 1179 0.47 -6.68 -5.60
N SER A 1180 0.91 -5.56 -5.05
CA SER A 1180 0.12 -4.82 -4.08
C SER A 1180 -1.14 -4.22 -4.67
N TYR A 1181 -1.00 -3.65 -5.86
CA TYR A 1181 -2.14 -3.02 -6.48
C TYR A 1181 -3.14 -4.11 -6.79
N LYS A 1182 -2.65 -5.22 -7.31
CA LYS A 1182 -3.56 -6.31 -7.59
C LYS A 1182 -4.08 -6.92 -6.30
N ARG A 1183 -3.18 -7.22 -5.37
CA ARG A 1183 -3.58 -7.92 -4.17
C ARG A 1183 -4.63 -7.14 -3.42
N LEU A 1184 -4.46 -5.83 -3.33
CA LEU A 1184 -5.44 -5.04 -2.61
C LEU A 1184 -6.72 -4.94 -3.40
N ALA A 1185 -6.61 -4.74 -4.71
CA ALA A 1185 -7.80 -4.60 -5.52
C ALA A 1185 -8.72 -5.79 -5.33
N GLU A 1186 -8.26 -6.98 -5.68
CA GLU A 1186 -9.08 -8.17 -5.51
C GLU A 1186 -9.56 -8.32 -4.07
N MET A 1187 -8.75 -7.92 -3.10
CA MET A 1187 -9.08 -8.24 -1.73
C MET A 1187 -10.25 -7.41 -1.24
N ILE A 1188 -10.37 -6.16 -1.69
CA ILE A 1188 -11.30 -5.25 -1.02
C ILE A 1188 -12.74 -5.45 -1.44
N PRO A 1189 -13.07 -5.65 -2.73
CA PRO A 1189 -14.42 -6.10 -3.05
C PRO A 1189 -14.74 -7.44 -2.46
N GLU A 1190 -13.81 -8.38 -2.56
CA GLU A 1190 -14.00 -9.72 -2.03
C GLU A 1190 -14.44 -9.67 -0.58
N PHE A 1191 -13.71 -8.93 0.25
CA PHE A 1191 -14.11 -8.71 1.62
C PHE A 1191 -15.57 -8.28 1.70
N PHE A 1192 -15.93 -7.20 1.01
CA PHE A 1192 -17.29 -6.72 1.10
C PHE A 1192 -18.27 -7.74 0.57
N TYR A 1193 -17.85 -8.55 -0.40
CA TYR A 1193 -18.71 -9.60 -0.88
C TYR A 1193 -19.00 -10.59 0.23
N LYS A 1194 -17.95 -11.09 0.88
CA LYS A 1194 -18.14 -12.26 1.73
C LYS A 1194 -19.02 -11.90 2.91
N ASN A 1195 -18.60 -10.93 3.71
CA ASN A 1195 -19.43 -10.40 4.77
C ASN A 1195 -20.86 -10.27 4.31
N MET A 1196 -21.07 -9.60 3.17
CA MET A 1196 -22.42 -9.26 2.73
C MET A 1196 -23.32 -10.47 2.73
N ILE A 1197 -22.87 -11.59 2.16
CA ILE A 1197 -23.71 -12.78 2.12
C ILE A 1197 -24.30 -13.05 3.48
N PHE A 1198 -23.43 -13.31 4.45
CA PHE A 1198 -23.87 -13.62 5.81
C PHE A 1198 -24.91 -12.62 6.26
N ALA A 1199 -24.52 -11.34 6.25
CA ALA A 1199 -25.35 -10.35 6.92
C ALA A 1199 -26.70 -10.25 6.27
N LEU A 1200 -26.75 -10.40 4.95
CA LEU A 1200 -28.00 -10.13 4.28
C LEU A 1200 -29.03 -11.18 4.60
N ALA A 1201 -28.59 -12.37 5.00
CA ALA A 1201 -29.54 -13.40 5.38
C ALA A 1201 -30.37 -12.97 6.58
N LEU A 1202 -29.77 -12.22 7.51
CA LEU A 1202 -30.57 -11.66 8.59
C LEU A 1202 -31.74 -10.88 8.05
N PHE A 1203 -31.49 -10.03 7.05
CA PHE A 1203 -32.57 -9.25 6.47
C PHE A 1203 -33.60 -10.15 5.81
N TRP A 1204 -33.16 -11.20 5.12
CA TRP A 1204 -34.15 -12.06 4.48
C TRP A 1204 -35.00 -12.77 5.50
N TYR A 1205 -34.41 -13.11 6.65
CA TYR A 1205 -35.22 -13.76 7.67
C TYR A 1205 -36.27 -12.81 8.19
N GLY A 1206 -36.03 -11.51 8.09
CA GLY A 1206 -37.01 -10.55 8.51
C GLY A 1206 -38.31 -10.63 7.73
N ILE A 1207 -38.25 -11.10 6.49
CA ILE A 1207 -39.48 -11.21 5.71
C ILE A 1207 -40.44 -12.17 6.40
N TYR A 1208 -39.91 -13.05 7.24
CA TYR A 1208 -40.71 -14.14 7.76
C TYR A 1208 -41.01 -13.96 9.24
N ASN A 1209 -40.24 -13.13 9.94
CA ASN A 1209 -40.54 -12.81 11.32
C ASN A 1209 -41.19 -11.45 11.46
N ASP A 1210 -41.74 -10.91 10.38
CA ASP A 1210 -42.43 -9.63 10.34
C ASP A 1210 -41.49 -8.46 10.64
N PHE A 1211 -40.20 -8.65 10.36
CA PHE A 1211 -39.15 -7.67 10.62
C PHE A 1211 -39.10 -7.28 12.08
N ASP A 1212 -39.32 -8.26 12.95
CA ASP A 1212 -39.43 -7.94 14.37
C ASP A 1212 -38.07 -7.81 15.03
N GLY A 1213 -37.10 -8.61 14.62
CA GLY A 1213 -35.76 -8.44 15.10
C GLY A 1213 -35.15 -9.64 15.77
N SER A 1214 -35.74 -10.82 15.64
CA SER A 1214 -35.06 -12.02 16.09
C SER A 1214 -33.93 -12.35 15.14
N TYR A 1215 -32.97 -13.10 15.63
CA TYR A 1215 -31.78 -13.41 14.86
C TYR A 1215 -31.91 -14.79 14.23
N LEU A 1216 -31.51 -14.90 12.98
CA LEU A 1216 -31.44 -16.21 12.35
C LEU A 1216 -30.27 -17.00 12.90
N TYR A 1217 -29.21 -16.33 13.29
CA TYR A 1217 -27.95 -16.97 13.64
C TYR A 1217 -27.76 -17.02 15.14
N GLU A 1218 -27.15 -18.10 15.59
CA GLU A 1218 -26.66 -18.18 16.96
C GLU A 1218 -25.49 -17.22 17.12
N TYR A 1219 -25.34 -16.69 18.33
CA TYR A 1219 -24.49 -15.52 18.52
C TYR A 1219 -23.03 -15.84 18.30
N THR A 1220 -22.62 -17.10 18.45
CA THR A 1220 -21.23 -17.44 18.23
C THR A 1220 -20.90 -17.43 16.75
N TYR A 1221 -21.87 -17.79 15.91
CA TYR A 1221 -21.70 -17.67 14.48
C TYR A 1221 -21.44 -16.22 14.09
N MET A 1222 -22.12 -15.29 14.75
CA MET A 1222 -22.10 -13.91 14.32
C MET A 1222 -20.77 -13.24 14.63
N MET A 1223 -20.00 -13.80 15.57
CA MET A 1223 -18.66 -13.29 15.80
C MET A 1223 -17.63 -14.11 15.02
N PHE A 1224 -17.79 -15.42 14.97
CA PHE A 1224 -16.76 -16.23 14.37
C PHE A 1224 -16.83 -16.23 12.85
N TYR A 1225 -17.86 -15.63 12.26
CA TYR A 1225 -17.89 -15.57 10.81
C TYR A 1225 -16.76 -14.69 10.30
N ASN A 1226 -16.69 -13.47 10.79
CA ASN A 1226 -15.64 -12.57 10.35
C ASN A 1226 -14.35 -12.82 11.14
N LEU A 1227 -14.45 -13.41 12.32
CA LEU A 1227 -13.22 -13.66 13.07
C LEU A 1227 -12.50 -14.92 12.59
N ALA A 1228 -13.22 -16.01 12.37
CA ALA A 1228 -12.54 -17.27 12.16
C ALA A 1228 -12.96 -18.00 10.88
N PHE A 1229 -14.18 -17.84 10.42
CA PHE A 1229 -14.66 -18.69 9.34
C PHE A 1229 -14.22 -18.18 7.98
N THR A 1230 -14.14 -16.86 7.82
CA THR A 1230 -13.91 -16.28 6.51
C THR A 1230 -12.82 -15.21 6.48
N SER A 1231 -11.97 -15.12 7.50
CA SER A 1231 -10.98 -14.04 7.54
C SER A 1231 -9.73 -14.38 6.75
N LEU A 1232 -9.18 -15.53 7.03
CA LEU A 1232 -7.87 -15.93 6.55
C LEU A 1232 -7.80 -16.10 5.04
N PRO A 1233 -8.80 -16.68 4.37
CA PRO A 1233 -8.69 -16.73 2.90
C PRO A 1233 -8.49 -15.37 2.27
N VAL A 1234 -9.26 -14.37 2.66
CA VAL A 1234 -9.17 -13.07 2.03
C VAL A 1234 -7.89 -12.36 2.47
N ILE A 1235 -7.44 -12.62 3.69
CA ILE A 1235 -6.20 -12.01 4.15
C ILE A 1235 -4.99 -12.58 3.40
N PHE A 1236 -4.99 -13.88 3.16
CA PHE A 1236 -3.85 -14.47 2.47
C PHE A 1236 -3.92 -14.23 0.98
N LEU A 1237 -5.12 -13.97 0.45
CA LEU A 1237 -5.19 -13.46 -0.92
C LEU A 1237 -4.60 -12.07 -1.00
N GLY A 1238 -4.77 -11.27 0.07
CA GLY A 1238 -4.20 -9.94 0.07
C GLY A 1238 -2.71 -9.91 0.31
N ILE A 1239 -2.18 -10.94 0.97
CA ILE A 1239 -0.76 -10.96 1.25
C ILE A 1239 0.09 -11.78 0.29
N LEU A 1240 -0.36 -12.98 -0.06
CA LEU A 1240 0.40 -13.87 -0.92
C LEU A 1240 0.03 -14.03 -2.39
N ASP A 1241 -1.01 -13.37 -2.87
CA ASP A 1241 -1.38 -13.56 -4.27
C ASP A 1241 -0.43 -12.96 -5.30
N GLN A 1242 -0.09 -13.77 -6.30
CA GLN A 1242 0.77 -13.35 -7.40
C GLN A 1242 0.05 -13.70 -8.68
N ASP A 1243 -0.03 -12.79 -9.63
CA ASP A 1243 -0.70 -13.14 -10.88
C ASP A 1243 0.24 -13.84 -11.83
N VAL A 1244 1.44 -13.30 -12.02
CA VAL A 1244 2.56 -14.00 -12.61
C VAL A 1244 3.73 -13.81 -11.66
N ASN A 1245 4.77 -14.61 -11.82
CA ASN A 1245 5.86 -14.51 -10.87
C ASN A 1245 6.73 -13.31 -11.17
N ASP A 1246 7.77 -13.12 -10.35
CA ASP A 1246 8.56 -11.90 -10.44
C ASP A 1246 9.36 -11.85 -11.73
N THR A 1247 9.81 -13.00 -12.21
CA THR A 1247 10.53 -13.05 -13.46
C THR A 1247 9.69 -12.51 -14.60
N ILE A 1248 8.43 -12.92 -14.68
CA ILE A 1248 7.58 -12.46 -15.78
C ILE A 1248 7.23 -10.99 -15.61
N SER A 1249 7.06 -10.56 -14.36
CA SER A 1249 6.79 -9.15 -14.10
C SER A 1249 7.94 -8.28 -14.59
N LEU A 1250 9.16 -8.80 -14.58
CA LEU A 1250 10.27 -8.00 -15.11
C LEU A 1250 10.51 -8.28 -16.58
N VAL A 1251 10.01 -9.40 -17.10
CA VAL A 1251 10.16 -9.70 -18.52
C VAL A 1251 9.05 -9.05 -19.32
N VAL A 1252 7.85 -8.98 -18.76
CA VAL A 1252 6.71 -8.32 -19.39
C VAL A 1252 6.33 -7.11 -18.55
N PRO A 1253 7.05 -5.99 -18.63
CA PRO A 1253 6.69 -4.85 -17.79
C PRO A 1253 5.39 -4.20 -18.18
N GLN A 1254 4.88 -4.48 -19.37
CA GLN A 1254 3.61 -3.92 -19.81
C GLN A 1254 2.44 -4.39 -18.97
N LEU A 1255 2.61 -5.48 -18.22
CA LEU A 1255 1.60 -5.91 -17.26
C LEU A 1255 1.34 -4.83 -16.22
N TYR A 1256 2.26 -3.88 -16.09
CA TYR A 1256 2.09 -2.80 -15.15
C TYR A 1256 1.05 -1.81 -15.60
N ARG A 1257 0.81 -1.67 -16.90
CA ARG A 1257 0.00 -0.57 -17.38
C ARG A 1257 -1.39 -0.58 -16.78
N VAL A 1258 -1.87 -1.76 -16.41
CA VAL A 1258 -3.21 -1.89 -15.84
C VAL A 1258 -3.36 -0.96 -14.63
N GLY A 1259 -2.35 -0.90 -13.76
CA GLY A 1259 -2.47 -0.07 -12.58
C GLY A 1259 -2.46 1.40 -12.90
N ILE A 1260 -1.77 1.77 -13.98
CA ILE A 1260 -1.78 3.16 -14.42
C ILE A 1260 -3.16 3.54 -14.92
N LEU A 1261 -3.79 2.62 -15.64
CA LEU A 1261 -5.12 2.85 -16.20
C LEU A 1261 -6.22 2.73 -15.16
N ARG A 1262 -5.85 2.18 -14.00
CA ARG A 1262 -6.74 1.93 -12.85
C ARG A 1262 -7.88 0.96 -13.15
N LYS A 1263 -7.62 0.03 -14.05
CA LYS A 1263 -8.56 -1.00 -14.46
C LYS A 1263 -8.89 -1.97 -13.33
N GLU A 1264 -7.89 -2.34 -12.55
CA GLU A 1264 -8.06 -3.32 -11.49
C GLU A 1264 -9.05 -2.90 -10.40
N TRP A 1265 -9.01 -1.64 -9.99
CA TRP A 1265 -9.93 -1.19 -8.96
C TRP A 1265 -10.77 0.03 -9.33
N ASN A 1266 -12.09 -0.12 -9.21
CA ASN A 1266 -13.03 0.97 -9.43
C ASN A 1266 -14.13 0.86 -8.38
N GLN A 1267 -15.12 1.73 -8.48
CA GLN A 1267 -16.35 1.51 -7.73
C GLN A 1267 -17.33 0.70 -8.56
N ARG A 1268 -17.09 0.59 -9.86
CA ARG A 1268 -17.92 -0.27 -10.70
C ARG A 1268 -17.69 -1.73 -10.37
N LYS A 1269 -16.43 -2.12 -10.21
CA LYS A 1269 -16.14 -3.48 -9.78
C LYS A 1269 -16.65 -3.75 -8.38
N PHE A 1270 -16.56 -2.74 -7.49
CA PHE A 1270 -17.09 -2.90 -6.15
C PHE A 1270 -18.59 -3.13 -6.17
N LEU A 1271 -19.31 -2.39 -7.00
CA LEU A 1271 -20.76 -2.57 -7.09
C LEU A 1271 -21.10 -3.92 -7.71
N TRP A 1272 -20.28 -4.42 -8.62
CA TRP A 1272 -20.53 -5.73 -9.17
C TRP A 1272 -20.35 -6.82 -8.12
N TYR A 1273 -19.36 -6.67 -7.25
CA TYR A 1273 -19.19 -7.62 -6.17
C TYR A 1273 -20.31 -7.51 -5.14
N MET A 1274 -20.84 -6.30 -4.93
CA MET A 1274 -21.99 -6.13 -4.06
C MET A 1274 -23.21 -6.81 -4.62
N LEU A 1275 -23.41 -6.72 -5.93
CA LEU A 1275 -24.54 -7.40 -6.57
C LEU A 1275 -24.39 -8.91 -6.50
N ASP A 1276 -23.17 -9.42 -6.67
CA ASP A 1276 -22.95 -10.85 -6.52
C ASP A 1276 -23.19 -11.32 -5.08
N GLY A 1277 -22.76 -10.52 -4.11
CA GLY A 1277 -23.05 -10.87 -2.73
C GLY A 1277 -24.53 -10.84 -2.42
N LEU A 1278 -25.27 -9.92 -3.03
CA LEU A 1278 -26.72 -9.88 -2.84
C LEU A 1278 -27.38 -11.12 -3.42
N TYR A 1279 -27.03 -11.48 -4.66
CA TYR A 1279 -27.57 -12.68 -5.26
C TYR A 1279 -27.24 -13.91 -4.42
N GLN A 1280 -26.00 -14.02 -3.94
CA GLN A 1280 -25.62 -15.22 -3.22
C GLN A 1280 -26.24 -15.26 -1.84
N SER A 1281 -26.54 -14.12 -1.25
CA SER A 1281 -27.30 -14.12 0.00
C SER A 1281 -28.72 -14.62 -0.24
N ILE A 1282 -29.31 -14.23 -1.36
CA ILE A 1282 -30.61 -14.76 -1.72
C ILE A 1282 -30.56 -16.28 -1.85
N ILE A 1283 -29.53 -16.81 -2.49
CA ILE A 1283 -29.43 -18.26 -2.61
C ILE A 1283 -29.22 -18.91 -1.24
N CYS A 1284 -28.30 -18.37 -0.45
CA CYS A 1284 -27.96 -18.96 0.83
C CYS A 1284 -29.13 -18.95 1.80
N PHE A 1285 -30.00 -17.94 1.73
CA PHE A 1285 -31.15 -17.99 2.62
C PHE A 1285 -32.29 -18.79 2.02
N PHE A 1286 -32.57 -18.64 0.74
CA PHE A 1286 -33.84 -19.13 0.24
C PHE A 1286 -33.75 -20.57 -0.21
N PHE A 1287 -32.56 -21.14 -0.34
CA PHE A 1287 -32.52 -22.57 -0.60
C PHE A 1287 -32.82 -23.36 0.68
N PRO A 1288 -32.22 -23.08 1.83
CA PRO A 1288 -32.71 -23.69 3.07
C PRO A 1288 -34.15 -23.38 3.37
N TYR A 1289 -34.60 -22.15 3.15
CA TYR A 1289 -36.00 -21.85 3.39
C TYR A 1289 -36.91 -22.68 2.51
N LEU A 1290 -36.52 -22.90 1.26
CA LEU A 1290 -37.40 -23.65 0.37
C LEU A 1290 -37.32 -25.14 0.63
N VAL A 1291 -36.28 -25.57 1.34
CA VAL A 1291 -36.27 -26.95 1.83
C VAL A 1291 -37.20 -27.08 3.03
N TYR A 1292 -37.32 -26.03 3.83
CA TYR A 1292 -38.17 -26.10 5.01
C TYR A 1292 -39.63 -25.85 4.68
N HIS A 1293 -39.90 -25.04 3.66
CA HIS A 1293 -41.14 -24.27 3.62
C HIS A 1293 -42.39 -25.14 3.50
N LYS A 1294 -42.28 -26.31 2.89
CA LYS A 1294 -43.47 -27.04 2.52
C LYS A 1294 -44.17 -27.64 3.74
N ASN A 1295 -43.44 -28.34 4.58
CA ASN A 1295 -44.01 -28.89 5.79
C ASN A 1295 -43.13 -28.80 7.01
N MET A 1296 -41.97 -28.16 6.92
CA MET A 1296 -41.02 -27.95 8.01
C MET A 1296 -40.38 -29.21 8.56
N ILE A 1297 -40.55 -30.34 7.87
CA ILE A 1297 -39.89 -31.57 8.32
C ILE A 1297 -38.78 -31.83 7.34
N VAL A 1298 -37.54 -31.70 7.82
CA VAL A 1298 -36.37 -31.88 6.98
C VAL A 1298 -35.47 -33.03 7.42
N THR A 1299 -35.96 -33.90 8.29
CA THR A 1299 -35.16 -34.99 8.80
C THR A 1299 -35.76 -36.37 8.53
N SER A 1300 -34.90 -37.36 8.40
CA SER A 1300 -35.32 -38.74 8.15
C SER A 1300 -36.13 -39.32 9.31
N ASN A 1301 -35.68 -39.07 10.53
CA ASN A 1301 -36.35 -39.55 11.74
C ASN A 1301 -37.70 -38.90 11.98
N GLY A 1302 -37.90 -37.71 11.43
CA GLY A 1302 -39.14 -36.97 11.60
C GLY A 1302 -39.10 -36.05 12.79
N LEU A 1303 -37.98 -36.04 13.49
CA LEU A 1303 -37.78 -35.17 14.64
C LEU A 1303 -37.59 -33.73 14.18
N GLY A 1304 -37.93 -32.78 15.03
CA GLY A 1304 -37.84 -31.37 14.67
C GLY A 1304 -36.49 -30.67 14.57
N LEU A 1305 -36.34 -29.96 13.46
CA LEU A 1305 -35.16 -29.16 13.16
C LEU A 1305 -35.59 -27.71 12.90
N ASP A 1306 -36.79 -27.37 13.37
CA ASP A 1306 -37.43 -26.06 13.17
C ASP A 1306 -36.80 -24.79 13.74
N HIS A 1307 -35.96 -24.92 14.78
CA HIS A 1307 -35.37 -23.73 15.41
C HIS A 1307 -34.60 -22.88 14.41
N ARG A 1308 -34.73 -21.56 14.53
CA ARG A 1308 -34.10 -20.65 13.60
C ARG A 1308 -32.58 -20.75 13.62
N TYR A 1309 -32.01 -21.21 14.72
CA TYR A 1309 -30.56 -21.41 14.77
C TYR A 1309 -30.14 -22.55 13.88
N PHE A 1310 -31.03 -23.49 13.63
CA PHE A 1310 -30.70 -24.64 12.80
C PHE A 1310 -30.82 -24.30 11.32
N VAL A 1311 -31.84 -23.54 10.95
CA VAL A 1311 -31.89 -22.91 9.65
C VAL A 1311 -30.67 -22.02 9.45
N GLY A 1312 -30.22 -21.37 10.52
CA GLY A 1312 -29.04 -20.56 10.44
C GLY A 1312 -27.77 -21.37 10.21
N VAL A 1313 -27.73 -22.59 10.73
CA VAL A 1313 -26.60 -23.47 10.43
C VAL A 1313 -26.59 -23.83 8.95
N TYR A 1314 -27.75 -24.19 8.40
CA TYR A 1314 -27.85 -24.35 6.95
C TYR A 1314 -27.27 -23.16 6.21
N VAL A 1315 -27.83 -21.99 6.47
CA VAL A 1315 -27.45 -20.75 5.79
C VAL A 1315 -25.97 -20.49 5.93
N THR A 1316 -25.44 -20.64 7.14
CA THR A 1316 -24.05 -20.28 7.44
C THR A 1316 -23.07 -21.22 6.78
N THR A 1317 -23.35 -22.51 6.76
CA THR A 1317 -22.44 -23.42 6.10
C THR A 1317 -22.41 -23.14 4.60
N ILE A 1318 -23.57 -22.90 3.99
CA ILE A 1318 -23.56 -22.54 2.57
C ILE A 1318 -22.78 -21.26 2.36
N ALA A 1319 -22.99 -20.25 3.20
CA ALA A 1319 -22.31 -18.97 3.04
C ALA A 1319 -20.80 -19.11 3.18
N VAL A 1320 -20.33 -19.87 4.16
CA VAL A 1320 -18.89 -20.00 4.35
C VAL A 1320 -18.25 -20.75 3.20
N ILE A 1321 -18.82 -21.88 2.79
CA ILE A 1321 -18.14 -22.65 1.75
C ILE A 1321 -18.21 -21.92 0.41
N SER A 1322 -19.31 -21.24 0.14
CA SER A 1322 -19.39 -20.41 -1.07
C SER A 1322 -18.40 -19.26 -1.03
N CYS A 1323 -18.35 -18.54 0.08
CA CYS A 1323 -17.41 -17.43 0.25
C CYS A 1323 -15.97 -17.88 0.03
N ASN A 1324 -15.58 -19.00 0.63
CA ASN A 1324 -14.19 -19.41 0.56
C ASN A 1324 -13.84 -19.97 -0.81
N THR A 1325 -14.77 -20.68 -1.45
CA THR A 1325 -14.49 -21.16 -2.79
C THR A 1325 -14.45 -20.02 -3.79
N TYR A 1326 -15.28 -19.00 -3.60
CA TYR A 1326 -15.22 -17.80 -4.42
C TYR A 1326 -13.87 -17.10 -4.29
N VAL A 1327 -13.39 -16.95 -3.06
CA VAL A 1327 -12.08 -16.37 -2.83
C VAL A 1327 -10.99 -17.21 -3.50
N LEU A 1328 -11.13 -18.53 -3.46
CA LEU A 1328 -10.11 -19.38 -4.08
C LEU A 1328 -10.16 -19.30 -5.60
N LEU A 1329 -11.34 -19.09 -6.17
CA LEU A 1329 -11.45 -19.00 -7.62
C LEU A 1329 -10.94 -17.67 -8.13
N HIS A 1330 -10.95 -16.64 -7.29
CA HIS A 1330 -10.42 -15.36 -7.73
C HIS A 1330 -8.95 -15.23 -7.37
N GLN A 1331 -8.33 -16.31 -6.96
CA GLN A 1331 -6.89 -16.33 -6.77
C GLN A 1331 -6.21 -16.79 -8.05
N TYR A 1332 -5.13 -16.10 -8.40
CA TYR A 1332 -4.34 -16.49 -9.57
C TYR A 1332 -3.46 -17.68 -9.26
N ARG A 1333 -2.77 -17.64 -8.14
CA ARG A 1333 -1.82 -18.65 -7.73
C ARG A 1333 -2.43 -19.48 -6.61
N TRP A 1334 -2.36 -20.80 -6.74
CA TRP A 1334 -2.86 -21.70 -5.74
C TRP A 1334 -1.67 -22.38 -5.06
N ASP A 1335 -1.20 -21.80 -3.98
CA ASP A 1335 -0.07 -22.35 -3.25
C ASP A 1335 -0.59 -23.22 -2.12
N TRP A 1336 0.31 -24.03 -1.57
CA TRP A 1336 -0.10 -24.95 -0.53
C TRP A 1336 -0.50 -24.21 0.74
N PHE A 1337 0.02 -23.00 0.94
CA PHE A 1337 -0.23 -22.26 2.16
C PHE A 1337 -1.65 -21.68 2.20
N SER A 1338 -1.97 -20.85 1.21
CA SER A 1338 -3.29 -20.26 1.12
C SER A 1338 -4.36 -21.32 0.95
N GLY A 1339 -4.07 -22.36 0.17
CA GLY A 1339 -5.03 -23.45 0.02
C GLY A 1339 -5.25 -24.21 1.31
N LEU A 1340 -4.18 -24.45 2.06
CA LEU A 1340 -4.31 -25.08 3.36
C LEU A 1340 -5.22 -24.27 4.27
N PHE A 1341 -5.11 -22.94 4.23
CA PHE A 1341 -5.91 -22.16 5.15
C PHE A 1341 -7.34 -21.95 4.66
N ILE A 1342 -7.57 -22.09 3.36
CA ILE A 1342 -8.94 -22.12 2.86
C ILE A 1342 -9.65 -23.40 3.32
N ALA A 1343 -8.98 -24.53 3.14
CA ALA A 1343 -9.53 -25.80 3.63
C ALA A 1343 -9.76 -25.74 5.13
N LEU A 1344 -8.86 -25.09 5.85
CA LEU A 1344 -9.01 -24.99 7.30
C LEU A 1344 -10.20 -24.14 7.68
N SER A 1345 -10.46 -23.06 6.95
CA SER A 1345 -11.61 -22.22 7.26
C SER A 1345 -12.92 -22.97 7.13
N CYS A 1346 -13.07 -23.74 6.05
CA CYS A 1346 -14.29 -24.54 5.92
C CYS A 1346 -14.39 -25.62 7.02
N LEU A 1347 -13.31 -26.37 7.20
CA LEU A 1347 -13.31 -27.34 8.29
C LEU A 1347 -13.65 -26.68 9.61
N VAL A 1348 -13.27 -25.43 9.79
CA VAL A 1348 -13.43 -24.76 11.07
C VAL A 1348 -14.89 -24.44 11.32
N VAL A 1349 -15.63 -24.09 10.28
CA VAL A 1349 -17.07 -23.94 10.47
C VAL A 1349 -17.68 -25.24 10.97
N PHE A 1350 -17.37 -26.35 10.30
CA PHE A 1350 -17.95 -27.62 10.73
C PHE A 1350 -17.50 -27.99 12.14
N ALA A 1351 -16.22 -27.78 12.44
CA ALA A 1351 -15.66 -28.20 13.71
C ALA A 1351 -16.16 -27.35 14.85
N TRP A 1352 -16.38 -26.06 14.62
CA TRP A 1352 -16.96 -25.22 15.65
C TRP A 1352 -18.38 -25.62 15.94
N THR A 1353 -19.20 -25.79 14.90
CA THR A 1353 -20.56 -26.26 15.15
C THR A 1353 -20.55 -27.53 15.98
N GLY A 1354 -19.70 -28.49 15.62
CA GLY A 1354 -19.61 -29.71 16.41
C GLY A 1354 -19.21 -29.50 17.84
N ILE A 1355 -18.10 -28.82 18.07
CA ILE A 1355 -17.55 -28.66 19.41
C ILE A 1355 -18.49 -27.85 20.30
N TRP A 1356 -19.03 -26.76 19.78
CA TRP A 1356 -19.92 -25.92 20.56
C TRP A 1356 -21.26 -26.60 20.81
N SER A 1357 -21.82 -27.28 19.80
CA SER A 1357 -23.07 -27.97 20.01
C SER A 1357 -22.93 -29.07 21.06
N SER A 1358 -21.89 -29.87 20.98
CA SER A 1358 -21.73 -30.96 21.93
C SER A 1358 -21.82 -30.50 23.39
N ALA A 1359 -21.72 -29.19 23.62
CA ALA A 1359 -21.80 -28.65 24.98
C ALA A 1359 -23.21 -28.19 25.32
N ILE A 1360 -23.55 -28.38 26.59
CA ILE A 1360 -24.83 -27.96 27.16
C ILE A 1360 -24.87 -26.44 27.28
N ALA A 1361 -23.69 -25.81 27.14
CA ALA A 1361 -23.55 -24.36 27.24
C ALA A 1361 -24.36 -23.65 26.16
N SER A 1362 -24.42 -24.22 24.96
CA SER A 1362 -25.23 -23.64 23.90
C SER A 1362 -26.59 -24.24 24.17
N ARG A 1363 -27.49 -23.47 24.76
CA ARG A 1363 -28.80 -23.98 25.14
C ARG A 1363 -29.78 -24.48 24.08
N GLU A 1364 -30.01 -23.73 23.01
CA GLU A 1364 -30.95 -24.16 21.99
C GLU A 1364 -30.27 -24.71 20.75
N PHE A 1365 -28.95 -24.64 20.78
CA PHE A 1365 -28.09 -25.10 19.71
C PHE A 1365 -27.41 -26.35 20.24
N PHE A 1366 -27.99 -26.92 21.28
CA PHE A 1366 -27.35 -28.01 22.01
C PHE A 1366 -26.96 -29.21 21.14
N LYS A 1367 -27.68 -29.55 20.09
CA LYS A 1367 -27.13 -30.62 19.26
C LYS A 1367 -27.23 -30.32 17.78
N ALA A 1368 -27.05 -29.06 17.40
CA ALA A 1368 -27.19 -28.68 16.01
C ALA A 1368 -26.27 -29.48 15.10
N ALA A 1369 -25.07 -29.78 15.56
CA ALA A 1369 -24.15 -30.52 14.71
C ALA A 1369 -24.67 -31.92 14.45
N ALA A 1370 -24.94 -32.69 15.50
CA ALA A 1370 -25.41 -34.05 15.32
C ALA A 1370 -26.67 -34.10 14.47
N ARG A 1371 -27.67 -33.31 14.84
CA ARG A 1371 -28.97 -33.38 14.20
C ARG A 1371 -28.95 -32.84 12.78
N ILE A 1372 -28.13 -31.82 12.52
CA ILE A 1372 -28.16 -31.17 11.22
C ILE A 1372 -27.20 -31.86 10.27
N TYR A 1373 -25.98 -32.15 10.71
CA TYR A 1373 -25.03 -32.81 9.83
C TYR A 1373 -25.34 -34.27 9.67
N GLY A 1374 -26.27 -34.80 10.48
CA GLY A 1374 -26.75 -36.15 10.23
C GLY A 1374 -27.92 -36.19 9.27
N ALA A 1375 -28.38 -35.03 8.83
CA ALA A 1375 -29.54 -34.98 7.95
C ALA A 1375 -29.10 -34.97 6.50
N PRO A 1376 -29.62 -35.87 5.66
CA PRO A 1376 -29.31 -35.79 4.22
C PRO A 1376 -29.86 -34.55 3.55
N SER A 1377 -30.89 -33.94 4.14
CA SER A 1377 -31.42 -32.69 3.65
C SER A 1377 -30.35 -31.61 3.63
N PHE A 1378 -29.56 -31.54 4.69
CA PHE A 1378 -28.53 -30.53 4.78
C PHE A 1378 -27.54 -30.66 3.65
N TRP A 1379 -27.10 -31.88 3.36
CA TRP A 1379 -26.10 -32.09 2.34
C TRP A 1379 -26.66 -31.86 0.95
N ALA A 1380 -27.91 -32.24 0.72
CA ALA A 1380 -28.55 -31.95 -0.56
C ALA A 1380 -28.58 -30.45 -0.83
N VAL A 1381 -29.14 -29.68 0.09
CA VAL A 1381 -29.17 -28.23 -0.12
C VAL A 1381 -27.76 -27.68 -0.19
N PHE A 1382 -26.85 -28.25 0.59
CA PHE A 1382 -25.49 -27.75 0.63
C PHE A 1382 -24.87 -27.75 -0.74
N PHE A 1383 -24.86 -28.90 -1.40
CA PHE A 1383 -24.19 -28.99 -2.68
C PHE A 1383 -24.92 -28.17 -3.74
N VAL A 1384 -26.25 -28.23 -3.78
CA VAL A 1384 -26.89 -27.50 -4.87
C VAL A 1384 -26.82 -25.99 -4.66
N ALA A 1385 -26.79 -25.54 -3.40
CA ALA A 1385 -26.73 -24.11 -3.14
C ALA A 1385 -25.34 -23.57 -3.41
N VAL A 1386 -24.30 -24.33 -3.08
CA VAL A 1386 -22.97 -23.89 -3.45
C VAL A 1386 -22.82 -23.81 -4.96
N LEU A 1387 -23.40 -24.78 -5.68
CA LEU A 1387 -23.42 -24.71 -7.14
C LEU A 1387 -24.10 -23.45 -7.64
N PHE A 1388 -25.29 -23.14 -7.13
CA PHE A 1388 -26.03 -21.99 -7.64
C PHE A 1388 -25.39 -20.68 -7.22
N CYS A 1389 -24.63 -20.68 -6.13
CA CYS A 1389 -23.92 -19.47 -5.74
C CYS A 1389 -22.73 -19.23 -6.63
N LEU A 1390 -21.94 -20.27 -6.91
CA LEU A 1390 -20.68 -20.05 -7.61
C LEU A 1390 -20.85 -20.08 -9.12
N LEU A 1391 -21.96 -20.60 -9.62
CA LEU A 1391 -22.05 -20.84 -11.06
C LEU A 1391 -22.15 -19.57 -11.90
N PRO A 1392 -22.98 -18.58 -11.60
CA PRO A 1392 -23.03 -17.40 -12.47
C PRO A 1392 -21.69 -16.70 -12.62
N ARG A 1393 -20.96 -16.53 -11.52
CA ARG A 1393 -19.69 -15.84 -11.59
C ARG A 1393 -18.64 -16.66 -12.30
N PHE A 1394 -18.60 -17.97 -12.06
CA PHE A 1394 -17.64 -18.81 -12.76
C PHE A 1394 -17.91 -18.82 -14.25
N THR A 1395 -19.19 -18.80 -14.64
CA THR A 1395 -19.51 -18.78 -16.06
C THR A 1395 -19.14 -17.45 -16.68
N TYR A 1396 -19.37 -16.35 -15.97
CA TYR A 1396 -18.90 -15.06 -16.46
C TYR A 1396 -17.39 -15.06 -16.61
N ASP A 1397 -16.67 -15.61 -15.64
CA ASP A 1397 -15.21 -15.61 -15.69
C ASP A 1397 -14.70 -16.45 -16.84
N SER A 1398 -15.36 -17.57 -17.12
CA SER A 1398 -14.93 -18.40 -18.24
C SER A 1398 -15.24 -17.73 -19.56
N PHE A 1399 -16.43 -17.18 -19.72
CA PHE A 1399 -16.75 -16.43 -20.93
C PHE A 1399 -15.81 -15.25 -21.11
N GLN A 1400 -15.31 -14.69 -20.02
CA GLN A 1400 -14.40 -13.56 -20.12
C GLN A 1400 -13.00 -14.01 -20.51
N LYS A 1401 -12.48 -15.04 -19.84
CA LYS A 1401 -11.15 -15.55 -20.17
C LYS A 1401 -11.10 -16.09 -21.57
N PHE A 1402 -12.23 -16.59 -22.09
CA PHE A 1402 -12.20 -17.25 -23.39
C PHE A 1402 -12.27 -16.24 -24.52
N PHE A 1403 -13.09 -15.20 -24.37
CA PHE A 1403 -13.40 -14.34 -25.49
C PHE A 1403 -12.91 -12.91 -25.33
N TYR A 1404 -12.72 -12.44 -24.11
CA TYR A 1404 -12.16 -11.12 -23.85
C TYR A 1404 -11.11 -11.22 -22.78
N PRO A 1405 -10.02 -11.94 -23.04
CA PRO A 1405 -9.01 -12.13 -22.00
C PRO A 1405 -8.21 -10.87 -21.76
N THR A 1406 -7.83 -10.68 -20.51
CA THR A 1406 -6.94 -9.59 -20.15
C THR A 1406 -5.51 -9.98 -20.48
N ASP A 1407 -4.61 -9.01 -20.41
CA ASP A 1407 -3.24 -9.26 -20.80
C ASP A 1407 -2.56 -10.21 -19.84
N VAL A 1408 -2.92 -10.17 -18.56
CA VAL A 1408 -2.33 -11.11 -17.62
C VAL A 1408 -2.84 -12.52 -17.89
N GLU A 1409 -4.09 -12.66 -18.34
CA GLU A 1409 -4.61 -13.97 -18.70
C GLU A 1409 -3.86 -14.54 -19.91
N ILE A 1410 -3.64 -13.73 -20.94
CA ILE A 1410 -2.86 -14.17 -22.10
C ILE A 1410 -1.45 -14.53 -21.68
N VAL A 1411 -0.87 -13.76 -20.78
CA VAL A 1411 0.51 -13.99 -20.38
C VAL A 1411 0.62 -15.27 -19.54
N ARG A 1412 -0.42 -15.59 -18.77
CA ARG A 1412 -0.41 -16.84 -18.03
C ARG A 1412 -0.60 -18.03 -18.96
N GLU A 1413 -1.37 -17.85 -20.02
CA GLU A 1413 -1.46 -18.90 -21.02
C GLU A 1413 -0.12 -19.12 -21.71
N MET A 1414 0.57 -18.03 -22.07
CA MET A 1414 1.92 -18.16 -22.63
C MET A 1414 2.87 -18.78 -21.63
N TRP A 1415 2.64 -18.53 -20.34
CA TRP A 1415 3.46 -19.12 -19.29
C TRP A 1415 3.29 -20.62 -19.25
N GLN A 1416 2.05 -21.10 -19.40
CA GLN A 1416 1.80 -22.54 -19.37
C GLN A 1416 2.38 -23.25 -20.58
N HIS A 1417 2.54 -22.55 -21.69
CA HIS A 1417 3.11 -23.13 -22.90
C HIS A 1417 4.61 -22.97 -22.97
N GLY A 1418 5.24 -22.50 -21.90
CA GLY A 1418 6.68 -22.51 -21.80
C GLY A 1418 7.39 -21.32 -22.42
N HIS A 1419 6.72 -20.19 -22.58
CA HIS A 1419 7.38 -19.04 -23.20
C HIS A 1419 8.42 -18.44 -22.27
N PHE A 1420 8.32 -18.71 -20.97
CA PHE A 1420 9.20 -18.13 -19.97
C PHE A 1420 9.98 -19.18 -19.21
N ASP A 1421 10.23 -20.33 -19.82
CA ASP A 1421 10.87 -21.42 -19.10
C ASP A 1421 12.38 -21.27 -19.11
N HIS A 1422 12.91 -20.43 -20.00
CA HIS A 1422 14.36 -20.30 -20.11
C HIS A 1422 14.90 -19.24 -19.16
N TYR A 1423 14.03 -18.56 -18.43
CA TYR A 1423 14.48 -17.54 -17.51
C TYR A 1423 14.70 -18.15 -16.13
N PRO A 1424 15.79 -17.82 -15.45
CA PRO A 1424 16.05 -18.36 -14.12
C PRO A 1424 15.05 -17.84 -13.11
N PRO A 1425 14.94 -18.47 -11.93
CA PRO A 1425 13.88 -18.06 -10.98
C PRO A 1425 14.01 -16.63 -10.49
N GLY A 1426 15.13 -16.25 -9.90
CA GLY A 1426 15.29 -14.86 -9.55
C GLY A 1426 16.04 -14.12 -10.62
N TYR A 1427 15.32 -13.48 -11.53
CA TYR A 1427 15.91 -12.94 -12.74
C TYR A 1427 15.81 -11.43 -12.72
N ASP A 1428 16.95 -10.76 -12.59
CA ASP A 1428 17.05 -9.32 -12.57
C ASP A 1428 17.53 -8.86 -13.94
N PRO A 1429 16.66 -8.30 -14.77
CA PRO A 1429 17.13 -7.81 -16.08
C PRO A 1429 17.91 -6.53 -16.00
N THR A 1430 18.03 -5.95 -14.79
CA THR A 1430 18.73 -4.68 -14.59
C THR A 1430 20.10 -4.93 -13.96
N ASP A 1431 20.38 -6.19 -13.70
CA ASP A 1431 21.60 -6.57 -13.01
C ASP A 1431 22.75 -6.66 -13.99
N PRO A 1432 23.87 -5.99 -13.74
CA PRO A 1432 25.01 -6.10 -14.67
C PRO A 1432 25.64 -7.48 -14.68
N ASN A 1433 25.81 -8.11 -13.52
CA ASN A 1433 26.30 -9.49 -13.45
C ASN A 1433 25.15 -10.48 -13.64
N ARG A 1434 24.68 -10.53 -14.84
CA ARG A 1434 23.46 -11.24 -15.14
C ARG A 1434 23.76 -12.45 -16.02
N PRO A 1435 23.28 -13.64 -15.65
CA PRO A 1435 23.51 -14.81 -16.50
C PRO A 1435 22.75 -14.71 -17.80
N LYS A 1436 23.42 -15.03 -18.90
CA LYS A 1436 22.83 -14.93 -20.23
C LYS A 1436 21.64 -15.86 -20.37
N VAL A 1437 20.54 -15.34 -20.87
CA VAL A 1437 19.32 -16.12 -21.06
C VAL A 1437 19.32 -16.68 -22.47
N THR A 1438 18.87 -17.94 -22.60
CA THR A 1438 18.95 -18.69 -23.84
C THR A 1438 18.43 -17.90 -25.05
N LYS A 1439 17.17 -17.49 -25.01
CA LYS A 1439 16.60 -16.73 -26.09
C LYS A 1439 16.26 -15.30 -25.65
N SER B 36 48.24 23.53 19.88
CA SER B 36 47.77 23.32 21.24
C SER B 36 46.44 22.58 21.25
N GLU B 37 45.35 23.32 21.34
CA GLU B 37 44.02 22.73 21.35
C GLU B 37 43.76 21.98 20.04
N PHE B 38 44.18 22.60 18.93
CA PHE B 38 43.99 21.98 17.62
C PHE B 38 44.78 20.68 17.54
N GLU B 39 46.01 20.70 18.07
CA GLU B 39 46.84 19.51 18.06
C GLU B 39 46.19 18.41 18.89
N GLU B 40 45.62 18.78 20.03
CA GLU B 40 44.97 17.80 20.89
C GLU B 40 43.78 17.18 20.17
N ASP B 41 43.01 18.03 19.47
CA ASP B 41 41.85 17.55 18.75
C ASP B 41 42.28 16.58 17.65
N GLU B 42 43.37 16.92 16.96
CA GLU B 42 43.88 16.07 15.89
C GLU B 42 44.31 14.72 16.46
N VAL B 43 44.96 14.76 17.62
CA VAL B 43 45.42 13.54 18.29
C VAL B 43 44.24 12.66 18.67
N LYS B 44 43.16 13.29 19.13
CA LYS B 44 41.97 12.55 19.52
C LYS B 44 41.08 12.24 18.32
N ASN B 50 25.41 -9.49 9.41
CA ASN B 50 24.92 -8.55 8.42
C ASN B 50 23.40 -8.52 8.39
N ARG B 51 22.83 -7.80 7.43
CA ARG B 51 21.40 -7.59 7.37
C ARG B 51 20.75 -8.34 6.21
N ARG B 52 21.45 -9.27 5.60
CA ARG B 52 20.91 -9.95 4.43
C ARG B 52 19.68 -10.74 4.82
N PRO B 53 18.54 -10.56 4.14
CA PRO B 53 17.33 -11.25 4.54
C PRO B 53 17.46 -12.75 4.36
N LYS B 54 16.71 -13.49 5.15
CA LYS B 54 16.82 -14.92 5.06
C LYS B 54 16.22 -15.41 3.76
N GLU B 55 17.06 -16.10 2.99
CA GLU B 55 16.64 -16.73 1.75
C GLU B 55 15.86 -17.99 2.10
N ASP B 56 14.64 -18.07 1.62
CA ASP B 56 13.71 -19.10 2.00
C ASP B 56 12.52 -19.01 1.07
N ALA B 57 11.95 -20.15 0.73
CA ALA B 57 10.82 -20.14 -0.20
C ALA B 57 9.69 -19.25 0.30
N PHE B 58 9.54 -19.14 1.62
CA PHE B 58 8.43 -18.37 2.14
C PHE B 58 8.72 -16.87 2.09
N THR B 59 9.88 -16.46 2.59
CA THR B 59 10.18 -15.04 2.66
C THR B 59 10.48 -14.45 1.29
N GLN B 60 10.90 -15.29 0.35
CA GLN B 60 11.13 -14.85 -1.01
C GLN B 60 9.93 -15.04 -1.90
N GLN B 61 8.80 -15.42 -1.34
CA GLN B 61 7.53 -15.54 -2.05
C GLN B 61 7.60 -16.52 -3.20
N ARG B 62 8.32 -17.62 -2.99
CA ARG B 62 8.48 -18.65 -4.00
C ARG B 62 7.93 -19.99 -3.53
N LEU B 63 6.74 -20.00 -2.97
CA LEU B 63 6.14 -21.23 -2.49
C LEU B 63 5.70 -22.10 -3.65
N ALA B 64 5.66 -23.41 -3.41
CA ALA B 64 5.20 -24.35 -4.42
C ALA B 64 3.71 -24.14 -4.69
N ALA B 65 3.35 -24.03 -5.96
CA ALA B 65 2.00 -23.64 -6.30
C ALA B 65 1.68 -24.09 -7.71
N ILE B 66 0.39 -24.23 -7.98
CA ILE B 66 -0.12 -24.41 -9.33
C ILE B 66 -0.76 -23.10 -9.75
N ASN B 67 -0.61 -22.76 -11.02
CA ASN B 67 -1.26 -21.60 -11.56
C ASN B 67 -2.33 -22.05 -12.54
N PRO B 68 -3.57 -22.16 -12.13
CA PRO B 68 -4.60 -22.70 -13.02
C PRO B 68 -5.06 -21.71 -14.07
N VAL B 69 -4.80 -21.99 -15.33
CA VAL B 69 -5.34 -21.19 -16.43
C VAL B 69 -6.49 -21.98 -17.02
N LEU B 70 -7.67 -21.37 -17.02
CA LEU B 70 -8.87 -22.06 -17.47
C LEU B 70 -9.03 -21.91 -18.98
N THR B 71 -9.02 -23.04 -19.67
CA THR B 71 -9.20 -23.09 -21.11
C THR B 71 -10.43 -23.94 -21.39
N PRO B 72 -11.02 -23.83 -22.57
CA PRO B 72 -12.27 -24.57 -22.81
C PRO B 72 -12.14 -26.07 -22.66
N ARG B 73 -10.98 -26.65 -22.95
CA ARG B 73 -10.85 -28.10 -22.90
C ARG B 73 -10.75 -28.60 -21.48
N THR B 74 -10.62 -27.70 -20.51
CA THR B 74 -10.64 -28.12 -19.12
C THR B 74 -11.92 -27.69 -18.43
N VAL B 75 -12.57 -26.65 -18.94
CA VAL B 75 -13.77 -26.13 -18.30
C VAL B 75 -15.01 -26.84 -18.79
N LEU B 76 -15.11 -27.07 -20.10
CA LEU B 76 -16.31 -27.72 -20.64
C LEU B 76 -16.53 -29.12 -20.10
N PRO B 77 -15.50 -29.96 -19.93
CA PRO B 77 -15.75 -31.24 -19.25
C PRO B 77 -16.24 -31.10 -17.83
N LEU B 78 -15.77 -30.10 -17.09
CA LEU B 78 -16.29 -29.86 -15.74
C LEU B 78 -17.77 -29.50 -15.79
N TYR B 79 -18.15 -28.61 -16.70
CA TYR B 79 -19.55 -28.26 -16.85
C TYR B 79 -20.40 -29.49 -17.13
N LEU B 80 -19.91 -30.38 -18.00
CA LEU B 80 -20.71 -31.56 -18.36
C LEU B 80 -20.75 -32.58 -17.23
N LEU B 81 -19.68 -32.64 -16.45
CA LEU B 81 -19.63 -33.56 -15.31
C LEU B 81 -20.70 -33.13 -14.31
N ILE B 82 -20.67 -31.86 -13.95
CA ILE B 82 -21.66 -31.30 -13.03
C ILE B 82 -23.06 -31.45 -13.57
N ALA B 83 -23.27 -31.11 -14.85
CA ALA B 83 -24.60 -31.23 -15.43
C ALA B 83 -25.11 -32.66 -15.36
N VAL B 84 -24.35 -33.59 -15.92
CA VAL B 84 -24.78 -34.98 -16.00
C VAL B 84 -25.21 -35.47 -14.63
N VAL B 85 -24.45 -35.15 -13.58
CA VAL B 85 -24.77 -35.89 -12.38
C VAL B 85 -25.62 -35.09 -11.40
N PHE B 86 -25.67 -33.77 -11.55
CA PHE B 86 -26.75 -33.06 -10.89
C PHE B 86 -28.08 -33.49 -11.46
N VAL B 87 -28.08 -33.92 -12.72
CA VAL B 87 -29.31 -34.48 -13.31
C VAL B 87 -29.58 -35.89 -12.80
N ILE B 88 -28.54 -36.73 -12.69
CA ILE B 88 -28.74 -38.02 -12.00
C ILE B 88 -29.42 -37.77 -10.66
N VAL B 89 -28.82 -36.90 -9.84
CA VAL B 89 -29.27 -36.73 -8.46
C VAL B 89 -30.67 -36.12 -8.42
N GLY B 90 -30.94 -35.14 -9.28
CA GLY B 90 -32.27 -34.55 -9.29
C GLY B 90 -33.34 -35.53 -9.69
N GLY B 91 -33.04 -36.38 -10.69
CA GLY B 91 -34.00 -37.40 -11.07
C GLY B 91 -34.25 -38.41 -9.96
N CYS B 92 -33.19 -38.85 -9.29
CA CYS B 92 -33.37 -39.80 -8.20
C CYS B 92 -34.13 -39.17 -7.04
N ILE B 93 -33.85 -37.90 -6.73
CA ILE B 93 -34.56 -37.21 -5.67
C ILE B 93 -36.03 -37.06 -6.01
N LEU B 94 -36.33 -36.67 -7.24
CA LEU B 94 -37.73 -36.50 -7.63
C LEU B 94 -38.46 -37.84 -7.65
N ALA B 95 -37.78 -38.88 -8.07
CA ALA B 95 -38.37 -40.21 -8.06
C ALA B 95 -38.71 -40.65 -6.64
N GLN B 96 -37.76 -40.49 -5.72
CA GLN B 96 -38.01 -40.91 -4.34
C GLN B 96 -38.97 -39.96 -3.64
N ASN B 97 -39.16 -38.76 -4.18
CA ASN B 97 -40.10 -37.82 -3.58
C ASN B 97 -41.52 -38.09 -4.01
N SER B 98 -41.69 -38.62 -5.23
CA SER B 98 -43.03 -38.97 -5.67
C SER B 98 -43.64 -40.08 -4.81
N LYS B 99 -42.80 -40.91 -4.20
CA LYS B 99 -43.30 -42.02 -3.41
C LYS B 99 -43.83 -41.59 -2.06
N VAL B 100 -43.69 -40.31 -1.70
CA VAL B 100 -44.12 -39.87 -0.40
C VAL B 100 -45.60 -39.56 -0.42
N ASP B 101 -46.36 -40.27 0.39
CA ASP B 101 -47.81 -40.10 0.48
C ASP B 101 -48.15 -39.53 1.85
N GLU B 102 -49.07 -38.58 1.88
CA GLU B 102 -49.33 -37.82 3.08
C GLU B 102 -50.80 -37.45 3.18
N VAL B 103 -51.22 -37.12 4.40
CA VAL B 103 -52.57 -36.70 4.71
C VAL B 103 -52.50 -35.42 5.51
N THR B 104 -53.19 -34.38 5.09
CA THR B 104 -53.25 -33.15 5.85
C THR B 104 -54.69 -32.74 6.01
N ILE B 105 -55.11 -32.44 7.24
CA ILE B 105 -56.47 -31.99 7.52
C ILE B 105 -56.42 -30.85 8.52
N TYR B 106 -56.96 -29.70 8.13
CA TYR B 106 -57.08 -28.56 9.02
C TYR B 106 -58.45 -28.60 9.69
N TYR B 107 -58.45 -28.74 11.02
CA TYR B 107 -59.68 -28.92 11.79
C TYR B 107 -60.02 -27.70 12.63
N GLN B 108 -59.49 -26.54 12.29
CA GLN B 108 -59.70 -25.37 13.14
C GLN B 108 -61.14 -24.90 13.11
N ASP B 109 -61.87 -25.26 12.07
CA ASP B 109 -63.26 -24.88 11.92
C ASP B 109 -64.22 -25.98 12.32
N CYS B 110 -63.85 -26.82 13.28
CA CYS B 110 -64.64 -27.99 13.61
C CYS B 110 -65.77 -27.65 14.56
N MET B 111 -65.59 -26.63 15.41
CA MET B 111 -66.62 -26.31 16.38
C MET B 111 -67.85 -25.76 15.70
N THR B 112 -67.66 -25.08 14.58
CA THR B 112 -68.76 -24.33 13.98
C THR B 112 -69.23 -24.98 12.68
N ASN B 113 -68.30 -25.47 11.86
CA ASN B 113 -68.72 -26.09 10.61
C ASN B 113 -69.14 -27.54 10.77
N ALA B 114 -68.47 -28.28 11.64
CA ALA B 114 -68.89 -29.65 11.84
C ALA B 114 -70.18 -29.70 12.63
N THR B 115 -70.92 -30.79 12.48
CA THR B 115 -72.18 -30.98 13.20
C THR B 115 -72.04 -32.18 14.11
N SER B 116 -73.14 -32.54 14.75
CA SER B 116 -73.15 -33.73 15.60
C SER B 116 -73.21 -35.00 14.77
N SER B 117 -73.56 -34.88 13.50
CA SER B 117 -73.60 -36.04 12.62
C SER B 117 -72.44 -36.01 11.64
N TRP B 118 -72.09 -37.19 11.12
CA TRP B 118 -70.90 -37.30 10.28
C TRP B 118 -71.11 -36.58 8.95
N SER B 119 -70.20 -35.68 8.63
CA SER B 119 -70.32 -34.79 7.50
C SER B 119 -68.97 -34.65 6.82
N ASP B 120 -68.99 -34.53 5.50
CA ASP B 120 -67.75 -34.38 4.76
C ASP B 120 -67.06 -33.08 5.13
N ILE B 121 -65.74 -33.12 5.22
CA ILE B 121 -64.93 -31.92 5.44
C ILE B 121 -64.90 -31.13 4.14
N PRO B 122 -65.14 -29.83 4.18
CA PRO B 122 -64.97 -29.00 2.99
C PRO B 122 -63.61 -29.17 2.35
N SER B 123 -63.56 -29.01 1.03
CA SER B 123 -62.36 -29.36 0.29
C SER B 123 -61.18 -28.48 0.64
N GLU B 124 -61.45 -27.31 1.21
CA GLU B 124 -60.38 -26.35 1.47
C GLU B 124 -59.53 -26.78 2.65
N HIS B 125 -59.96 -27.82 3.36
CA HIS B 125 -59.36 -28.11 4.66
C HIS B 125 -58.43 -29.30 4.59
N TRP B 126 -58.57 -30.15 3.58
CA TRP B 126 -57.77 -31.36 3.51
C TRP B 126 -57.01 -31.42 2.20
N GLN B 127 -55.90 -32.14 2.23
CA GLN B 127 -55.10 -32.47 1.07
C GLN B 127 -54.57 -33.88 1.26
N PHE B 128 -54.89 -34.77 0.33
CA PHE B 128 -54.39 -36.13 0.35
C PHE B 128 -53.41 -36.27 -0.80
N VAL B 129 -52.31 -36.98 -0.57
CA VAL B 129 -51.38 -37.28 -1.64
C VAL B 129 -51.02 -38.75 -1.55
N PHE B 130 -51.61 -39.55 -2.43
CA PHE B 130 -51.24 -40.95 -2.55
C PHE B 130 -50.81 -41.17 -3.99
N HIS B 131 -49.63 -41.74 -4.17
CA HIS B 131 -49.05 -41.79 -5.51
C HIS B 131 -49.57 -42.96 -6.32
N LYS B 132 -49.99 -44.04 -5.69
CA LYS B 132 -50.63 -45.11 -6.44
C LYS B 132 -52.03 -44.70 -6.88
N TYR B 133 -52.61 -43.69 -6.21
CA TYR B 133 -53.99 -43.28 -6.41
C TYR B 133 -54.02 -41.76 -6.54
N LYS B 134 -53.86 -41.24 -7.75
CA LYS B 134 -53.74 -39.80 -7.91
C LYS B 134 -55.11 -39.12 -7.98
N THR B 135 -56.18 -39.91 -8.02
CA THR B 135 -57.51 -39.36 -8.25
C THR B 135 -58.47 -39.69 -7.12
N TYR B 136 -57.95 -39.63 -5.90
CA TYR B 136 -58.66 -40.00 -4.67
C TYR B 136 -59.98 -39.33 -4.27
N ASN B 137 -59.99 -38.00 -4.18
CA ASN B 137 -61.17 -37.24 -3.73
C ASN B 137 -61.64 -37.82 -2.39
N THR B 138 -62.58 -38.75 -2.43
CA THR B 138 -63.03 -39.44 -1.19
C THR B 138 -62.82 -38.59 0.07
N ALA B 139 -63.54 -37.47 0.14
CA ALA B 139 -63.36 -36.51 1.21
C ALA B 139 -63.42 -37.17 2.59
N PRO B 140 -62.65 -36.66 3.54
CA PRO B 140 -62.80 -37.13 4.93
C PRO B 140 -64.04 -36.54 5.56
N GLN B 141 -64.42 -37.08 6.71
CA GLN B 141 -65.58 -36.62 7.44
C GLN B 141 -65.16 -36.10 8.80
N TRP B 142 -65.98 -35.25 9.39
CA TRP B 142 -65.74 -34.80 10.74
C TRP B 142 -67.04 -34.63 11.49
N ARG B 143 -66.93 -34.63 12.80
CA ARG B 143 -68.07 -34.58 13.69
C ARG B 143 -67.66 -33.81 14.94
N PHE B 144 -68.52 -32.93 15.41
CA PHE B 144 -68.24 -32.14 16.58
C PHE B 144 -69.08 -32.64 17.74
N VAL B 145 -68.42 -33.09 18.79
CA VAL B 145 -69.07 -33.51 20.03
C VAL B 145 -68.81 -32.44 21.07
N ASP B 146 -69.85 -31.68 21.42
CA ASP B 146 -69.70 -30.52 22.28
C ASP B 146 -69.56 -30.96 23.72
N ASP B 147 -68.96 -30.11 24.55
CA ASP B 147 -68.76 -30.36 25.96
C ASP B 147 -69.24 -29.18 26.77
N GLU B 148 -70.51 -29.21 27.18
CA GLU B 148 -71.06 -28.06 27.90
C GLU B 148 -70.53 -27.96 29.31
N SER B 149 -69.89 -29.01 29.82
CA SER B 149 -69.25 -28.94 31.12
C SER B 149 -68.09 -27.93 31.11
N ASP B 150 -67.38 -27.85 30.00
CA ASP B 150 -66.28 -26.89 29.87
C ASP B 150 -66.81 -25.49 29.63
N ASP B 151 -66.28 -24.52 30.35
CA ASP B 151 -66.74 -23.14 30.20
C ASP B 151 -65.80 -22.27 29.38
N PHE B 152 -64.85 -22.88 28.67
CA PHE B 152 -64.01 -22.17 27.71
C PHE B 152 -64.73 -22.23 26.36
N THR B 153 -65.64 -21.29 26.13
CA THR B 153 -66.53 -21.40 24.99
C THR B 153 -65.80 -21.22 23.67
N LYS B 154 -64.55 -20.75 23.71
CA LYS B 154 -63.79 -20.55 22.48
C LYS B 154 -63.40 -21.88 21.85
N GLN B 155 -62.79 -22.75 22.65
CA GLN B 155 -62.42 -24.08 22.19
C GLN B 155 -62.88 -25.10 23.21
N ARG B 156 -63.76 -26.00 22.80
CA ARG B 156 -64.26 -27.03 23.69
C ARG B 156 -64.82 -28.18 22.88
N GLY B 157 -64.99 -29.33 23.51
CA GLY B 157 -65.54 -30.48 22.81
C GLY B 157 -64.48 -31.22 22.03
N THR B 158 -64.90 -32.21 21.26
CA THR B 158 -63.97 -33.01 20.49
C THR B 158 -64.27 -33.08 18.99
N CYS B 159 -63.25 -32.88 18.18
CA CYS B 159 -63.35 -33.01 16.74
C CYS B 159 -62.97 -34.42 16.38
N GLN B 160 -63.92 -35.20 15.88
CA GLN B 160 -63.66 -36.54 15.42
C GLN B 160 -63.52 -36.48 13.91
N ILE B 161 -62.40 -36.96 13.40
CA ILE B 161 -62.06 -36.89 11.99
C ILE B 161 -61.91 -38.30 11.47
N ARG B 162 -62.66 -38.63 10.42
CA ARG B 162 -62.54 -39.93 9.77
C ARG B 162 -61.90 -39.73 8.41
N PHE B 163 -60.84 -40.47 8.15
CA PHE B 163 -60.19 -40.40 6.86
C PHE B 163 -59.88 -41.80 6.38
N THR B 164 -59.97 -42.00 5.08
CA THR B 164 -59.67 -43.28 4.46
C THR B 164 -58.35 -43.14 3.70
N THR B 165 -57.42 -44.04 3.99
CA THR B 165 -56.18 -44.12 3.23
C THR B 165 -56.25 -45.32 2.31
N PRO B 166 -55.99 -45.14 1.01
CA PRO B 166 -56.04 -46.29 0.09
C PRO B 166 -54.77 -47.12 0.10
N SER B 167 -53.67 -46.59 0.62
CA SER B 167 -52.39 -47.27 0.63
C SER B 167 -51.92 -47.46 2.07
N ASP B 168 -50.93 -48.30 2.25
CA ASP B 168 -50.31 -48.47 3.55
C ASP B 168 -49.23 -47.43 3.77
N MET B 169 -49.13 -46.94 5.00
CA MET B 169 -47.97 -46.15 5.40
C MET B 169 -46.99 -47.01 6.17
N LYS B 170 -45.73 -46.91 5.72
CA LYS B 170 -44.62 -47.67 6.27
C LYS B 170 -44.78 -47.97 7.74
N ASN B 171 -43.70 -48.50 8.33
CA ASN B 171 -43.70 -48.85 9.73
C ASN B 171 -43.26 -47.70 10.62
N ASN B 172 -43.06 -46.51 10.04
CA ASN B 172 -42.64 -45.40 10.90
C ASN B 172 -43.53 -44.23 10.54
N VAL B 173 -44.67 -44.14 11.22
CA VAL B 173 -45.73 -43.23 10.88
C VAL B 173 -45.67 -42.06 11.85
N TYR B 174 -45.72 -40.86 11.30
CA TYR B 174 -45.63 -39.64 12.08
C TYR B 174 -46.93 -38.89 11.98
N LEU B 175 -47.53 -38.61 13.12
CA LEU B 175 -48.65 -37.72 13.21
C LEU B 175 -48.13 -36.41 13.80
N ASN B 176 -48.00 -35.41 12.94
CA ASN B 176 -47.62 -34.08 13.34
C ASN B 176 -48.87 -33.22 13.45
N TYR B 177 -48.75 -32.11 14.14
CA TYR B 177 -49.76 -31.08 14.04
C TYR B 177 -49.14 -29.86 13.36
N VAL B 178 -49.94 -29.19 12.57
CA VAL B 178 -49.52 -28.00 11.86
C VAL B 178 -50.25 -26.82 12.46
N LEU B 179 -49.56 -25.70 12.62
CA LEU B 179 -50.15 -24.44 12.97
C LEU B 179 -49.85 -23.45 11.85
N GLU B 180 -50.85 -22.68 11.46
CA GLU B 180 -50.67 -21.62 10.49
C GLU B 180 -51.03 -20.30 11.12
N LYS B 181 -50.13 -19.33 10.92
CA LYS B 181 -50.32 -17.92 11.27
C LYS B 181 -50.12 -17.66 12.75
N PHE B 182 -49.58 -18.63 13.48
CA PHE B 182 -49.12 -18.42 14.83
C PHE B 182 -47.65 -18.05 14.76
N ALA B 183 -47.31 -16.89 15.27
CA ALA B 183 -45.97 -16.35 15.15
C ALA B 183 -45.15 -16.73 16.38
N ALA B 184 -44.33 -17.75 16.24
CA ALA B 184 -43.41 -18.15 17.29
C ALA B 184 -42.02 -17.60 17.06
N ASN B 185 -41.85 -16.59 16.21
CA ASN B 185 -40.53 -16.12 15.84
C ASN B 185 -40.36 -14.63 16.04
N HIS B 186 -41.10 -14.04 16.95
CA HIS B 186 -40.95 -12.63 17.21
C HIS B 186 -39.88 -12.39 18.27
N ARG B 187 -39.45 -11.14 18.39
CA ARG B 187 -38.23 -10.85 19.12
C ARG B 187 -38.37 -11.12 20.61
N ARG B 188 -39.44 -10.61 21.23
CA ARG B 188 -39.60 -10.82 22.65
C ARG B 188 -40.05 -12.24 22.96
N TYR B 189 -40.93 -12.79 22.12
CA TYR B 189 -41.46 -14.13 22.36
C TYR B 189 -40.34 -15.15 22.41
N VAL B 190 -39.38 -15.02 21.52
CA VAL B 190 -38.47 -16.12 21.21
C VAL B 190 -37.35 -16.19 22.23
N LEU B 191 -37.30 -15.23 23.14
CA LEU B 191 -36.27 -15.17 24.18
C LEU B 191 -36.88 -15.29 25.57
N SER B 192 -38.12 -15.75 25.61
CA SER B 192 -38.92 -15.68 26.82
C SER B 192 -39.00 -17.07 27.44
N PHE B 193 -37.99 -17.39 28.23
CA PHE B 193 -37.91 -18.63 28.98
C PHE B 193 -36.68 -18.55 29.83
N SER B 194 -36.61 -19.42 30.83
CA SER B 194 -35.45 -19.48 31.70
C SER B 194 -34.66 -20.72 31.33
N GLU B 195 -33.38 -20.55 31.07
CA GLU B 195 -32.54 -21.73 30.85
C GLU B 195 -32.20 -22.40 32.16
N ASP B 196 -32.20 -21.62 33.24
CA ASP B 196 -31.98 -22.19 34.56
C ASP B 196 -33.12 -23.10 34.96
N GLN B 197 -34.34 -22.77 34.55
CA GLN B 197 -35.47 -23.61 34.87
C GLN B 197 -35.55 -24.81 33.95
N ILE B 198 -35.14 -24.66 32.70
CA ILE B 198 -35.05 -25.80 31.80
C ILE B 198 -34.03 -26.80 32.34
N ARG B 199 -32.92 -26.31 32.88
CA ARG B 199 -31.85 -27.18 33.33
C ARG B 199 -32.10 -27.74 34.71
N GLY B 200 -33.31 -27.66 35.22
CA GLY B 200 -33.68 -28.32 36.44
C GLY B 200 -33.46 -27.52 37.69
N GLU B 201 -32.92 -26.32 37.58
CA GLU B 201 -32.62 -25.53 38.77
C GLU B 201 -33.89 -25.01 39.39
N ASP B 202 -33.85 -24.79 40.70
CA ASP B 202 -34.88 -23.99 41.35
C ASP B 202 -34.47 -22.54 41.36
N ALA B 203 -34.49 -21.93 40.18
CA ALA B 203 -33.94 -20.62 39.92
C ALA B 203 -34.66 -19.58 40.76
N SER B 204 -33.90 -18.61 41.27
CA SER B 204 -34.46 -17.50 42.03
C SER B 204 -35.38 -16.68 41.16
N TYR B 205 -36.04 -15.71 41.78
CA TYR B 205 -36.82 -14.77 40.98
C TYR B 205 -35.91 -13.87 40.16
N GLU B 206 -34.78 -13.48 40.73
CA GLU B 206 -33.87 -12.59 40.01
C GLU B 206 -33.12 -13.34 38.93
N THR B 207 -32.76 -14.60 39.20
CA THR B 207 -32.16 -15.43 38.16
C THR B 207 -33.10 -15.58 36.97
N VAL B 208 -34.40 -15.63 37.24
CA VAL B 208 -35.38 -15.94 36.21
C VAL B 208 -35.79 -14.67 35.48
N HIS B 209 -35.75 -13.53 36.17
CA HIS B 209 -36.35 -12.31 35.64
C HIS B 209 -35.30 -11.39 35.07
N ASP B 210 -34.10 -11.38 35.63
CA ASP B 210 -33.11 -10.36 35.33
C ASP B 210 -31.86 -10.92 34.68
N ALA B 211 -31.99 -12.07 34.03
CA ALA B 211 -30.88 -12.70 33.34
C ALA B 211 -30.56 -11.93 32.07
N THR B 212 -29.29 -11.92 31.67
CA THR B 212 -28.88 -11.24 30.46
C THR B 212 -29.41 -12.01 29.25
N GLY B 213 -29.69 -11.31 28.16
CA GLY B 213 -30.20 -11.98 26.99
C GLY B 213 -31.53 -12.62 27.34
N ILE B 214 -31.62 -13.93 27.17
CA ILE B 214 -32.84 -14.64 27.49
C ILE B 214 -33.25 -14.61 28.96
N ASN B 215 -34.51 -14.29 29.18
CA ASN B 215 -35.15 -14.27 30.49
C ASN B 215 -36.65 -14.21 30.24
N CYS B 216 -37.42 -14.72 31.19
CA CYS B 216 -38.87 -14.80 31.03
C CYS B 216 -39.52 -13.51 31.53
N LYS B 217 -39.42 -12.47 30.70
CA LYS B 217 -39.61 -11.12 31.22
C LYS B 217 -41.06 -10.81 31.57
N PRO B 218 -42.03 -10.89 30.65
CA PRO B 218 -43.38 -10.47 31.05
C PRO B 218 -44.06 -11.47 31.95
N LEU B 219 -43.54 -12.69 32.03
CA LEU B 219 -44.19 -13.81 32.70
C LEU B 219 -43.27 -14.51 33.70
N SER B 220 -42.70 -13.79 34.64
CA SER B 220 -41.78 -14.43 35.58
C SER B 220 -42.43 -14.70 36.93
N LYS B 221 -43.49 -13.97 37.29
CA LYS B 221 -44.00 -14.06 38.65
C LYS B 221 -45.46 -13.62 38.68
N ASN B 222 -46.28 -14.32 39.45
CA ASN B 222 -47.69 -13.97 39.45
C ASN B 222 -47.99 -12.92 40.52
N ALA B 223 -49.26 -12.49 40.56
CA ALA B 223 -49.65 -11.40 41.44
C ALA B 223 -49.44 -11.76 42.90
N ASP B 224 -49.49 -13.04 43.22
CA ASP B 224 -49.23 -13.47 44.59
C ASP B 224 -47.76 -13.33 44.95
N GLY B 225 -46.87 -13.67 44.02
CA GLY B 225 -45.44 -13.64 44.27
C GLY B 225 -44.75 -14.97 44.13
N LYS B 226 -45.39 -15.97 43.53
CA LYS B 226 -44.76 -17.24 43.24
C LYS B 226 -44.23 -17.24 41.81
N ILE B 227 -43.07 -17.85 41.61
CA ILE B 227 -42.48 -17.89 40.29
C ILE B 227 -43.25 -18.86 39.41
N TYR B 228 -43.60 -18.43 38.21
CA TYR B 228 -44.15 -19.37 37.25
C TYR B 228 -43.10 -20.43 36.95
N TYR B 229 -43.47 -21.71 37.06
CA TYR B 229 -42.42 -22.71 36.87
C TYR B 229 -41.94 -22.73 35.44
N PRO B 230 -42.71 -23.13 34.44
CA PRO B 230 -42.22 -22.81 33.11
C PRO B 230 -42.56 -21.34 32.88
N CYS B 231 -41.58 -20.47 33.05
CA CYS B 231 -41.85 -19.07 32.88
C CYS B 231 -41.60 -18.67 31.44
N GLY B 232 -42.16 -17.53 31.07
CA GLY B 232 -41.97 -16.99 29.75
C GLY B 232 -43.17 -17.20 28.85
N LEU B 233 -43.13 -16.52 27.71
CA LEU B 233 -44.24 -16.61 26.78
C LEU B 233 -44.25 -17.94 26.04
N ILE B 234 -43.08 -18.53 25.81
CA ILE B 234 -43.04 -19.75 25.02
C ILE B 234 -43.77 -20.87 25.73
N ALA B 235 -43.48 -21.08 27.01
CA ALA B 235 -44.09 -22.17 27.75
C ALA B 235 -45.56 -21.90 28.00
N ASN B 236 -45.91 -20.64 28.26
CA ASN B 236 -47.28 -20.26 28.52
C ASN B 236 -48.18 -20.64 27.35
N SER B 237 -47.75 -20.35 26.14
CA SER B 237 -48.59 -20.56 25.00
C SER B 237 -48.40 -21.91 24.38
N MET B 238 -48.29 -22.96 25.17
CA MET B 238 -48.02 -24.26 24.64
C MET B 238 -49.28 -24.81 23.99
N PHE B 239 -49.12 -25.43 22.83
CA PHE B 239 -50.25 -25.95 22.07
C PHE B 239 -50.97 -26.99 22.94
N ASN B 240 -52.29 -26.99 22.87
CA ASN B 240 -53.08 -27.52 23.97
C ASN B 240 -53.97 -28.66 23.56
N ASP B 241 -54.21 -28.83 22.27
CA ASP B 241 -55.16 -29.85 21.85
C ASP B 241 -54.65 -31.22 22.24
N THR B 242 -55.57 -32.06 22.70
CA THR B 242 -55.22 -33.40 23.15
C THR B 242 -55.42 -34.38 22.00
N PHE B 243 -54.39 -35.09 21.68
CA PHE B 243 -54.39 -36.03 20.61
C PHE B 243 -54.47 -37.44 21.17
N PRO B 244 -55.11 -38.37 20.48
CA PRO B 244 -55.32 -39.69 21.06
C PRO B 244 -54.08 -40.56 20.96
N LEU B 245 -54.07 -41.61 21.77
CA LEU B 245 -53.01 -42.60 21.72
C LEU B 245 -53.35 -43.76 20.80
N GLN B 246 -54.17 -43.51 19.78
CA GLN B 246 -54.51 -44.53 18.80
C GLN B 246 -55.26 -43.90 17.64
N LEU B 247 -55.29 -44.61 16.53
CA LEU B 247 -56.18 -44.33 15.41
C LEU B 247 -57.24 -45.41 15.40
N THR B 248 -58.48 -45.03 15.65
CA THR B 248 -59.55 -46.03 15.69
C THR B 248 -59.81 -46.57 14.30
N ASN B 249 -59.72 -47.88 14.15
CA ASN B 249 -60.04 -48.55 12.90
C ASN B 249 -61.54 -48.65 12.79
N VAL B 250 -62.14 -47.84 11.93
CA VAL B 250 -63.60 -47.76 11.87
C VAL B 250 -64.18 -49.07 11.35
N GLY B 251 -63.49 -49.71 10.41
CA GLY B 251 -63.96 -51.00 9.93
C GLY B 251 -63.90 -52.08 11.00
N ASP B 252 -62.70 -52.38 11.49
CA ASP B 252 -62.47 -53.46 12.43
C ASP B 252 -61.87 -52.90 13.71
N THR B 253 -62.69 -52.74 14.75
CA THR B 253 -62.17 -52.19 16.00
C THR B 253 -61.40 -53.24 16.78
N SER B 254 -61.26 -54.45 16.23
CA SER B 254 -60.43 -55.46 16.87
C SER B 254 -58.96 -55.16 16.66
N ASN B 255 -58.62 -54.37 15.65
CA ASN B 255 -57.25 -53.92 15.46
C ASN B 255 -57.23 -52.41 15.21
N ASN B 256 -56.97 -51.66 16.29
CA ASN B 256 -56.78 -50.22 16.24
C ASN B 256 -55.31 -49.92 16.07
N TYR B 257 -55.00 -48.84 15.37
CA TYR B 257 -53.62 -48.43 15.19
C TYR B 257 -53.16 -47.56 16.34
N SER B 258 -52.06 -47.93 16.97
CA SER B 258 -51.60 -47.30 18.19
C SER B 258 -50.56 -46.23 17.91
N LEU B 259 -50.59 -45.17 18.70
CA LEU B 259 -49.64 -44.07 18.60
C LEU B 259 -49.04 -43.80 19.98
N THR B 260 -47.85 -43.20 19.99
CA THR B 260 -47.15 -42.92 21.23
C THR B 260 -46.76 -41.46 21.28
N ASN B 261 -46.61 -40.94 22.48
CA ASN B 261 -45.94 -39.67 22.68
C ASN B 261 -44.52 -39.86 23.18
N LYS B 262 -43.97 -41.06 23.08
CA LYS B 262 -42.61 -41.33 23.45
C LYS B 262 -41.78 -41.55 22.20
N GLY B 263 -40.64 -40.89 22.13
CA GLY B 263 -39.85 -40.88 20.92
C GLY B 263 -40.28 -39.85 19.92
N ILE B 264 -41.04 -38.85 20.33
CA ILE B 264 -41.45 -37.80 19.41
C ILE B 264 -40.49 -36.62 19.50
N ASN B 265 -39.41 -36.78 20.22
CA ASN B 265 -38.37 -35.78 20.33
C ASN B 265 -37.02 -36.48 20.40
N TRP B 266 -35.98 -35.73 20.09
CA TRP B 266 -34.62 -36.24 20.19
C TRP B 266 -34.34 -36.68 21.61
N GLU B 267 -33.60 -37.77 21.74
CA GLU B 267 -33.35 -38.31 23.07
C GLU B 267 -32.27 -37.52 23.79
N SER B 268 -31.32 -36.96 23.03
CA SER B 268 -30.29 -36.14 23.63
C SER B 268 -30.88 -34.91 24.32
N ASP B 269 -32.11 -34.55 23.98
CA ASP B 269 -32.76 -33.44 24.65
C ASP B 269 -32.96 -33.71 26.13
N LYS B 270 -33.00 -34.97 26.54
CA LYS B 270 -33.12 -35.29 27.95
C LYS B 270 -31.84 -34.98 28.70
N LYS B 271 -30.79 -34.57 28.00
CA LYS B 271 -29.60 -34.11 28.68
C LYS B 271 -29.70 -32.63 29.02
N ARG B 272 -30.62 -31.92 28.36
CA ARG B 272 -30.73 -30.49 28.57
C ARG B 272 -31.94 -30.16 29.42
N TYR B 273 -32.98 -30.98 29.34
CA TYR B 273 -34.19 -30.80 30.12
C TYR B 273 -34.11 -31.69 31.35
N LYS B 274 -34.29 -31.11 32.52
CA LYS B 274 -34.16 -31.85 33.77
C LYS B 274 -35.42 -31.64 34.58
N LYS B 275 -35.73 -32.63 35.39
CA LYS B 275 -36.87 -32.52 36.30
C LYS B 275 -36.55 -31.48 37.37
N THR B 276 -37.52 -30.62 37.66
CA THR B 276 -37.25 -29.44 38.45
C THR B 276 -36.96 -29.76 39.90
N LYS B 277 -36.30 -28.84 40.58
CA LYS B 277 -36.01 -28.97 42.00
C LYS B 277 -36.82 -28.00 42.85
N TYR B 278 -37.81 -27.34 42.25
CA TYR B 278 -38.70 -26.47 43.00
C TYR B 278 -39.53 -27.26 43.99
N ASN B 279 -40.25 -26.56 44.87
CA ASN B 279 -40.86 -27.14 46.04
C ASN B 279 -42.37 -27.01 46.07
N TYR B 280 -43.00 -26.65 44.96
CA TYR B 280 -44.46 -26.54 44.82
C TYR B 280 -45.02 -25.44 45.70
N THR B 281 -44.20 -24.86 46.57
CA THR B 281 -44.62 -23.69 47.32
C THR B 281 -43.92 -22.45 46.76
N GLN B 282 -42.92 -22.66 45.91
CA GLN B 282 -42.23 -21.53 45.32
C GLN B 282 -42.78 -21.21 43.95
N ILE B 283 -43.41 -22.18 43.29
CA ILE B 283 -43.81 -22.04 41.89
C ILE B 283 -45.32 -22.11 41.74
N ALA B 284 -45.81 -21.54 40.66
CA ALA B 284 -47.20 -21.54 40.21
C ALA B 284 -47.22 -21.87 38.73
N PRO B 285 -48.32 -22.40 38.21
CA PRO B 285 -48.42 -22.67 36.78
C PRO B 285 -48.43 -21.38 36.00
N PRO B 286 -48.06 -21.40 34.72
CA PRO B 286 -48.20 -20.23 33.88
C PRO B 286 -49.64 -19.76 33.82
N PRO B 287 -49.89 -18.53 33.41
CA PRO B 287 -51.28 -18.04 33.38
C PRO B 287 -52.21 -18.85 32.51
N TYR B 288 -51.75 -19.38 31.38
CA TYR B 288 -52.63 -20.11 30.49
C TYR B 288 -52.63 -21.60 30.77
N TRP B 289 -51.87 -22.06 31.75
CA TRP B 289 -51.92 -23.44 32.19
C TRP B 289 -52.81 -23.64 33.40
N GLU B 290 -53.74 -22.72 33.65
CA GLU B 290 -54.48 -22.77 34.90
C GLU B 290 -55.79 -23.52 34.77
N LYS B 291 -56.18 -23.85 33.53
CA LYS B 291 -57.25 -24.83 33.35
C LYS B 291 -56.71 -26.24 33.51
N MET B 292 -55.42 -26.41 33.26
CA MET B 292 -54.76 -27.70 33.49
C MET B 292 -54.51 -27.92 34.97
N TYR B 293 -54.21 -26.85 35.70
CA TYR B 293 -53.85 -26.90 37.11
C TYR B 293 -54.72 -25.89 37.84
N PRO B 294 -55.99 -26.24 38.10
CA PRO B 294 -56.89 -25.25 38.70
C PRO B 294 -56.52 -24.91 40.14
N ASP B 295 -55.91 -25.85 40.86
CA ASP B 295 -55.56 -25.57 42.25
C ASP B 295 -54.15 -25.00 42.35
N GLY B 296 -53.36 -25.14 41.30
CA GLY B 296 -51.97 -24.78 41.32
C GLY B 296 -51.14 -26.03 41.28
N TYR B 297 -49.87 -25.89 41.57
CA TYR B 297 -48.97 -27.02 41.73
C TYR B 297 -49.10 -27.48 43.16
N ASN B 298 -49.13 -28.78 43.37
CA ASN B 298 -48.89 -29.31 44.71
C ASN B 298 -48.10 -30.61 44.61
N GLU B 299 -47.92 -31.28 45.73
CA GLU B 299 -46.88 -32.29 45.92
C GLU B 299 -46.66 -33.21 44.73
N THR B 300 -47.74 -33.66 44.09
CA THR B 300 -47.60 -34.72 43.10
C THR B 300 -47.70 -34.20 41.67
N ASN B 301 -48.30 -33.03 41.45
CA ASN B 301 -48.71 -32.71 40.08
C ASN B 301 -47.72 -31.83 39.33
N ILE B 302 -46.54 -31.55 39.87
CA ILE B 302 -45.62 -30.69 39.12
C ILE B 302 -45.18 -31.40 37.84
N PRO B 303 -45.19 -30.76 36.68
CA PRO B 303 -44.82 -31.46 35.47
C PRO B 303 -43.34 -31.80 35.42
N ASP B 304 -43.04 -32.96 34.87
CA ASP B 304 -41.67 -33.40 34.65
C ASP B 304 -41.32 -33.06 33.20
N ILE B 305 -40.62 -31.95 33.01
CA ILE B 305 -40.39 -31.47 31.66
C ILE B 305 -39.33 -32.29 30.95
N GLN B 306 -38.67 -33.19 31.69
CA GLN B 306 -37.71 -34.09 31.06
C GLN B 306 -38.41 -35.23 30.33
N ASP B 307 -39.51 -35.71 30.90
CA ASP B 307 -40.27 -36.80 30.31
C ASP B 307 -41.35 -36.32 29.37
N TRP B 308 -41.55 -35.01 29.26
CA TRP B 308 -42.67 -34.40 28.56
C TRP B 308 -42.17 -33.91 27.21
N GLU B 309 -42.19 -34.79 26.22
CA GLU B 309 -41.55 -34.48 24.95
C GLU B 309 -42.39 -33.54 24.11
N GLU B 310 -43.68 -33.40 24.45
CA GLU B 310 -44.49 -32.37 23.82
C GLU B 310 -44.07 -30.99 24.29
N PHE B 311 -43.71 -30.85 25.56
CA PHE B 311 -43.19 -29.59 26.06
C PHE B 311 -41.86 -29.26 25.43
N GLN B 312 -40.98 -30.24 25.30
CA GLN B 312 -39.68 -30.02 24.68
C GLN B 312 -39.82 -29.72 23.20
N ASN B 313 -40.83 -30.29 22.55
CA ASN B 313 -41.11 -29.96 21.15
C ASN B 313 -41.62 -28.55 21.02
N TRP B 314 -42.48 -28.11 21.94
CA TRP B 314 -42.98 -26.75 21.87
C TRP B 314 -41.92 -25.73 22.20
N MET B 315 -40.98 -26.08 23.07
CA MET B 315 -39.99 -25.10 23.53
C MET B 315 -38.97 -24.81 22.47
N ARG B 316 -39.03 -25.52 21.35
CA ARG B 316 -38.24 -25.22 20.19
C ARG B 316 -39.10 -24.43 19.22
N PRO B 317 -39.13 -23.11 19.28
CA PRO B 317 -40.04 -22.35 18.44
C PRO B 317 -39.72 -22.49 16.97
N GLY B 318 -40.76 -22.45 16.14
CA GLY B 318 -40.56 -22.57 14.72
C GLY B 318 -39.98 -21.30 14.13
N ALA B 319 -39.09 -21.47 13.17
CA ALA B 319 -38.43 -20.31 12.57
C ALA B 319 -39.38 -19.52 11.71
N PHE B 320 -40.40 -20.18 11.18
CA PHE B 320 -41.25 -19.59 10.16
C PHE B 320 -42.69 -19.56 10.62
N ASP B 321 -43.58 -19.17 9.71
CA ASP B 321 -44.96 -18.90 10.08
C ASP B 321 -45.78 -20.18 10.15
N LYS B 322 -45.40 -21.20 9.39
CA LYS B 322 -46.02 -22.51 9.48
C LYS B 322 -45.20 -23.37 10.43
N ILE B 323 -45.86 -23.98 11.39
CA ILE B 323 -45.24 -24.72 12.47
C ILE B 323 -45.71 -26.14 12.42
N THR B 324 -44.80 -27.09 12.25
CA THR B 324 -45.10 -28.50 12.29
C THR B 324 -44.32 -29.15 13.42
N LYS B 325 -45.02 -29.83 14.31
CA LYS B 325 -44.40 -30.48 15.45
C LYS B 325 -44.92 -31.89 15.58
N LEU B 326 -44.02 -32.84 15.77
CA LEU B 326 -44.42 -34.23 15.92
C LEU B 326 -45.14 -34.42 17.24
N ILE B 327 -46.29 -35.08 17.20
CA ILE B 327 -47.02 -35.30 18.44
C ILE B 327 -47.29 -36.77 18.67
N ARG B 328 -47.38 -37.56 17.61
CA ARG B 328 -47.60 -38.99 17.78
C ARG B 328 -46.73 -39.75 16.79
N ILE B 329 -46.32 -40.94 17.17
CA ILE B 329 -45.45 -41.73 16.31
C ILE B 329 -45.77 -43.19 16.50
N ASN B 330 -45.64 -43.97 15.45
CA ASN B 330 -45.65 -45.43 15.55
C ASN B 330 -44.47 -45.96 14.78
N LYS B 331 -43.52 -46.55 15.49
CA LYS B 331 -42.34 -47.11 14.87
C LYS B 331 -42.43 -48.60 14.62
N ASN B 332 -43.55 -49.24 14.98
CA ASN B 332 -43.62 -50.69 14.91
C ASN B 332 -44.41 -51.19 13.72
N ASP B 333 -45.61 -50.66 13.51
CA ASP B 333 -46.55 -51.27 12.60
C ASP B 333 -46.80 -50.39 11.39
N THR B 334 -47.07 -51.04 10.27
CA THR B 334 -47.58 -50.37 9.08
C THR B 334 -49.02 -49.97 9.28
N LEU B 335 -49.39 -48.80 8.79
CA LEU B 335 -50.77 -48.35 8.86
C LEU B 335 -51.50 -48.85 7.63
N PRO B 336 -52.23 -49.95 7.71
CA PRO B 336 -52.77 -50.55 6.49
C PRO B 336 -53.89 -49.69 5.92
N ALA B 337 -54.14 -49.88 4.63
CA ALA B 337 -55.23 -49.17 3.99
C ALA B 337 -56.53 -49.41 4.75
N GLY B 338 -57.33 -48.35 4.88
CA GLY B 338 -58.55 -48.48 5.64
C GLY B 338 -59.01 -47.11 6.10
N GLU B 339 -60.11 -47.12 6.85
CA GLU B 339 -60.68 -45.91 7.39
C GLU B 339 -60.35 -45.80 8.86
N TYR B 340 -59.84 -44.64 9.26
CA TYR B 340 -59.42 -44.41 10.63
C TYR B 340 -60.10 -43.18 11.18
N GLN B 341 -60.15 -43.10 12.50
CA GLN B 341 -60.77 -42.00 13.21
C GLN B 341 -59.77 -41.41 14.18
N LEU B 342 -59.72 -40.09 14.24
CA LEU B 342 -58.85 -39.35 15.13
C LEU B 342 -59.72 -38.39 15.93
N ASP B 343 -59.72 -38.54 17.24
CA ASP B 343 -60.50 -37.68 18.12
C ASP B 343 -59.58 -36.70 18.80
N ILE B 344 -59.71 -35.43 18.46
CA ILE B 344 -58.89 -34.36 19.01
C ILE B 344 -59.74 -33.57 19.98
N GLY B 345 -59.26 -33.43 21.22
CA GLY B 345 -59.88 -32.55 22.17
C GLY B 345 -59.43 -31.14 21.91
N LEU B 346 -60.37 -30.22 21.65
CA LEU B 346 -59.97 -28.86 21.31
C LEU B 346 -59.83 -27.91 22.50
N HIS B 347 -58.61 -27.49 22.77
CA HIS B 347 -58.34 -26.55 23.86
C HIS B 347 -57.60 -25.29 23.44
N TRP B 348 -56.94 -25.33 22.28
CA TRP B 348 -56.13 -24.20 21.82
C TRP B 348 -56.85 -23.33 20.80
N PRO B 349 -57.00 -22.04 21.09
CA PRO B 349 -57.72 -21.18 20.14
C PRO B 349 -56.84 -20.61 19.03
N VAL B 350 -57.32 -20.66 17.79
CA VAL B 350 -56.61 -20.09 16.65
C VAL B 350 -57.46 -19.14 15.85
N LEU B 351 -58.79 -19.17 15.99
CA LEU B 351 -59.64 -18.40 15.10
C LEU B 351 -59.66 -16.93 15.49
N GLU B 352 -59.05 -16.58 16.62
CA GLU B 352 -58.93 -15.17 16.98
C GLU B 352 -58.04 -14.43 16.00
N PHE B 353 -56.94 -15.06 15.59
CA PHE B 353 -56.01 -14.46 14.65
C PHE B 353 -56.08 -15.08 13.28
N ASN B 354 -57.23 -15.64 12.92
CA ASN B 354 -57.44 -16.29 11.63
C ASN B 354 -56.42 -17.39 11.38
N GLY B 355 -56.04 -18.09 12.41
CA GLY B 355 -55.03 -19.11 12.27
C GLY B 355 -55.63 -20.42 11.87
N LYS B 356 -54.76 -21.38 11.64
CA LYS B 356 -55.21 -22.73 11.30
C LYS B 356 -54.47 -23.72 12.18
N LYS B 357 -55.11 -24.84 12.47
CA LYS B 357 -54.46 -25.96 13.12
C LYS B 357 -54.92 -27.23 12.44
N GLY B 358 -53.99 -28.12 12.20
CA GLY B 358 -54.30 -29.31 11.44
C GLY B 358 -53.42 -30.46 11.87
N ILE B 359 -53.68 -31.61 11.27
CA ILE B 359 -52.90 -32.81 11.46
C ILE B 359 -52.22 -33.13 10.14
N TYR B 360 -51.01 -33.66 10.22
CA TYR B 360 -50.22 -34.04 9.07
C TYR B 360 -49.68 -35.44 9.32
N LEU B 361 -50.18 -36.42 8.59
CA LEU B 361 -49.84 -37.81 8.77
C LEU B 361 -48.94 -38.24 7.61
N THR B 362 -47.76 -38.72 7.93
CA THR B 362 -46.78 -39.06 6.90
C THR B 362 -45.99 -40.28 7.32
N HIS B 363 -45.25 -40.83 6.37
CA HIS B 363 -44.15 -41.71 6.71
C HIS B 363 -42.82 -41.02 6.42
N GLY B 364 -42.80 -40.17 5.41
CA GLY B 364 -41.65 -39.33 5.17
C GLY B 364 -40.71 -39.86 4.11
N SER B 365 -39.51 -39.28 4.16
CA SER B 365 -38.47 -39.53 3.18
C SER B 365 -37.17 -39.55 3.98
N HIS B 366 -36.05 -39.75 3.29
CA HIS B 366 -34.79 -39.41 3.94
C HIS B 366 -34.58 -37.91 3.92
N LEU B 367 -35.19 -37.22 2.96
CA LEU B 367 -35.01 -35.79 2.85
C LEU B 367 -36.06 -35.04 3.66
N GLY B 368 -36.90 -35.75 4.38
CA GLY B 368 -37.93 -35.12 5.18
C GLY B 368 -39.32 -35.46 4.70
N GLY B 369 -40.19 -34.47 4.64
CA GLY B 369 -41.52 -34.70 4.12
C GLY B 369 -41.53 -34.74 2.60
N ARG B 370 -42.69 -34.48 2.03
CA ARG B 370 -42.81 -34.37 0.59
C ARG B 370 -42.65 -32.93 0.14
N ASN B 371 -41.54 -32.65 -0.54
CA ASN B 371 -41.22 -31.32 -0.97
C ASN B 371 -40.44 -31.53 -2.26
N PRO B 372 -40.97 -31.09 -3.40
CA PRO B 372 -40.27 -31.29 -4.67
C PRO B 372 -39.12 -30.34 -4.93
N PHE B 373 -38.79 -29.43 -4.01
CA PHE B 373 -37.84 -28.37 -4.32
C PHE B 373 -36.46 -28.94 -4.64
N LEU B 374 -35.97 -29.88 -3.84
CA LEU B 374 -34.57 -30.30 -4.02
C LEU B 374 -34.37 -30.98 -5.35
N GLY B 375 -35.33 -31.79 -5.79
CA GLY B 375 -35.22 -32.40 -7.10
C GLY B 375 -35.35 -31.41 -8.23
N ILE B 376 -36.34 -30.52 -8.15
CA ILE B 376 -36.50 -29.51 -9.19
C ILE B 376 -35.24 -28.67 -9.32
N VAL B 377 -34.60 -28.37 -8.21
CA VAL B 377 -33.47 -27.45 -8.24
C VAL B 377 -32.20 -28.17 -8.65
N TYR B 378 -32.07 -29.45 -8.33
CA TYR B 378 -30.96 -30.23 -8.88
C TYR B 378 -31.08 -30.40 -10.39
N LEU B 379 -32.29 -30.64 -10.88
CA LEU B 379 -32.48 -30.73 -12.32
C LEU B 379 -32.23 -29.40 -13.01
N ILE B 380 -32.72 -28.30 -12.43
CA ILE B 380 -32.45 -26.99 -12.99
C ILE B 380 -30.97 -26.70 -13.02
N GLY B 381 -30.25 -27.05 -11.96
CA GLY B 381 -28.82 -26.81 -11.95
C GLY B 381 -28.07 -27.61 -12.99
N GLY B 382 -28.41 -28.89 -13.13
CA GLY B 382 -27.82 -29.70 -14.18
C GLY B 382 -28.10 -29.16 -15.57
N CYS B 383 -29.35 -28.76 -15.82
CA CYS B 383 -29.68 -28.22 -17.13
C CYS B 383 -29.00 -26.90 -17.40
N ILE B 384 -28.84 -26.06 -16.38
CA ILE B 384 -28.15 -24.78 -16.60
C ILE B 384 -26.68 -25.02 -16.87
N CYS B 385 -26.07 -25.98 -16.17
CA CYS B 385 -24.68 -26.31 -16.47
C CYS B 385 -24.50 -26.84 -17.88
N ALA B 386 -25.41 -27.73 -18.31
CA ALA B 386 -25.31 -28.24 -19.68
C ALA B 386 -25.56 -27.15 -20.71
N ALA B 387 -26.47 -26.24 -20.41
CA ALA B 387 -26.75 -25.16 -21.36
C ALA B 387 -25.58 -24.21 -21.48
N MET B 388 -24.91 -23.92 -20.36
CA MET B 388 -23.73 -23.06 -20.45
C MET B 388 -22.58 -23.78 -21.14
N ALA B 389 -22.42 -25.08 -20.92
CA ALA B 389 -21.41 -25.81 -21.66
C ALA B 389 -21.67 -25.76 -23.15
N LEU B 390 -22.92 -25.98 -23.56
CA LEU B 390 -23.24 -25.94 -24.99
C LEU B 390 -23.09 -24.54 -25.56
N ILE B 391 -23.50 -23.52 -24.82
CA ILE B 391 -23.41 -22.16 -25.33
C ILE B 391 -21.96 -21.74 -25.49
N LEU B 392 -21.11 -22.08 -24.52
CA LEU B 392 -19.71 -21.73 -24.63
C LEU B 392 -19.02 -22.54 -25.71
N LEU B 393 -19.41 -23.79 -25.90
CA LEU B 393 -18.83 -24.58 -26.98
C LEU B 393 -19.27 -24.04 -28.34
N THR B 394 -20.48 -23.53 -28.44
CA THR B 394 -20.94 -22.94 -29.68
C THR B 394 -20.22 -21.63 -29.96
N PHE B 395 -20.04 -20.80 -28.93
CA PHE B 395 -19.30 -19.55 -29.13
C PHE B 395 -17.84 -19.80 -29.38
N TRP B 396 -17.34 -20.97 -28.97
CA TRP B 396 -15.94 -21.30 -29.18
C TRP B 396 -15.70 -21.83 -30.57
N LEU B 397 -16.60 -22.68 -31.07
CA LEU B 397 -16.39 -23.25 -32.39
C LEU B 397 -16.46 -22.20 -33.49
N PHE B 398 -17.04 -21.04 -33.19
CA PHE B 398 -17.23 -19.99 -34.19
C PHE B 398 -16.35 -18.77 -33.94
N GLY B 399 -16.43 -18.14 -32.76
CA GLY B 399 -15.45 -17.10 -32.37
C GLY B 399 -14.39 -17.52 -31.37
N GLY B 400 -13.80 -18.69 -31.54
CA GLY B 400 -12.74 -19.14 -30.66
C GLY B 400 -11.35 -18.71 -31.09
N ARG B 401 -10.64 -18.01 -30.19
CA ARG B 401 -9.33 -17.45 -30.49
C ARG B 401 -8.23 -18.48 -30.29
N LYS B 402 -7.00 -18.04 -30.53
CA LYS B 402 -5.81 -18.86 -30.29
C LYS B 402 -5.26 -18.56 -28.91
N ILE B 403 -4.82 -19.60 -28.21
CA ILE B 403 -4.59 -19.49 -26.77
C ILE B 403 -3.35 -18.67 -26.40
N ALA B 404 -2.16 -19.16 -26.71
CA ALA B 404 -0.94 -18.52 -26.26
C ALA B 404 -0.46 -17.58 -27.35
N ASP B 405 -1.17 -16.46 -27.51
CA ASP B 405 -0.93 -15.55 -28.61
C ASP B 405 -0.38 -14.24 -28.07
N ALA B 406 0.93 -14.05 -28.21
CA ALA B 406 1.53 -12.78 -27.84
C ALA B 406 1.14 -11.68 -28.82
N SER B 407 0.36 -12.02 -29.84
CA SER B 407 -0.13 -11.00 -30.76
C SER B 407 -1.43 -10.39 -30.27
N SER B 408 -2.16 -11.12 -29.42
CA SER B 408 -3.43 -10.59 -28.91
C SER B 408 -3.23 -9.74 -27.66
N LEU B 409 -1.98 -9.55 -27.25
CA LEU B 409 -1.69 -8.67 -26.12
C LEU B 409 -2.01 -7.24 -26.49
N SER B 410 -2.49 -6.48 -25.49
CA SER B 410 -2.99 -5.13 -25.72
C SER B 410 -1.97 -4.25 -26.41
N TRP B 411 -0.69 -4.45 -26.11
CA TRP B 411 0.33 -3.56 -26.65
C TRP B 411 0.77 -3.98 -28.03
N ASN B 412 0.66 -5.28 -28.34
CA ASN B 412 1.05 -5.74 -29.66
C ASN B 412 -0.05 -5.47 -30.68
N MET B 413 -1.28 -5.29 -30.21
CA MET B 413 -2.32 -4.78 -31.08
C MET B 413 -2.23 -3.27 -31.20
N LYS B 414 -1.98 -2.59 -30.08
CA LYS B 414 -1.81 -1.15 -30.06
C LYS B 414 -0.58 -0.75 -29.23
C1 NAG C . -55.20 -24.33 26.24
C2 NAG C . -55.86 -24.02 27.58
C3 NAG C . -56.62 -22.70 27.53
C4 NAG C . -55.73 -21.60 26.99
C5 NAG C . -55.17 -22.04 25.65
C6 NAG C . -54.22 -21.05 25.05
C7 NAG C . -56.38 -26.08 28.81
C8 NAG C . -57.41 -27.13 29.08
N2 NAG C . -56.75 -25.11 27.97
O3 NAG C . -57.01 -22.35 28.85
O4 NAG C . -56.48 -20.42 26.78
O5 NAG C . -54.44 -23.25 25.82
O6 NAG C . -52.93 -21.16 25.63
O7 NAG C . -55.28 -26.12 29.33
C1 NAG C . -56.30 -19.45 27.80
C2 NAG C . -56.68 -18.13 27.15
C3 NAG C . -56.69 -17.01 28.18
C4 NAG C . -57.53 -17.39 29.39
C5 NAG C . -57.08 -18.75 29.90
C6 NAG C . -57.93 -19.28 31.03
C7 NAG C . -56.18 -17.56 24.82
C8 NAG C . -55.10 -17.27 23.84
N2 NAG C . -55.77 -17.82 26.06
O3 NAG C . -57.19 -15.83 27.56
O4 NAG C . -57.33 -16.47 30.45
O5 NAG C . -57.15 -19.71 28.85
O6 NAG C . -57.17 -20.15 31.84
O7 NAG C . -57.35 -17.56 24.50
C1 MAN C . -58.12 -15.26 30.40
C2 MAN C . -57.96 -14.67 31.80
C3 MAN C . -59.31 -14.44 32.39
C4 MAN C . -60.05 -13.53 31.46
C5 MAN C . -60.43 -14.35 30.24
C6 MAN C . -60.53 -13.56 28.93
O2 MAN C . -57.39 -13.38 31.70
O3 MAN C . -59.23 -13.90 33.70
O4 MAN C . -61.23 -13.07 32.09
O5 MAN C . -59.48 -15.48 30.09
O6 MAN C . -59.56 -12.55 28.91
C1 NAG D . -60.56 -49.71 19.31
C2 NAG D . -60.81 -50.66 20.47
C3 NAG D . -62.29 -50.70 20.81
C4 NAG D . -62.85 -49.29 21.00
C5 NAG D . -62.45 -48.39 19.84
C6 NAG D . -62.79 -46.94 20.07
C7 NAG D . -59.80 -52.81 21.07
C8 NAG D . -59.35 -54.14 20.58
N2 NAG D . -60.33 -51.99 20.15
O3 NAG D . -62.47 -51.44 22.02
O4 NAG D . -64.28 -49.36 20.99
O5 NAG D . -61.04 -48.43 19.64
O6 NAG D . -61.85 -46.31 20.93
O7 NAG D . -59.68 -52.48 22.24
C1 NAG D . -64.84 -48.88 22.22
C2 NAG D . -66.24 -48.37 21.90
C3 NAG D . -66.95 -47.93 23.18
C4 NAG D . -66.92 -49.05 24.21
C5 NAG D . -65.49 -49.53 24.42
C6 NAG D . -65.41 -50.74 25.32
C7 NAG D . -66.53 -47.45 19.64
C8 NAG D . -66.44 -46.22 18.79
N2 NAG D . -66.21 -47.28 20.94
O3 NAG D . -68.29 -47.58 22.86
O4 NAG D . -67.44 -48.58 25.44
O5 NAG D . -64.92 -49.92 23.16
O6 NAG D . -65.21 -51.92 24.55
O7 NAG D . -66.86 -48.54 19.19
C1 NAG E . -43.61 -50.25 19.70
C2 NAG E . -44.57 -49.46 20.57
C3 NAG E . -43.82 -48.93 21.78
C4 NAG E . -43.13 -50.07 22.52
C5 NAG E . -42.29 -50.90 21.55
C6 NAG E . -41.72 -52.15 22.18
C7 NAG E . -46.49 -48.30 19.62
C8 NAG E . -46.97 -47.13 18.82
N2 NAG E . -45.18 -48.38 19.82
O3 NAG E . -44.73 -48.26 22.65
O4 NAG E . -42.25 -49.55 23.51
O5 NAG E . -43.09 -51.33 20.44
O6 NAG E . -42.69 -52.83 22.96
O7 NAG E . -47.27 -49.12 20.07
C1 NAG E . -42.75 -49.80 24.83
C2 NAG E . -41.59 -49.54 25.79
C3 NAG E . -42.05 -49.66 27.24
C4 NAG E . -43.28 -48.80 27.48
C5 NAG E . -44.35 -49.11 26.45
C6 NAG E . -45.55 -48.20 26.55
C7 NAG E . -39.35 -50.08 24.95
C8 NAG E . -38.34 -51.15 24.73
N2 NAG E . -40.49 -50.46 25.52
O3 NAG E . -41.00 -49.25 28.10
O4 NAG E . -43.79 -49.04 28.78
O5 NAG E . -43.81 -48.93 25.14
O6 NAG E . -46.77 -48.92 26.43
O7 NAG E . -39.14 -48.92 24.61
BE BEF F . 20.50 16.34 -7.49
F1 BEF F . 19.55 17.45 -7.03
F2 BEF F . 21.27 15.69 -6.30
F3 BEF F . 21.56 16.92 -8.46
MG MG G . 21.54 14.19 -4.89
N POV H . -22.26 -8.36 18.47
P POV H . -20.82 -9.34 14.69
C1 POV H . -18.59 -8.34 15.72
C2 POV H . -17.68 -9.46 16.22
C3 POV H . -17.74 -9.53 17.75
C210 POV H . -7.43 -12.67 11.79
C310 POV H . -10.30 -8.17 17.53
C11 POV H . -22.78 -8.22 16.07
O11 POV H . -19.27 -8.75 14.55
C211 POV H . -6.63 -13.51 12.81
C311 POV H . -9.15 -7.94 16.51
C12 POV H . -22.14 -7.52 17.29
O12 POV H . -21.91 -8.10 14.95
C212 POV H . -7.58 -14.50 13.52
C312 POV H . -8.00 -8.95 16.79
C13 POV H . -21.94 -7.59 19.64
O13 POV H . -21.20 -10.06 13.41
C213 POV H . -7.20 -15.95 13.11
C313 POV H . -7.07 -9.04 15.56
C14 POV H . -21.35 -9.46 18.37
O14 POV H . -20.87 -10.30 15.84
C214 POV H . -8.41 -16.88 13.38
C314 POV H . -5.59 -8.99 16.02
C15 POV H . -23.61 -8.86 18.58
C215 POV H . -8.39 -17.32 14.86
C315 POV H . -4.70 -9.61 14.93
C216 POV H . -9.82 -17.62 15.31
C316 POV H . -3.35 -8.88 14.90
C217 POV H . -10.08 -16.93 16.65
C218 POV H . -9.59 -17.81 17.80
C21 POV H . -15.93 -10.00 14.71
O21 POV H . -16.36 -9.22 15.82
C22 POV H . -14.41 -10.30 14.52
O22 POV H . -16.72 -10.43 13.94
C23 POV H . -13.59 -9.00 14.76
C24 POV H . -12.13 -9.24 14.31
C25 POV H . -12.07 -9.44 12.77
C26 POV H . -10.97 -10.45 12.42
C27 POV H . -9.72 -9.71 11.89
C28 POV H . -8.81 -10.69 11.15
C29 POV H . -8.02 -11.53 12.18
C31 POV H . -16.61 -10.40 19.67
O31 POV H . -16.60 -10.20 18.26
C32 POV H . -15.43 -11.16 20.36
O32 POV H . -17.50 -10.01 20.33
C33 POV H . -15.50 -10.94 21.89
C34 POV H . -14.06 -10.88 22.47
C35 POV H . -13.24 -9.78 21.75
C36 POV H . -12.29 -10.44 20.73
C37 POV H . -11.78 -9.37 19.73
C38 POV H . -12.11 -9.81 18.27
C39 POV H . -10.85 -9.63 17.37
N POV I . 17.86 -8.97 9.39
P POV I . 13.97 -10.95 7.31
C1 POV I . 11.58 -9.97 6.77
C2 POV I . 10.09 -10.22 7.01
C3 POV I . 9.71 -9.74 8.43
C210 POV I . -1.32 -13.14 9.84
C310 POV I . 0.73 -8.90 11.02
C11 POV I . 16.20 -10.68 8.75
O11 POV I . 12.34 -10.81 7.61
C211 POV I . -2.83 -13.39 9.58
C311 POV I . 0.28 -7.42 11.11
C12 POV I . 16.51 -9.47 9.66
O12 POV I . 14.80 -10.95 8.77
C212 POV I . -3.63 -13.09 10.87
C312 POV I . 0.61 -6.86 12.50
C13 POV I . 18.33 -8.22 10.52
O13 POV I . 14.44 -9.79 6.47
C213 POV I . -3.28 -14.14 11.95
C313 POV I . -0.64 -6.15 13.09
C14 POV I . 17.83 -8.13 8.24
O14 POV I . 14.24 -12.24 6.58
C214 POV I . -3.60 -15.55 11.42
C314 POV I . -1.05 -4.99 12.16
C15 POV I . 18.74 -10.09 9.15
C215 POV I . -2.51 -16.53 11.90
C315 POV I . -1.96 -4.01 12.93
C216 POV I . -2.19 -17.52 10.77
C316 POV I . -2.44 -2.91 12.00
C217 POV I . -0.87 -18.22 11.06
C218 POV I . 0.29 -17.24 10.84
C21 POV I . 8.68 -11.89 6.12
O21 POV I . 9.81 -11.59 6.91
C22 POV I . 7.40 -12.45 6.79
O22 POV I . 8.70 -11.71 4.94
C23 POV I . 6.22 -11.46 6.58
C24 POV I . 5.22 -11.59 7.75
C25 POV I . 4.28 -12.80 7.51
C26 POV I . 2.81 -12.32 7.49
C27 POV I . 1.87 -13.48 7.87
C28 POV I . 1.07 -13.10 9.12
C29 POV I . -0.43 -13.36 8.87
C31 POV I . 10.73 -8.47 10.18
O31 POV I . 10.51 -8.62 8.78
C32 POV I . 9.74 -9.14 11.18
O32 POV I . 11.65 -7.86 10.57
C33 POV I . 8.30 -8.67 10.89
C34 POV I . 7.44 -9.88 10.44
C35 POV I . 5.97 -9.66 10.86
C36 POV I . 5.56 -8.19 10.54
C37 POV I . 4.18 -8.17 9.81
C38 POV I . 3.22 -9.18 10.52
C39 POV I . 1.80 -9.07 9.88
N POV J . 17.56 -3.97 12.92
P POV J . 14.96 -1.23 10.61
C1 POV J . 12.77 -1.77 9.20
C2 POV J . 11.72 -2.88 9.17
C3 POV J . 10.71 -2.61 8.05
C210 POV J . 13.62 -3.97 19.34
C310 POV J . 1.88 -4.62 16.08
C11 POV J . 15.26 -3.39 12.13
O11 POV J . 13.37 -1.70 10.48
C211 POV J . 14.77 -3.13 19.94
C311 POV J . 0.76 -5.55 16.62
C12 POV J . 16.49 -4.36 11.99
O12 POV J . 15.67 -2.06 11.87
C212 POV J . 14.21 -1.85 20.58
C312 POV J . 0.43 -5.18 18.09
C13 POV J . 17.01 -3.74 14.22
O13 POV J . 15.05 0.25 10.85
C213 POV J . 12.69 -1.99 20.82
C313 POV J . 0.43 -6.46 18.96
C14 POV J . 18.21 -2.79 12.45
O14 POV J . 15.70 -1.56 9.33
C214 POV J . 11.53 -0.97 20.75
C314 POV J . -0.33 -6.18 20.27
C15 POV J . 18.52 -5.04 12.99
C215 POV J . 10.77 -1.13 19.43
C315 POV J . 0.55 -6.60 21.48
C216 POV J . 9.29 -1.40 19.71
C316 POV J . 1.84 -5.78 21.49
C217 POV J . 9.07 -2.91 19.88
C218 POV J . 8.02 -3.14 20.97
C21 POV J . 11.69 -3.61 11.44
O21 POV J . 11.03 -2.93 10.38
C22 POV J . 10.98 -3.78 12.81
O22 POV J . 12.78 -4.04 11.29
C23 POV J . 9.54 -4.29 12.59
C24 POV J . 9.13 -5.23 13.76
C25 POV J . 9.67 -4.66 15.09
C26 POV J . 10.95 -5.44 15.49
C27 POV J . 11.93 -4.48 16.20
C28 POV J . 12.48 -5.17 17.47
C29 POV J . 13.64 -4.33 18.05
C31 POV J . 8.67 -3.86 8.02
O31 POV J . 10.06 -3.81 7.70
C32 POV J . 8.11 -4.95 8.97
O32 POV J . 7.95 -3.05 7.56
C33 POV J . 6.59 -4.72 9.15
C34 POV J . 6.31 -4.25 10.60
C35 POV J . 6.16 -5.48 11.54
C36 POV J . 5.88 -4.99 12.98
C37 POV J . 4.36 -4.69 13.15
C38 POV J . 4.00 -4.67 14.67
C39 POV J . 2.59 -5.29 14.87
C1 NAG K . -52.30 -31.93 43.64
C2 NAG K . -53.16 -32.79 44.56
C3 NAG K . -54.10 -33.68 43.76
C4 NAG K . -54.85 -32.87 42.71
C5 NAG K . -53.89 -32.01 41.90
C6 NAG K . -54.65 -31.14 40.90
C7 NAG K . -52.81 -34.27 46.45
C8 NAG K . -51.80 -34.98 47.31
N2 NAG K . -52.32 -33.60 45.42
O3 NAG K . -55.04 -34.30 44.64
O4 NAG K . -55.54 -33.77 41.83
O5 NAG K . -53.15 -31.17 42.78
O6 NAG K . -55.45 -31.98 40.06
O7 NAG K . -54.01 -34.30 46.71
C1 NAG L . -69.04 -24.66 6.31
C2 NAG L . -70.10 -23.65 6.74
C3 NAG L . -70.73 -23.00 5.51
C4 NAG L . -69.67 -22.49 4.55
C5 NAG L . -68.59 -23.54 4.30
C6 NAG L . -67.41 -23.02 3.51
C7 NAG L . -71.48 -23.77 8.76
C8 NAG L . -72.53 -24.53 9.50
N2 NAG L . -71.11 -24.26 7.57
O3 NAG L . -71.57 -21.93 5.92
O4 NAG L . -70.27 -22.15 3.31
O5 NAG L . -68.07 -24.02 5.55
O6 NAG L . -66.19 -23.45 4.10
O7 NAG L . -70.98 -22.74 9.20
#